data_8FMF
#
_entry.id   8FMF
#
_cell.length_a   83.536
_cell.length_b   83.536
_cell.length_c   401.960
_cell.angle_alpha   90.000
_cell.angle_beta   90.000
_cell.angle_gamma   120.000
#
_symmetry.space_group_name_H-M   'P 32 2 1'
#
loop_
_entity.id
_entity.type
_entity.pdbx_description
1 polymer 'SAVED domain-containing protein'
2 non-polymer "Cyclic (adenosine-(2'-5')-monophosphate-adenosine-(3'-5')-monophosphate"
3 non-polymer GLYCEROL
4 non-polymer 'dodecaethylene glycol monomethyl ether'
5 non-polymer 'ZINC ION'
6 non-polymer 'MAGNESIUM ION'
7 non-polymer 'HEXAETHYLENE GLYCOL'
8 water water
#
_entity_poly.entity_id   1
_entity_poly.type   'polypeptide(L)'
_entity_poly.pdbx_seq_one_letter_code
;MAEKEDAKPASGRFNTNDETKRIVWTQTAGHCELCGTDLTFDYRAGKPMKWGEVAHILPASPKGPRGRADHDAEAHTNDT
ANLMLLCPGCHDKIDRDADGYPENDLSGLHQAYLERIRLAATTPDGGRAIPLIVQSQHFQTINDIPVRDLLTAMSAEGLT
AFDQGIKIAFAAPGPRGRDTTYWQNVKDSVQYELEQQLKRRGGTYGDSPALAVVGLADIPALMMLGQSIGDRSKRLIFSF
HREHLLRWPDQSAEPPSFLFTPPPNGDGPLALVLSISAQVPVRDVTDALPGARIAELSIPEPSYAMVQNRRVIHAFRDAL
QIRLSQLEALTPDPIHVFAAIPAALAIEFGALLTTQHQHTYLIFDRDKENQDRFTQTLQLGPVAQEAM
;
_entity_poly.pdbx_strand_id   A,B,C,D
#
# COMPACT_ATOMS: atom_id res chain seq x y z
N PHE A 14 13.21 -30.32 -32.46
CA PHE A 14 13.68 -29.64 -31.22
C PHE A 14 13.04 -28.26 -31.05
N ASN A 15 12.29 -27.83 -32.06
CA ASN A 15 11.56 -26.58 -32.03
C ASN A 15 10.08 -26.84 -31.77
N THR A 16 9.49 -26.04 -30.90
CA THR A 16 8.07 -26.15 -30.61
C THR A 16 7.27 -25.58 -31.79
N ASN A 17 6.35 -26.39 -32.33
CA ASN A 17 5.55 -25.93 -33.45
C ASN A 17 4.58 -24.84 -33.02
N ASP A 18 3.90 -24.26 -34.01
CA ASP A 18 3.02 -23.13 -33.73
C ASP A 18 1.72 -23.56 -33.04
N GLU A 19 1.22 -24.75 -33.34
CA GLU A 19 0.01 -25.23 -32.66
C GLU A 19 0.24 -25.32 -31.16
N THR A 20 1.37 -25.90 -30.75
CA THR A 20 1.66 -26.03 -29.33
C THR A 20 1.85 -24.68 -28.67
N LYS A 21 2.65 -23.80 -29.28
CA LYS A 21 2.86 -22.49 -28.67
C LYS A 21 1.53 -21.76 -28.49
N ARG A 22 0.61 -21.96 -29.44
CA ARG A 22 -0.74 -21.39 -29.36
C ARG A 22 -1.56 -22.03 -28.23
N ILE A 23 -1.34 -23.32 -27.98
CA ILE A 23 -1.94 -23.97 -26.81
C ILE A 23 -1.36 -23.39 -25.53
N VAL A 24 -0.03 -23.29 -25.46
CA VAL A 24 0.62 -22.73 -24.28
C VAL A 24 0.06 -21.36 -23.96
N TRP A 25 -0.09 -20.50 -24.98
CA TRP A 25 -0.63 -19.16 -24.76
C TRP A 25 -2.09 -19.23 -24.31
N THR A 26 -2.83 -20.20 -24.84
CA THR A 26 -4.25 -20.34 -24.49
C THR A 26 -4.43 -20.86 -23.05
N GLN A 27 -3.69 -21.92 -22.69
CA GLN A 27 -3.93 -22.55 -21.39
C GLN A 27 -3.44 -21.70 -20.20
N THR A 28 -2.52 -20.77 -20.45
CA THR A 28 -2.00 -19.91 -19.39
C THR A 28 -2.77 -18.61 -19.26
N ALA A 29 -3.79 -18.38 -20.09
CA ALA A 29 -4.53 -17.13 -20.14
C ALA A 29 -3.65 -15.97 -20.60
N GLY A 30 -2.50 -16.26 -21.18
CA GLY A 30 -1.63 -15.22 -21.68
C GLY A 30 -0.86 -14.47 -20.63
N HIS A 31 -0.59 -15.10 -19.48
CA HIS A 31 0.13 -14.48 -18.39
C HIS A 31 1.35 -15.31 -18.04
N CYS A 32 2.37 -14.64 -17.51
CA CYS A 32 3.56 -15.34 -17.05
C CYS A 32 3.22 -16.24 -15.88
N GLU A 33 3.67 -17.49 -15.94
CA GLU A 33 3.30 -18.45 -14.91
C GLU A 33 4.06 -18.23 -13.60
N LEU A 34 5.14 -17.46 -13.62
CA LEU A 34 5.97 -17.26 -12.45
C LEU A 34 5.80 -15.90 -11.78
N CYS A 35 5.52 -14.85 -12.56
CA CYS A 35 5.29 -13.53 -11.99
C CYS A 35 3.88 -13.01 -12.20
N GLY A 36 3.11 -13.60 -13.11
CA GLY A 36 1.71 -13.27 -13.26
C GLY A 36 1.41 -12.08 -14.14
N THR A 37 2.41 -11.51 -14.81
CA THR A 37 2.15 -10.36 -15.65
C THR A 37 1.36 -10.76 -16.90
N ASP A 38 0.64 -9.81 -17.46
CA ASP A 38 -0.10 -10.03 -18.70
C ASP A 38 0.85 -9.87 -19.88
N LEU A 39 1.01 -10.93 -20.66
CA LEU A 39 1.92 -10.95 -21.79
C LEU A 39 1.22 -10.67 -23.12
N THR A 40 -0.05 -10.31 -23.07
CA THR A 40 -0.84 -10.05 -24.28
C THR A 40 -1.02 -8.56 -24.53
N PHE A 41 -0.46 -7.70 -23.69
CA PHE A 41 -0.73 -6.28 -23.76
C PHE A 41 0.40 -5.50 -23.09
N ASP A 42 0.72 -4.34 -23.65
CA ASP A 42 1.66 -3.39 -23.07
C ASP A 42 0.85 -2.25 -22.47
N TYR A 43 0.81 -2.19 -21.13
CA TYR A 43 -0.01 -1.19 -20.47
C TYR A 43 0.62 0.19 -20.46
N ARG A 44 1.93 0.29 -20.65
CA ARG A 44 2.58 1.60 -20.64
C ARG A 44 2.16 2.43 -21.85
N ALA A 45 2.27 1.86 -23.05
CA ALA A 45 1.89 2.54 -24.28
C ALA A 45 0.54 2.11 -24.82
N GLY A 46 0.02 0.96 -24.36
CA GLY A 46 -1.34 0.59 -24.68
C GLY A 46 -1.55 -0.10 -26.01
N LYS A 47 -0.61 -0.95 -26.42
CA LYS A 47 -0.73 -1.70 -27.65
C LYS A 47 -0.85 -3.19 -27.36
N PRO A 48 -1.86 -3.87 -27.89
CA PRO A 48 -1.93 -5.34 -27.74
C PRO A 48 -0.73 -5.98 -28.46
N MET A 49 0.07 -6.74 -27.72
CA MET A 49 1.29 -7.33 -28.27
C MET A 49 1.62 -8.61 -27.50
N LYS A 50 2.31 -9.54 -28.16
CA LYS A 50 2.70 -10.80 -27.54
C LYS A 50 4.19 -10.73 -27.14
N TRP A 51 4.46 -10.33 -25.90
CA TRP A 51 5.83 -10.20 -25.40
C TRP A 51 6.19 -11.31 -24.40
N GLY A 52 5.57 -12.47 -24.55
CA GLY A 52 5.89 -13.62 -23.74
C GLY A 52 6.66 -14.65 -24.55
N GLU A 53 7.30 -15.61 -23.88
CA GLU A 53 8.12 -16.63 -24.51
C GLU A 53 7.72 -18.01 -23.97
N VAL A 54 7.56 -18.98 -24.86
CA VAL A 54 7.26 -20.37 -24.47
C VAL A 54 8.59 -21.00 -24.08
N ALA A 55 8.84 -21.12 -22.78
CA ALA A 55 10.11 -21.65 -22.27
C ALA A 55 10.02 -23.15 -22.05
N HIS A 56 11.18 -23.81 -22.09
CA HIS A 56 11.28 -25.24 -21.88
C HIS A 56 11.87 -25.49 -20.50
N ILE A 57 11.16 -26.27 -19.68
CA ILE A 57 11.71 -26.67 -18.38
C ILE A 57 12.95 -27.53 -18.59
N LEU A 58 12.77 -28.68 -19.24
CA LEU A 58 13.90 -29.51 -19.64
C LEU A 58 14.37 -29.07 -21.02
N PRO A 59 15.61 -28.65 -21.19
CA PRO A 59 16.06 -28.19 -22.51
C PRO A 59 16.42 -29.34 -23.42
N ALA A 60 16.52 -29.02 -24.71
CA ALA A 60 16.93 -30.02 -25.70
C ALA A 60 18.34 -30.52 -25.40
N SER A 61 19.29 -29.60 -25.30
CA SER A 61 20.67 -29.99 -25.03
C SER A 61 20.83 -30.40 -23.57
N PRO A 62 21.48 -31.54 -23.28
CA PRO A 62 21.75 -31.88 -21.88
C PRO A 62 22.61 -30.85 -21.17
N LYS A 63 23.34 -30.01 -21.92
CA LYS A 63 24.14 -28.95 -21.32
C LYS A 63 23.32 -27.70 -21.01
N GLY A 64 22.08 -27.64 -21.47
CA GLY A 64 21.21 -26.52 -21.17
C GLY A 64 20.79 -26.53 -19.72
N PRO A 65 20.14 -25.44 -19.28
CA PRO A 65 19.70 -25.35 -17.87
C PRO A 65 18.66 -26.41 -17.57
N ARG A 66 18.95 -27.23 -16.55
CA ARG A 66 18.16 -28.39 -16.18
C ARG A 66 18.31 -29.55 -17.17
N GLY A 67 19.36 -29.53 -17.98
CA GLY A 67 19.54 -30.58 -18.96
C GLY A 67 19.78 -31.93 -18.32
N ARG A 68 19.26 -32.97 -18.98
CA ARG A 68 19.46 -34.34 -18.55
C ARG A 68 19.75 -35.22 -19.76
N ALA A 69 20.59 -36.23 -19.55
CA ALA A 69 20.89 -37.18 -20.63
C ALA A 69 19.74 -38.16 -20.84
N ASP A 70 19.07 -38.55 -19.76
CA ASP A 70 17.93 -39.47 -19.84
C ASP A 70 16.71 -38.84 -20.49
N HIS A 71 16.68 -37.52 -20.62
CA HIS A 71 15.54 -36.83 -21.20
C HIS A 71 15.57 -36.97 -22.72
N ASP A 72 14.50 -37.53 -23.28
CA ASP A 72 14.36 -37.65 -24.73
C ASP A 72 13.83 -36.32 -25.26
N ALA A 73 14.73 -35.48 -25.75
CA ALA A 73 14.36 -34.14 -26.18
C ALA A 73 13.24 -34.18 -27.20
N GLU A 74 13.44 -34.92 -28.29
CA GLU A 74 12.46 -34.94 -29.38
C GLU A 74 11.07 -35.28 -28.88
N ALA A 75 10.97 -36.17 -27.89
CA ALA A 75 9.66 -36.62 -27.43
C ALA A 75 8.86 -35.49 -26.78
N HIS A 76 9.54 -34.55 -26.12
CA HIS A 76 8.86 -33.53 -25.32
C HIS A 76 9.11 -32.12 -25.86
N THR A 77 9.50 -32.00 -27.13
CA THR A 77 9.62 -30.67 -27.73
C THR A 77 8.26 -29.97 -27.75
N ASN A 78 7.18 -30.73 -27.88
CA ASN A 78 5.82 -30.19 -27.96
C ASN A 78 4.94 -30.74 -26.84
N ASP A 79 5.53 -30.99 -25.68
CA ASP A 79 4.82 -31.52 -24.52
C ASP A 79 4.46 -30.35 -23.61
N THR A 80 3.16 -30.04 -23.52
CA THR A 80 2.74 -28.89 -22.72
C THR A 80 3.27 -28.96 -21.30
N ALA A 81 3.49 -30.16 -20.77
CA ALA A 81 4.00 -30.31 -19.42
C ALA A 81 5.42 -29.77 -19.29
N ASN A 82 6.15 -29.62 -20.39
CA ASN A 82 7.51 -29.12 -20.39
C ASN A 82 7.59 -27.66 -20.83
N LEU A 83 6.47 -27.03 -21.15
CA LEU A 83 6.44 -25.73 -21.79
C LEU A 83 5.68 -24.75 -20.91
N MET A 84 6.37 -23.71 -20.45
CA MET A 84 5.80 -22.66 -19.62
C MET A 84 5.79 -21.34 -20.38
N LEU A 85 4.67 -20.61 -20.31
CA LEU A 85 4.63 -19.26 -20.84
C LEU A 85 5.21 -18.34 -19.77
N LEU A 86 6.32 -17.67 -20.10
CA LEU A 86 7.01 -16.80 -19.16
C LEU A 86 7.28 -15.46 -19.81
N CYS A 87 7.28 -14.40 -19.00
CA CYS A 87 7.77 -13.12 -19.48
C CYS A 87 9.26 -13.25 -19.79
N PRO A 88 9.80 -12.37 -20.63
CA PRO A 88 11.21 -12.53 -21.02
C PRO A 88 12.16 -12.52 -19.84
N GLY A 89 11.82 -11.80 -18.76
CA GLY A 89 12.73 -11.72 -17.63
C GLY A 89 12.74 -13.00 -16.81
N CYS A 90 11.56 -13.53 -16.50
CA CYS A 90 11.50 -14.79 -15.77
C CYS A 90 12.13 -15.92 -16.57
N HIS A 91 12.12 -15.82 -17.90
CA HIS A 91 12.76 -16.86 -18.73
C HIS A 91 14.27 -16.81 -18.58
N ASP A 92 14.85 -15.61 -18.62
CA ASP A 92 16.30 -15.49 -18.48
C ASP A 92 16.76 -15.97 -17.11
N LYS A 93 15.97 -15.68 -16.07
CA LYS A 93 16.38 -16.03 -14.72
C LYS A 93 16.40 -17.54 -14.52
N ILE A 94 15.35 -18.24 -14.95
CA ILE A 94 15.31 -19.68 -14.74
C ILE A 94 16.40 -20.38 -15.53
N ASP A 95 16.78 -19.83 -16.69
CA ASP A 95 17.81 -20.45 -17.52
C ASP A 95 19.21 -20.06 -17.10
N ARG A 96 19.36 -18.97 -16.33
CA ARG A 96 20.66 -18.53 -15.84
C ARG A 96 20.91 -18.94 -14.40
N ASP A 97 19.97 -19.64 -13.78
CA ASP A 97 20.12 -20.15 -12.42
C ASP A 97 19.36 -21.47 -12.32
N ALA A 98 19.83 -22.47 -13.07
CA ALA A 98 19.15 -23.77 -13.05
C ALA A 98 19.13 -24.37 -11.66
N ASP A 99 20.22 -24.18 -10.90
CA ASP A 99 20.27 -24.69 -9.53
C ASP A 99 19.14 -24.11 -8.70
N GLY A 100 18.84 -22.82 -8.88
CA GLY A 100 17.80 -22.17 -8.11
C GLY A 100 16.39 -22.43 -8.61
N TYR A 101 16.26 -22.90 -9.85
CA TYR A 101 14.96 -23.22 -10.44
C TYR A 101 14.99 -24.66 -10.94
N PRO A 102 15.05 -25.63 -10.03
CA PRO A 102 15.09 -27.03 -10.46
C PRO A 102 13.81 -27.44 -11.17
N GLU A 103 13.92 -28.52 -11.96
CA GLU A 103 12.83 -28.90 -12.84
C GLU A 103 11.58 -29.28 -12.05
N ASN A 104 11.75 -29.94 -10.91
CA ASN A 104 10.58 -30.40 -10.15
C ASN A 104 9.85 -29.22 -9.52
N ASP A 105 10.56 -28.16 -9.15
CA ASP A 105 9.90 -26.97 -8.64
C ASP A 105 9.14 -26.25 -9.75
N LEU A 106 9.78 -26.09 -10.91
CA LEU A 106 9.11 -25.45 -12.04
C LEU A 106 7.93 -26.29 -12.51
N SER A 107 8.11 -27.61 -12.58
CA SER A 107 7.00 -28.48 -12.94
C SER A 107 5.85 -28.35 -11.94
N GLY A 108 6.17 -28.33 -10.65
CA GLY A 108 5.13 -28.19 -9.64
C GLY A 108 4.41 -26.87 -9.74
N LEU A 109 5.15 -25.78 -9.96
CA LEU A 109 4.52 -24.48 -10.15
C LEU A 109 3.73 -24.43 -11.45
N HIS A 110 4.26 -25.05 -12.50
CA HIS A 110 3.55 -25.11 -13.78
C HIS A 110 2.17 -25.74 -13.61
N GLN A 111 2.11 -26.88 -12.92
CA GLN A 111 0.83 -27.55 -12.73
C GLN A 111 -0.09 -26.73 -11.82
N ALA A 112 0.46 -26.18 -10.73
CA ALA A 112 -0.36 -25.37 -9.84
C ALA A 112 -1.01 -24.20 -10.57
N TYR A 113 -0.26 -23.59 -11.49
CA TYR A 113 -0.80 -22.45 -12.22
C TYR A 113 -1.92 -22.87 -13.15
N LEU A 114 -1.71 -23.95 -13.91
CA LEU A 114 -2.70 -24.38 -14.88
C LEU A 114 -3.97 -24.90 -14.19
N GLU A 115 -3.80 -25.56 -13.04
CA GLU A 115 -4.98 -26.03 -12.30
C GLU A 115 -5.81 -24.87 -11.78
N ARG A 116 -5.17 -23.79 -11.34
CA ARG A 116 -5.90 -22.63 -10.85
C ARG A 116 -6.67 -21.96 -11.97
N ILE A 117 -6.16 -22.00 -13.20
CA ILE A 117 -6.91 -21.52 -14.35
C ILE A 117 -8.07 -22.44 -14.63
N ARG A 118 -7.81 -23.76 -14.62
CA ARG A 118 -8.87 -24.73 -14.85
C ARG A 118 -10.00 -24.57 -13.84
N LEU A 119 -9.66 -24.34 -12.58
CA LEU A 119 -10.69 -24.18 -11.56
C LEU A 119 -11.51 -22.92 -11.78
N ALA A 120 -10.85 -21.81 -12.14
CA ALA A 120 -11.60 -20.59 -12.43
C ALA A 120 -12.55 -20.79 -13.60
N ALA A 121 -12.07 -21.46 -14.66
CA ALA A 121 -12.89 -21.62 -15.86
C ALA A 121 -14.09 -22.53 -15.64
N THR A 122 -14.03 -23.41 -14.63
CA THR A 122 -15.09 -24.39 -14.39
C THR A 122 -15.92 -24.04 -13.16
N THR A 123 -15.78 -22.85 -12.62
CA THR A 123 -16.58 -22.41 -11.49
C THR A 123 -17.89 -21.81 -12.01
N PRO A 124 -19.05 -22.37 -11.64
CA PRO A 124 -20.32 -21.74 -12.07
C PRO A 124 -20.47 -20.34 -11.49
N ASP A 125 -21.12 -19.48 -12.26
CA ASP A 125 -21.30 -18.09 -11.86
C ASP A 125 -22.24 -17.99 -10.67
N GLY A 126 -21.73 -17.47 -9.55
CA GLY A 126 -22.51 -17.30 -8.34
C GLY A 126 -23.00 -15.90 -8.08
N GLY A 127 -22.85 -14.99 -9.03
CA GLY A 127 -23.31 -13.62 -8.87
C GLY A 127 -22.20 -12.70 -8.39
N ARG A 128 -22.59 -11.45 -8.17
CA ARG A 128 -21.69 -10.40 -7.70
C ARG A 128 -21.81 -10.25 -6.19
N ALA A 129 -20.78 -9.66 -5.60
CA ALA A 129 -20.77 -9.40 -4.16
C ALA A 129 -19.74 -8.32 -3.88
N ILE A 130 -19.98 -7.56 -2.82
CA ILE A 130 -19.08 -6.49 -2.40
C ILE A 130 -18.05 -7.08 -1.44
N PRO A 131 -16.77 -7.12 -1.79
CA PRO A 131 -15.76 -7.58 -0.83
C PRO A 131 -15.58 -6.56 0.29
N LEU A 132 -15.65 -7.04 1.53
CA LEU A 132 -15.55 -6.18 2.70
C LEU A 132 -14.56 -6.80 3.69
N ILE A 133 -13.51 -6.06 3.99
CA ILE A 133 -12.50 -6.47 4.97
C ILE A 133 -12.53 -5.46 6.10
N VAL A 134 -12.67 -5.96 7.33
CA VAL A 134 -12.68 -5.14 8.53
C VAL A 134 -11.67 -5.71 9.50
N GLN A 135 -10.63 -4.94 9.81
CA GLN A 135 -9.58 -5.38 10.71
C GLN A 135 -9.27 -4.26 11.68
N SER A 136 -8.85 -4.64 12.88
CA SER A 136 -8.47 -3.69 13.91
C SER A 136 -6.97 -3.60 13.99
N GLN A 137 -6.48 -2.83 14.96
CA GLN A 137 -5.06 -2.76 15.27
C GLN A 137 -4.82 -2.89 16.78
N HIS A 138 -5.76 -3.51 17.50
CA HIS A 138 -5.61 -3.66 18.94
C HIS A 138 -4.64 -4.76 19.32
N PHE A 139 -4.23 -5.60 18.37
CA PHE A 139 -3.21 -6.60 18.64
C PHE A 139 -1.83 -5.95 18.73
N GLN A 140 -0.89 -6.68 19.33
CA GLN A 140 0.50 -6.26 19.39
C GLN A 140 1.33 -6.84 18.26
N THR A 141 0.69 -7.26 17.17
CA THR A 141 1.38 -7.74 15.98
C THR A 141 0.69 -7.16 14.76
N ILE A 142 1.29 -7.37 13.59
CA ILE A 142 0.64 -6.96 12.36
C ILE A 142 -0.62 -7.78 12.15
N ASN A 143 -1.72 -7.11 11.84
CA ASN A 143 -3.00 -7.73 11.52
C ASN A 143 -3.43 -7.21 10.16
N ASP A 144 -3.34 -8.07 9.14
CA ASP A 144 -3.64 -7.63 7.77
C ASP A 144 -4.23 -8.80 7.00
N ILE A 145 -5.50 -8.68 6.62
CA ILE A 145 -6.18 -9.68 5.81
C ILE A 145 -5.89 -9.36 4.34
N PRO A 146 -5.22 -10.24 3.60
CA PRO A 146 -4.90 -9.92 2.20
C PRO A 146 -6.16 -9.79 1.36
N VAL A 147 -6.15 -8.79 0.47
CA VAL A 147 -7.30 -8.58 -0.42
C VAL A 147 -7.41 -9.72 -1.42
N ARG A 148 -6.28 -10.15 -2.00
CA ARG A 148 -6.33 -11.23 -2.98
C ARG A 148 -6.94 -12.49 -2.39
N ASP A 149 -6.66 -12.76 -1.12
CA ASP A 149 -7.16 -13.99 -0.51
C ASP A 149 -8.67 -13.95 -0.34
N LEU A 150 -9.23 -12.77 -0.04
CA LEU A 150 -10.68 -12.67 0.03
C LEU A 150 -11.32 -12.82 -1.35
N LEU A 151 -10.77 -12.11 -2.34
CA LEU A 151 -11.31 -12.22 -3.70
C LEU A 151 -11.18 -13.64 -4.24
N THR A 152 -10.11 -14.35 -3.84
CA THR A 152 -9.93 -15.71 -4.33
C THR A 152 -10.91 -16.68 -3.68
N ALA A 153 -11.22 -16.48 -2.40
CA ALA A 153 -12.25 -17.28 -1.76
C ALA A 153 -13.61 -17.02 -2.38
N MET A 154 -13.91 -15.76 -2.67
CA MET A 154 -15.16 -15.43 -3.34
C MET A 154 -15.23 -16.10 -4.71
N SER A 155 -14.17 -15.95 -5.52
CA SER A 155 -14.15 -16.57 -6.83
C SER A 155 -14.29 -18.08 -6.73
N ALA A 156 -13.73 -18.69 -5.68
CA ALA A 156 -13.89 -20.13 -5.48
C ALA A 156 -15.35 -20.50 -5.26
N GLU A 157 -16.18 -19.54 -4.84
CA GLU A 157 -17.61 -19.76 -4.65
C GLU A 157 -18.44 -19.14 -5.77
N GLY A 158 -17.81 -18.79 -6.88
CA GLY A 158 -18.53 -18.18 -7.98
C GLY A 158 -18.89 -16.73 -7.79
N LEU A 159 -18.34 -16.08 -6.77
CA LEU A 159 -18.63 -14.69 -6.48
C LEU A 159 -17.53 -13.81 -7.05
N THR A 160 -17.92 -12.85 -7.89
CA THR A 160 -17.01 -11.86 -8.43
C THR A 160 -17.44 -10.48 -7.97
N ALA A 161 -16.58 -9.49 -8.20
CA ALA A 161 -16.82 -8.13 -7.77
C ALA A 161 -16.37 -7.16 -8.85
N PHE A 162 -17.00 -5.99 -8.89
CA PHE A 162 -16.63 -4.95 -9.83
C PHE A 162 -15.40 -4.16 -9.39
N ASP A 163 -15.01 -4.29 -8.12
CA ASP A 163 -13.77 -3.70 -7.63
C ASP A 163 -13.24 -4.59 -6.52
N GLN A 164 -12.06 -4.24 -5.99
CA GLN A 164 -11.49 -5.05 -4.93
C GLN A 164 -12.18 -4.84 -3.60
N GLY A 165 -13.22 -4.00 -3.55
CA GLY A 165 -14.06 -3.90 -2.39
C GLY A 165 -13.58 -2.88 -1.37
N ILE A 166 -14.14 -2.99 -0.17
CA ILE A 166 -13.85 -2.10 0.94
C ILE A 166 -12.89 -2.80 1.89
N LYS A 167 -11.94 -2.04 2.43
CA LYS A 167 -11.04 -2.53 3.46
C LYS A 167 -10.90 -1.44 4.51
N ILE A 168 -11.47 -1.67 5.69
CA ILE A 168 -11.48 -0.71 6.79
C ILE A 168 -10.56 -1.22 7.88
N ALA A 169 -9.61 -0.38 8.30
CA ALA A 169 -8.66 -0.70 9.36
C ALA A 169 -8.86 0.27 10.51
N PHE A 170 -9.44 -0.21 11.60
CA PHE A 170 -9.69 0.64 12.76
C PHE A 170 -8.40 1.35 13.16
N ALA A 171 -8.55 2.54 13.76
CA ALA A 171 -7.40 3.25 14.30
C ALA A 171 -6.80 2.48 15.46
N ALA A 172 -5.47 2.52 15.57
CA ALA A 172 -4.80 1.85 16.67
C ALA A 172 -5.21 2.49 18.00
N PRO A 173 -5.25 1.73 19.08
CA PRO A 173 -5.53 2.33 20.39
C PRO A 173 -4.50 3.41 20.72
N GLY A 174 -4.96 4.42 21.47
CA GLY A 174 -4.10 5.51 21.86
C GLY A 174 -3.21 5.14 23.02
N PRO A 175 -2.58 6.14 23.64
CA PRO A 175 -1.70 5.87 24.79
C PRO A 175 -2.46 5.33 26.00
N ARG A 176 -3.77 5.54 26.07
CA ARG A 176 -4.59 5.07 27.18
C ARG A 176 -5.26 3.74 26.87
N GLY A 177 -4.78 3.02 25.86
CA GLY A 177 -5.39 1.76 25.48
C GLY A 177 -6.73 1.95 24.79
N ARG A 178 -7.52 0.88 24.78
CA ARG A 178 -8.86 0.93 24.24
C ARG A 178 -9.75 1.77 25.14
N ASP A 179 -9.57 3.10 25.09
CA ASP A 179 -10.30 4.01 25.95
C ASP A 179 -11.62 4.39 25.30
N THR A 180 -12.32 5.38 25.89
CA THR A 180 -13.57 5.85 25.31
C THR A 180 -13.35 6.40 23.91
N THR A 181 -12.26 7.15 23.71
CA THR A 181 -11.93 7.64 22.39
C THR A 181 -11.76 6.49 21.40
N TYR A 182 -11.09 5.42 21.83
CA TYR A 182 -10.88 4.29 20.94
C TYR A 182 -12.21 3.71 20.46
N TRP A 183 -13.10 3.41 21.40
CA TRP A 183 -14.37 2.77 21.03
C TRP A 183 -15.27 3.73 20.25
N GLN A 184 -15.11 5.04 20.44
CA GLN A 184 -15.81 5.98 19.58
C GLN A 184 -15.33 5.87 18.15
N ASN A 185 -14.02 5.74 17.96
CA ASN A 185 -13.48 5.57 16.61
C ASN A 185 -14.00 4.30 15.96
N VAL A 186 -14.06 3.21 16.73
CA VAL A 186 -14.64 1.97 16.20
C VAL A 186 -16.07 2.21 15.74
N LYS A 187 -16.88 2.84 16.61
CA LYS A 187 -18.26 3.15 16.25
C LYS A 187 -18.31 3.96 14.95
N ASP A 188 -17.47 4.98 14.83
CA ASP A 188 -17.45 5.79 13.62
C ASP A 188 -16.98 4.97 12.42
N SER A 189 -16.02 4.07 12.63
CA SER A 189 -15.50 3.27 11.52
C SER A 189 -16.57 2.33 10.97
N VAL A 190 -17.41 1.78 11.85
CA VAL A 190 -18.42 0.81 11.42
C VAL A 190 -19.68 1.49 10.93
N GLN A 191 -20.11 2.56 11.60
CA GLN A 191 -21.41 3.15 11.31
C GLN A 191 -21.33 4.30 10.31
N TYR A 192 -20.17 4.93 10.16
CA TYR A 192 -20.02 6.06 9.25
C TYR A 192 -19.08 5.74 8.10
N GLU A 193 -17.84 5.34 8.38
CA GLU A 193 -16.91 5.07 7.30
C GLU A 193 -17.42 3.97 6.37
N LEU A 194 -17.81 2.83 6.95
CA LEU A 194 -18.29 1.73 6.12
C LEU A 194 -19.52 2.13 5.33
N GLU A 195 -20.48 2.79 5.99
CA GLU A 195 -21.69 3.21 5.29
C GLU A 195 -21.36 4.19 4.16
N GLN A 196 -20.37 5.06 4.37
CA GLN A 196 -20.03 6.03 3.35
C GLN A 196 -19.44 5.35 2.11
N GLN A 197 -18.65 4.30 2.32
CA GLN A 197 -18.05 3.60 1.18
C GLN A 197 -19.05 2.68 0.49
N LEU A 198 -20.06 2.20 1.23
CA LEU A 198 -21.13 1.43 0.60
C LEU A 198 -22.04 2.33 -0.22
N LYS A 199 -22.35 3.53 0.29
CA LYS A 199 -23.09 4.49 -0.50
C LYS A 199 -22.37 4.82 -1.80
N ARG A 200 -21.06 5.06 -1.70
CA ARG A 200 -20.28 5.45 -2.87
C ARG A 200 -20.21 4.32 -3.90
N ARG A 201 -20.08 3.08 -3.44
CA ARG A 201 -20.23 1.95 -4.35
C ARG A 201 -21.65 1.83 -4.88
N GLY A 202 -22.63 2.38 -4.15
CA GLY A 202 -24.02 2.35 -4.58
C GLY A 202 -24.20 2.82 -6.00
N GLY A 203 -24.93 2.04 -6.78
CA GLY A 203 -25.05 2.28 -8.21
C GLY A 203 -24.31 1.21 -8.99
N THR A 204 -23.00 1.15 -8.80
CA THR A 204 -22.21 0.07 -9.41
C THR A 204 -22.75 -1.29 -9.00
N TYR A 205 -23.16 -1.44 -7.74
CA TYR A 205 -23.55 -2.73 -7.20
C TYR A 205 -25.06 -2.89 -7.06
N GLY A 206 -25.83 -1.81 -7.14
CA GLY A 206 -27.27 -1.92 -7.12
C GLY A 206 -27.87 -1.54 -5.77
N ASP A 207 -29.16 -1.89 -5.63
CA ASP A 207 -29.93 -1.48 -4.46
C ASP A 207 -29.56 -2.30 -3.23
N SER A 208 -29.69 -3.63 -3.32
CA SER A 208 -29.43 -4.54 -2.20
C SER A 208 -28.34 -5.53 -2.59
N PRO A 209 -27.09 -5.07 -2.66
CA PRO A 209 -26.00 -5.97 -3.04
C PRO A 209 -25.53 -6.83 -1.87
N ALA A 210 -25.04 -8.02 -2.22
CA ALA A 210 -24.51 -8.95 -1.23
C ALA A 210 -23.12 -8.53 -0.77
N LEU A 211 -22.82 -8.80 0.50
CA LEU A 211 -21.55 -8.41 1.10
C LEU A 211 -20.74 -9.66 1.41
N ALA A 212 -19.57 -9.78 0.80
CA ALA A 212 -18.61 -10.84 1.13
C ALA A 212 -17.68 -10.26 2.19
N VAL A 213 -18.02 -10.50 3.46
CA VAL A 213 -17.41 -9.80 4.58
C VAL A 213 -16.52 -10.77 5.36
N VAL A 214 -15.29 -10.33 5.63
CA VAL A 214 -14.37 -11.05 6.50
C VAL A 214 -13.86 -10.06 7.54
N GLY A 215 -13.72 -10.52 8.78
CA GLY A 215 -13.31 -9.67 9.87
C GLY A 215 -12.24 -10.32 10.73
N LEU A 216 -11.39 -9.47 11.31
CA LEU A 216 -10.42 -9.88 12.31
C LEU A 216 -10.13 -8.65 13.18
N ALA A 217 -11.07 -8.34 14.06
CA ALA A 217 -11.03 -7.12 14.83
C ALA A 217 -11.57 -7.40 16.23
N ASP A 218 -11.68 -6.33 17.03
CA ASP A 218 -12.22 -6.46 18.38
C ASP A 218 -13.53 -7.24 18.34
N ILE A 219 -13.65 -8.23 19.23
CA ILE A 219 -14.90 -8.98 19.33
C ILE A 219 -16.10 -8.03 19.47
N PRO A 220 -16.08 -7.05 20.37
CA PRO A 220 -17.22 -6.11 20.41
C PRO A 220 -17.41 -5.35 19.10
N ALA A 221 -16.31 -5.02 18.41
CA ALA A 221 -16.43 -4.30 17.15
C ALA A 221 -17.04 -5.17 16.07
N LEU A 222 -16.64 -6.44 16.00
CA LEU A 222 -17.19 -7.33 15.00
C LEU A 222 -18.68 -7.57 15.22
N MET A 223 -19.11 -7.57 16.48
CA MET A 223 -20.54 -7.71 16.76
C MET A 223 -21.30 -6.47 16.32
N MET A 224 -20.78 -5.28 16.62
CA MET A 224 -21.41 -4.07 16.14
C MET A 224 -21.44 -4.04 14.62
N LEU A 225 -20.39 -4.55 13.99
CA LEU A 225 -20.39 -4.69 12.53
C LEU A 225 -21.53 -5.59 12.09
N GLY A 226 -21.60 -6.81 12.64
CA GLY A 226 -22.68 -7.71 12.27
C GLY A 226 -24.05 -7.09 12.44
N GLN A 227 -24.22 -6.30 13.51
CA GLN A 227 -25.50 -5.62 13.73
C GLN A 227 -25.81 -4.66 12.61
N SER A 228 -24.81 -3.89 12.17
CA SER A 228 -25.04 -2.92 11.10
C SER A 228 -25.39 -3.61 9.80
N ILE A 229 -24.66 -4.67 9.44
CA ILE A 229 -24.89 -5.38 8.20
C ILE A 229 -25.96 -6.44 8.32
N GLY A 230 -26.51 -6.65 9.52
CA GLY A 230 -27.52 -7.68 9.69
C GLY A 230 -28.79 -7.42 8.92
N ASP A 231 -29.24 -6.15 8.90
CA ASP A 231 -30.43 -5.80 8.15
C ASP A 231 -30.23 -6.07 6.67
N ARG A 232 -29.21 -5.44 6.07
CA ARG A 232 -28.90 -5.64 4.66
C ARG A 232 -28.72 -7.12 4.35
N SER A 233 -29.72 -7.72 3.70
CA SER A 233 -29.69 -9.14 3.39
C SER A 233 -28.53 -9.50 2.48
N LYS A 234 -28.43 -10.77 2.09
CA LYS A 234 -27.35 -11.25 1.23
C LYS A 234 -25.99 -11.09 1.91
N ARG A 235 -25.88 -11.64 3.11
CA ARG A 235 -24.65 -11.60 3.88
C ARG A 235 -23.93 -12.93 3.75
N LEU A 236 -22.74 -12.89 3.15
CA LEU A 236 -21.88 -14.07 3.01
C LEU A 236 -20.63 -13.83 3.84
N ILE A 237 -20.54 -14.47 5.00
CA ILE A 237 -19.41 -14.29 5.90
C ILE A 237 -18.27 -15.19 5.46
N PHE A 238 -17.07 -14.63 5.42
CA PHE A 238 -15.83 -15.37 5.22
C PHE A 238 -15.00 -15.29 6.49
N SER A 239 -13.98 -16.14 6.58
CA SER A 239 -13.25 -16.30 7.83
C SER A 239 -11.75 -16.40 7.55
N PHE A 240 -10.98 -15.60 8.28
CA PHE A 240 -9.53 -15.73 8.28
C PHE A 240 -9.14 -16.89 9.19
N HIS A 241 -8.42 -17.87 8.64
CA HIS A 241 -8.02 -19.06 9.38
C HIS A 241 -6.51 -19.06 9.56
N ARG A 242 -6.06 -19.36 10.77
CA ARG A 242 -4.63 -19.34 11.04
C ARG A 242 -3.87 -20.31 10.15
N GLU A 243 -4.54 -21.35 9.65
CA GLU A 243 -3.90 -22.29 8.74
C GLU A 243 -4.23 -22.02 7.28
N HIS A 244 -5.53 -21.95 6.94
CA HIS A 244 -5.96 -21.89 5.55
C HIS A 244 -6.26 -20.47 5.08
N LEU A 245 -6.00 -19.46 5.90
CA LEU A 245 -6.22 -18.06 5.52
C LEU A 245 -7.70 -17.90 5.18
N LEU A 246 -8.06 -17.38 4.01
CA LEU A 246 -9.45 -17.13 3.66
C LEU A 246 -10.13 -18.34 3.04
N ARG A 247 -9.39 -19.39 2.71
CA ARG A 247 -9.97 -20.61 2.18
C ARG A 247 -10.60 -21.41 3.32
N TRP A 248 -11.80 -21.93 3.07
CA TRP A 248 -12.47 -22.75 4.08
C TRP A 248 -11.63 -24.00 4.36
N PRO A 249 -11.37 -24.32 5.63
CA PRO A 249 -10.53 -25.52 5.91
C PRO A 249 -11.11 -26.81 5.36
N ASP A 250 -12.44 -26.99 5.38
CA ASP A 250 -13.03 -28.28 5.02
C ASP A 250 -14.52 -28.06 4.77
N GLN A 251 -14.87 -27.89 3.48
CA GLN A 251 -16.26 -27.65 3.12
C GLN A 251 -17.18 -28.80 3.52
N SER A 252 -16.62 -29.99 3.71
CA SER A 252 -17.42 -31.18 4.00
C SER A 252 -17.48 -31.50 5.49
N ALA A 253 -16.76 -30.75 6.33
CA ALA A 253 -16.76 -31.03 7.75
C ALA A 253 -18.15 -30.79 8.35
N GLU A 254 -18.60 -31.71 9.18
CA GLU A 254 -19.86 -31.53 9.88
C GLU A 254 -19.71 -30.41 10.91
N PRO A 255 -20.60 -29.43 10.94
CA PRO A 255 -20.51 -28.41 11.99
C PRO A 255 -20.53 -29.07 13.36
N PRO A 256 -19.88 -28.47 14.34
CA PRO A 256 -19.93 -29.03 15.69
C PRO A 256 -21.28 -28.77 16.33
N SER A 257 -21.64 -29.61 17.29
CA SER A 257 -22.82 -29.39 18.10
C SER A 257 -22.51 -28.35 19.16
N PHE A 258 -23.50 -27.51 19.47
CA PHE A 258 -23.35 -26.43 20.44
C PHE A 258 -24.15 -26.78 21.68
N LEU A 259 -23.47 -26.88 22.81
CA LEU A 259 -24.11 -27.20 24.08
C LEU A 259 -24.53 -25.92 24.76
N PHE A 260 -25.81 -25.85 25.16
CA PHE A 260 -26.36 -24.70 25.85
C PHE A 260 -26.61 -25.06 27.32
N THR A 261 -25.97 -24.34 28.23
CA THR A 261 -26.22 -24.47 29.64
C THR A 261 -27.16 -23.36 30.07
N PRO A 262 -28.38 -23.65 30.54
CA PRO A 262 -29.29 -22.58 30.94
C PRO A 262 -28.77 -21.87 32.18
N PRO A 263 -29.22 -20.64 32.43
CA PRO A 263 -28.77 -19.92 33.61
C PRO A 263 -29.57 -20.34 34.83
N PRO A 264 -28.97 -20.29 36.02
CA PRO A 264 -29.74 -20.59 37.24
C PRO A 264 -30.78 -19.50 37.51
N ASN A 265 -31.74 -19.85 38.36
CA ASN A 265 -32.77 -18.90 38.76
C ASN A 265 -32.22 -17.95 39.82
N GLY A 266 -32.63 -16.70 39.75
CA GLY A 266 -32.19 -15.71 40.70
C GLY A 266 -32.42 -14.31 40.17
N ASP A 267 -31.97 -13.34 40.96
CA ASP A 267 -32.09 -11.93 40.62
C ASP A 267 -30.76 -11.32 40.19
N GLY A 268 -29.73 -12.14 40.02
CA GLY A 268 -28.43 -11.63 39.64
C GLY A 268 -28.36 -11.24 38.19
N PRO A 269 -27.29 -10.53 37.83
CA PRO A 269 -27.12 -10.14 36.43
C PRO A 269 -26.99 -11.36 35.53
N LEU A 270 -27.70 -11.32 34.40
CA LEU A 270 -27.67 -12.44 33.46
C LEU A 270 -26.46 -12.31 32.55
N ALA A 271 -25.62 -13.34 32.55
CA ALA A 271 -24.40 -13.36 31.75
C ALA A 271 -24.49 -14.46 30.71
N LEU A 272 -24.13 -14.14 29.47
CA LEU A 272 -24.03 -15.12 28.39
C LEU A 272 -22.56 -15.34 28.10
N VAL A 273 -22.11 -16.59 28.26
CA VAL A 273 -20.72 -16.97 28.07
C VAL A 273 -20.63 -17.84 26.83
N LEU A 274 -19.78 -17.44 25.90
CA LEU A 274 -19.57 -18.16 24.65
C LEU A 274 -18.18 -18.79 24.69
N SER A 275 -18.14 -20.12 24.79
CA SER A 275 -16.90 -20.89 24.86
C SER A 275 -16.79 -21.70 23.58
N ILE A 276 -16.31 -21.06 22.51
CA ILE A 276 -16.16 -21.68 21.21
C ILE A 276 -14.69 -21.72 20.77
N SER A 277 -14.03 -20.56 20.78
CA SER A 277 -12.59 -20.54 20.51
C SER A 277 -11.80 -21.14 21.66
N ALA A 278 -12.29 -20.96 22.88
CA ALA A 278 -11.62 -21.46 24.08
C ALA A 278 -12.63 -21.44 25.21
N GLN A 279 -12.30 -22.16 26.28
CA GLN A 279 -13.19 -22.22 27.45
C GLN A 279 -12.99 -20.96 28.28
N VAL A 280 -14.00 -20.09 28.29
CA VAL A 280 -13.99 -18.90 29.14
C VAL A 280 -14.08 -19.35 30.59
N PRO A 281 -13.04 -19.14 31.41
CA PRO A 281 -13.12 -19.58 32.80
C PRO A 281 -14.23 -18.84 33.55
N VAL A 282 -15.05 -19.60 34.27
CA VAL A 282 -16.17 -19.02 35.00
C VAL A 282 -15.67 -18.01 36.03
N ARG A 283 -14.50 -18.26 36.63
CA ARG A 283 -13.96 -17.32 37.60
C ARG A 283 -13.77 -15.93 37.00
N ASP A 284 -13.47 -15.86 35.70
CA ASP A 284 -13.29 -14.56 35.06
C ASP A 284 -14.62 -13.83 34.88
N VAL A 285 -15.72 -14.57 34.72
CA VAL A 285 -17.02 -13.93 34.54
C VAL A 285 -17.54 -13.39 35.86
N THR A 286 -17.38 -14.15 36.94
CA THR A 286 -17.82 -13.69 38.24
C THR A 286 -16.85 -12.68 38.86
N ASP A 287 -15.57 -12.74 38.49
CA ASP A 287 -14.64 -11.68 38.90
C ASP A 287 -15.14 -10.32 38.43
N ALA A 288 -15.64 -10.24 37.20
CA ALA A 288 -16.10 -8.98 36.62
C ALA A 288 -17.59 -8.73 36.83
N LEU A 289 -18.35 -9.74 37.23
CA LEU A 289 -19.80 -9.62 37.39
C LEU A 289 -20.22 -10.49 38.58
N PRO A 290 -19.96 -10.02 39.80
CA PRO A 290 -20.29 -10.84 40.97
C PRO A 290 -21.77 -11.19 41.01
N GLY A 291 -22.05 -12.45 41.38
CA GLY A 291 -23.42 -12.91 41.44
C GLY A 291 -24.06 -13.12 40.08
N ALA A 292 -23.25 -13.27 39.03
CA ALA A 292 -23.80 -13.44 37.70
C ALA A 292 -24.49 -14.78 37.57
N ARG A 293 -25.67 -14.76 36.95
CA ARG A 293 -26.35 -15.99 36.52
C ARG A 293 -25.85 -16.31 35.11
N ILE A 294 -25.07 -17.39 34.99
CA ILE A 294 -24.32 -17.67 33.78
C ILE A 294 -25.07 -18.68 32.93
N ALA A 295 -25.34 -18.31 31.68
CA ALA A 295 -25.77 -19.23 30.64
C ALA A 295 -24.64 -19.34 29.62
N GLU A 296 -24.36 -20.57 29.17
CA GLU A 296 -23.22 -20.81 28.32
C GLU A 296 -23.62 -21.54 27.05
N LEU A 297 -23.05 -21.11 25.93
CA LEU A 297 -23.07 -21.85 24.67
C LEU A 297 -21.64 -22.25 24.35
N SER A 298 -21.40 -23.54 24.16
CA SER A 298 -20.05 -24.04 23.97
C SER A 298 -20.05 -25.17 22.93
N ILE A 299 -18.85 -25.53 22.49
CA ILE A 299 -18.66 -26.68 21.61
C ILE A 299 -17.87 -27.72 22.39
N PRO A 300 -17.85 -28.98 21.94
CA PRO A 300 -17.18 -30.02 22.75
C PRO A 300 -15.71 -29.75 23.00
N GLU A 301 -14.97 -29.32 21.98
CA GLU A 301 -13.54 -29.00 22.12
C GLU A 301 -13.29 -27.59 21.60
N PRO A 302 -13.42 -26.59 22.47
CA PRO A 302 -13.14 -25.21 22.04
C PRO A 302 -11.77 -25.11 21.38
N SER A 303 -11.74 -24.47 20.21
CA SER A 303 -10.55 -24.43 19.39
C SER A 303 -10.57 -23.19 18.51
N TYR A 304 -9.38 -22.58 18.33
CA TYR A 304 -9.29 -21.41 17.47
C TYR A 304 -9.64 -21.74 16.03
N ALA A 305 -9.48 -23.00 15.62
CA ALA A 305 -9.61 -23.40 14.23
C ALA A 305 -10.96 -24.02 13.90
N MET A 306 -11.98 -23.79 14.73
CA MET A 306 -13.24 -24.52 14.60
C MET A 306 -14.06 -24.10 13.39
N VAL A 307 -13.77 -22.93 12.80
CA VAL A 307 -14.55 -22.47 11.66
C VAL A 307 -14.07 -23.19 10.40
N GLN A 308 -14.57 -24.42 10.19
CA GLN A 308 -14.14 -25.23 9.06
C GLN A 308 -14.87 -24.88 7.77
N ASN A 309 -16.03 -24.23 7.86
CA ASN A 309 -16.81 -23.88 6.68
C ASN A 309 -17.94 -22.97 7.14
N ARG A 310 -18.64 -22.39 6.17
CA ARG A 310 -19.70 -21.45 6.51
C ARG A 310 -20.85 -22.14 7.23
N ARG A 311 -21.05 -23.44 7.00
CA ARG A 311 -22.10 -24.16 7.72
C ARG A 311 -21.85 -24.14 9.22
N VAL A 312 -20.58 -24.08 9.64
CA VAL A 312 -20.30 -23.90 11.05
C VAL A 312 -20.88 -22.58 11.55
N ILE A 313 -20.71 -21.52 10.77
CA ILE A 313 -21.27 -20.23 11.14
C ILE A 313 -22.79 -20.31 11.20
N HIS A 314 -23.40 -21.00 10.22
CA HIS A 314 -24.85 -21.16 10.23
C HIS A 314 -25.30 -21.94 11.45
N ALA A 315 -24.58 -23.00 11.81
CA ALA A 315 -24.92 -23.77 12.99
C ALA A 315 -24.91 -22.89 14.24
N PHE A 316 -23.87 -22.07 14.39
CA PHE A 316 -23.78 -21.15 15.52
C PHE A 316 -25.00 -20.22 15.56
N ARG A 317 -25.46 -19.78 14.39
CA ARG A 317 -26.64 -18.92 14.33
C ARG A 317 -27.87 -19.64 14.85
N ASP A 318 -28.17 -20.82 14.29
CA ASP A 318 -29.36 -21.56 14.70
C ASP A 318 -29.25 -21.97 16.17
N ALA A 319 -28.07 -22.42 16.58
CA ALA A 319 -27.89 -22.85 17.97
C ALA A 319 -28.17 -21.71 18.95
N LEU A 320 -27.97 -20.46 18.52
CA LEU A 320 -28.02 -19.32 19.42
C LEU A 320 -29.23 -18.42 19.21
N GLN A 321 -29.77 -18.36 17.98
CA GLN A 321 -30.89 -17.46 17.71
C GLN A 321 -32.01 -17.65 18.73
N ILE A 322 -32.45 -18.89 18.92
CA ILE A 322 -33.56 -19.12 19.83
C ILE A 322 -33.13 -18.92 21.28
N ARG A 323 -31.89 -19.24 21.61
CA ARG A 323 -31.43 -19.11 23.00
C ARG A 323 -31.43 -17.65 23.43
N LEU A 324 -31.13 -16.73 22.52
CA LEU A 324 -31.18 -15.31 22.87
C LEU A 324 -32.61 -14.88 23.19
N SER A 325 -33.59 -15.44 22.50
CA SER A 325 -34.98 -15.14 22.84
C SER A 325 -35.32 -15.59 24.25
N GLN A 326 -34.86 -16.79 24.63
CA GLN A 326 -35.16 -17.31 25.95
C GLN A 326 -34.54 -16.43 27.03
N LEU A 327 -33.24 -16.14 26.91
CA LEU A 327 -32.54 -15.38 27.94
C LEU A 327 -33.15 -14.00 28.12
N GLU A 328 -33.52 -13.33 27.01
CA GLU A 328 -34.12 -12.01 27.11
C GLU A 328 -35.42 -12.05 27.92
N ALA A 329 -36.08 -13.20 27.97
CA ALA A 329 -37.29 -13.33 28.76
C ALA A 329 -37.00 -13.50 30.25
N LEU A 330 -35.80 -13.95 30.61
CA LEU A 330 -35.48 -14.22 32.00
C LEU A 330 -34.98 -12.98 32.75
N THR A 331 -34.88 -11.83 32.08
CA THR A 331 -34.36 -10.64 32.74
C THR A 331 -34.80 -9.39 32.00
N PRO A 332 -35.15 -8.31 32.69
CA PRO A 332 -35.38 -7.04 31.99
C PRO A 332 -34.08 -6.26 31.81
N ASP A 333 -33.11 -6.55 32.66
CA ASP A 333 -31.82 -5.89 32.60
C ASP A 333 -31.06 -6.35 31.36
N PRO A 334 -29.97 -5.64 31.00
CA PRO A 334 -29.18 -6.07 29.84
C PRO A 334 -28.50 -7.41 30.08
N ILE A 335 -28.07 -8.01 28.98
CA ILE A 335 -27.39 -9.30 28.98
C ILE A 335 -25.90 -9.06 28.78
N HIS A 336 -25.08 -9.62 29.65
CA HIS A 336 -23.64 -9.40 29.64
C HIS A 336 -22.95 -10.54 28.90
N VAL A 337 -22.20 -10.19 27.86
CA VAL A 337 -21.59 -11.18 26.97
C VAL A 337 -20.11 -11.29 27.29
N PHE A 338 -19.66 -12.51 27.58
CA PHE A 338 -18.26 -12.83 27.83
C PHE A 338 -17.89 -13.91 26.82
N ALA A 339 -17.35 -13.50 25.68
CA ALA A 339 -17.22 -14.36 24.51
C ALA A 339 -15.76 -14.60 24.16
N ALA A 340 -15.40 -15.88 24.03
CA ALA A 340 -14.15 -16.31 23.39
C ALA A 340 -14.59 -17.06 22.13
N ILE A 341 -14.76 -16.33 21.04
CA ILE A 341 -15.32 -16.88 19.80
C ILE A 341 -14.49 -16.41 18.62
N PRO A 342 -14.51 -17.17 17.51
CA PRO A 342 -13.79 -16.72 16.32
C PRO A 342 -14.39 -15.45 15.76
N ALA A 343 -13.57 -14.75 14.95
CA ALA A 343 -14.00 -13.48 14.37
C ALA A 343 -15.28 -13.64 13.56
N ALA A 344 -15.36 -14.71 12.75
CA ALA A 344 -16.52 -14.89 11.89
C ALA A 344 -17.80 -15.05 12.71
N LEU A 345 -17.71 -15.73 13.85
CA LEU A 345 -18.89 -15.91 14.69
C LEU A 345 -19.24 -14.64 15.46
N ALA A 346 -18.24 -13.82 15.79
CA ALA A 346 -18.52 -12.53 16.42
C ALA A 346 -19.37 -11.66 15.50
N ILE A 347 -19.14 -11.74 14.18
CA ILE A 347 -19.97 -11.00 13.25
C ILE A 347 -21.37 -11.59 13.20
N GLU A 348 -21.48 -12.92 13.18
CA GLU A 348 -22.79 -13.57 13.12
C GLU A 348 -23.61 -13.27 14.36
N PHE A 349 -22.98 -13.29 15.53
CA PHE A 349 -23.66 -12.93 16.76
C PHE A 349 -24.32 -11.55 16.62
N GLY A 350 -23.55 -10.56 16.16
CA GLY A 350 -24.10 -9.23 16.01
C GLY A 350 -25.29 -9.19 15.06
N ALA A 351 -25.21 -9.96 13.97
CA ALA A 351 -26.31 -9.98 13.02
C ALA A 351 -27.60 -10.49 13.65
N LEU A 352 -27.50 -11.31 14.70
CA LEU A 352 -28.69 -11.78 15.38
C LEU A 352 -29.36 -10.67 16.18
N LEU A 353 -28.59 -9.67 16.60
CA LEU A 353 -29.11 -8.57 17.41
C LEU A 353 -29.69 -7.47 16.54
N THR A 354 -30.45 -7.82 15.51
CA THR A 354 -31.01 -6.86 14.57
C THR A 354 -32.53 -7.01 14.50
N THR A 355 -33.16 -7.16 15.67
CA THR A 355 -34.60 -7.35 15.77
C THR A 355 -35.26 -6.03 16.15
N GLN A 356 -36.59 -6.01 16.03
CA GLN A 356 -37.37 -4.86 16.46
C GLN A 356 -37.52 -4.87 17.97
N HIS A 357 -37.37 -3.71 18.59
CA HIS A 357 -37.37 -3.58 20.05
C HIS A 357 -36.23 -4.41 20.64
N GLN A 358 -35.03 -4.20 20.10
CA GLN A 358 -33.90 -5.06 20.42
C GLN A 358 -33.53 -4.98 21.89
N HIS A 359 -33.40 -6.15 22.52
CA HIS A 359 -32.94 -6.23 23.89
C HIS A 359 -31.48 -5.76 23.98
N THR A 360 -31.15 -5.09 25.07
CA THR A 360 -29.82 -4.50 25.22
C THR A 360 -28.81 -5.56 25.63
N TYR A 361 -27.61 -5.47 25.03
CA TYR A 361 -26.51 -6.38 25.32
C TYR A 361 -25.27 -5.58 25.67
N LEU A 362 -24.65 -5.91 26.79
CA LEU A 362 -23.41 -5.28 27.23
C LEU A 362 -22.25 -6.24 26.98
N ILE A 363 -21.34 -5.85 26.09
CA ILE A 363 -20.25 -6.72 25.68
C ILE A 363 -19.05 -6.48 26.59
N PHE A 364 -18.58 -7.54 27.23
CA PHE A 364 -17.33 -7.53 27.98
C PHE A 364 -16.21 -8.08 27.12
N ASP A 365 -14.99 -7.64 27.39
CA ASP A 365 -13.83 -8.10 26.64
C ASP A 365 -12.61 -8.10 27.54
N ARG A 366 -11.62 -8.91 27.17
CA ARG A 366 -10.37 -8.94 27.90
C ARG A 366 -9.70 -7.57 27.84
N ASP A 367 -9.08 -7.16 28.96
CA ASP A 367 -8.52 -5.83 29.12
C ASP A 367 -7.04 -5.96 29.46
N LYS A 368 -6.17 -5.60 28.51
CA LYS A 368 -4.74 -5.67 28.77
C LYS A 368 -4.33 -4.73 29.90
N GLU A 369 -5.09 -3.66 30.12
CA GLU A 369 -4.74 -2.72 31.20
C GLU A 369 -5.08 -3.30 32.56
N ASN A 370 -6.07 -4.18 32.65
CA ASN A 370 -6.54 -4.74 33.92
C ASN A 370 -6.11 -6.20 34.07
N GLN A 371 -4.86 -6.50 33.71
CA GLN A 371 -4.28 -7.84 33.93
C GLN A 371 -5.16 -8.93 33.32
N ASP A 372 -5.79 -8.63 32.19
CA ASP A 372 -6.60 -9.56 31.40
C ASP A 372 -8.00 -9.77 31.97
N ARG A 373 -8.44 -8.94 32.90
CA ARG A 373 -9.80 -9.07 33.41
C ARG A 373 -10.81 -8.65 32.36
N PHE A 374 -11.96 -9.32 32.38
CA PHE A 374 -13.06 -8.95 31.49
C PHE A 374 -13.58 -7.57 31.87
N THR A 375 -13.47 -6.62 30.95
CA THR A 375 -13.95 -5.26 31.15
C THR A 375 -15.12 -4.97 30.21
N GLN A 376 -16.11 -4.25 30.72
CA GLN A 376 -17.25 -3.87 29.89
C GLN A 376 -16.83 -2.87 28.83
N THR A 377 -17.21 -3.12 27.58
CA THR A 377 -16.81 -2.27 26.46
C THR A 377 -18.01 -1.61 25.80
N LEU A 378 -18.63 -2.29 24.85
CA LEU A 378 -19.68 -1.71 24.04
C LEU A 378 -21.06 -2.21 24.45
N GLN A 379 -22.05 -1.33 24.33
CA GLN A 379 -23.45 -1.69 24.49
C GLN A 379 -24.11 -1.76 23.12
N LEU A 380 -24.84 -2.84 22.87
CA LEU A 380 -25.53 -3.05 21.61
C LEU A 380 -27.03 -3.16 21.88
N GLY A 381 -27.81 -2.27 21.28
CA GLY A 381 -29.23 -2.23 21.48
C GLY A 381 -29.99 -1.91 20.20
N PRO A 382 -31.23 -1.41 20.33
CA PRO A 382 -32.03 -1.10 19.15
C PRO A 382 -31.51 0.11 18.38
N ASN B 15 -17.76 -12.83 -37.58
CA ASN B 15 -17.43 -11.40 -37.81
C ASN B 15 -16.29 -10.94 -36.90
N THR B 16 -15.14 -11.60 -37.00
CA THR B 16 -13.99 -11.28 -36.15
C THR B 16 -12.71 -11.53 -36.94
N ASN B 17 -11.62 -10.86 -36.52
CA ASN B 17 -10.30 -11.01 -37.11
C ASN B 17 -9.49 -12.00 -36.26
N ASP B 18 -8.35 -12.44 -36.81
CA ASP B 18 -7.57 -13.51 -36.15
C ASP B 18 -6.96 -13.03 -34.83
N GLU B 19 -6.62 -11.73 -34.75
CA GLU B 19 -6.14 -11.19 -33.48
C GLU B 19 -7.25 -11.21 -32.43
N THR B 20 -8.46 -10.81 -32.84
CA THR B 20 -9.60 -10.80 -31.93
C THR B 20 -9.90 -12.22 -31.42
N LYS B 21 -9.71 -13.21 -32.30
CA LYS B 21 -9.92 -14.61 -31.93
C LYS B 21 -8.80 -15.11 -31.00
N ARG B 22 -7.57 -14.75 -31.33
CA ARG B 22 -6.44 -15.10 -30.45
C ARG B 22 -6.60 -14.47 -29.07
N ILE B 23 -7.17 -13.26 -29.03
CA ILE B 23 -7.37 -12.55 -27.76
C ILE B 23 -8.52 -13.19 -26.97
N VAL B 24 -9.63 -13.47 -27.65
CA VAL B 24 -10.79 -14.13 -27.00
C VAL B 24 -10.39 -15.52 -26.50
N TRP B 25 -9.57 -16.23 -27.29
CA TRP B 25 -9.14 -17.59 -26.90
C TRP B 25 -8.13 -17.54 -25.75
N THR B 26 -7.24 -16.55 -25.75
CA THR B 26 -6.23 -16.45 -24.69
C THR B 26 -6.84 -15.90 -23.39
N GLN B 27 -7.80 -14.97 -23.50
CA GLN B 27 -8.38 -14.37 -22.30
C GLN B 27 -9.37 -15.31 -21.60
N THR B 28 -9.94 -16.25 -22.34
CA THR B 28 -10.85 -17.24 -21.77
C THR B 28 -10.15 -18.53 -21.38
N ALA B 29 -8.83 -18.61 -21.58
CA ALA B 29 -8.05 -19.81 -21.27
C ALA B 29 -8.51 -21.02 -22.09
N GLY B 30 -9.28 -20.80 -23.15
CA GLY B 30 -9.67 -21.88 -24.02
C GLY B 30 -10.78 -22.76 -23.52
N HIS B 31 -11.64 -22.25 -22.65
CA HIS B 31 -12.82 -22.99 -22.19
C HIS B 31 -14.07 -22.25 -22.63
N CYS B 32 -15.15 -23.01 -22.85
CA CYS B 32 -16.45 -22.39 -23.07
C CYS B 32 -16.88 -21.64 -21.82
N GLU B 33 -17.37 -20.41 -22.00
CA GLU B 33 -17.70 -19.57 -20.85
C GLU B 33 -18.99 -19.99 -20.16
N LEU B 34 -19.81 -20.83 -20.80
CA LEU B 34 -21.07 -21.24 -20.19
C LEU B 34 -20.96 -22.57 -19.45
N CYS B 35 -20.29 -23.56 -20.04
CA CYS B 35 -20.16 -24.87 -19.42
C CYS B 35 -18.77 -25.16 -18.88
N GLY B 36 -17.73 -24.56 -19.46
CA GLY B 36 -16.39 -24.71 -18.94
C GLY B 36 -15.59 -25.85 -19.53
N THR B 37 -16.07 -26.49 -20.59
CA THR B 37 -15.32 -27.56 -21.24
C THR B 37 -14.04 -27.02 -21.85
N ASP B 38 -12.99 -27.84 -21.84
CA ASP B 38 -11.71 -27.47 -22.41
C ASP B 38 -11.82 -27.58 -23.93
N LEU B 39 -11.93 -26.45 -24.61
CA LEU B 39 -12.01 -26.45 -26.07
C LEU B 39 -10.69 -26.80 -26.73
N THR B 40 -9.62 -27.01 -25.97
CA THR B 40 -8.36 -27.51 -26.48
C THR B 40 -8.28 -29.03 -26.40
N PHE B 41 -9.40 -29.69 -26.12
CA PHE B 41 -9.38 -31.13 -25.88
C PHE B 41 -8.82 -31.88 -27.08
N ASP B 42 -9.19 -31.47 -28.30
CA ASP B 42 -8.71 -32.16 -29.48
C ASP B 42 -7.19 -32.18 -29.54
N TYR B 43 -6.55 -31.10 -29.12
CA TYR B 43 -5.09 -31.11 -29.03
C TYR B 43 -4.61 -32.12 -28.00
N ARG B 44 -5.29 -32.18 -26.85
CA ARG B 44 -4.91 -33.14 -25.82
C ARG B 44 -5.03 -34.57 -26.33
N ALA B 45 -5.95 -34.82 -27.26
CA ALA B 45 -6.18 -36.14 -27.80
C ALA B 45 -5.30 -36.45 -29.01
N GLY B 46 -4.33 -35.59 -29.31
CA GLY B 46 -3.44 -35.81 -30.43
C GLY B 46 -4.01 -35.47 -31.78
N LYS B 47 -5.15 -34.77 -31.83
CA LYS B 47 -5.75 -34.36 -33.10
C LYS B 47 -5.38 -32.92 -33.41
N PRO B 48 -5.30 -32.54 -34.70
CA PRO B 48 -5.06 -31.14 -35.03
C PRO B 48 -6.17 -30.24 -34.50
N MET B 49 -5.80 -29.03 -34.10
CA MET B 49 -6.76 -28.09 -33.54
C MET B 49 -7.44 -27.33 -34.67
N LYS B 50 -8.76 -27.50 -34.78
CA LYS B 50 -9.59 -26.68 -35.67
C LYS B 50 -10.23 -25.57 -34.84
N TRP B 51 -9.39 -24.59 -34.49
CA TRP B 51 -9.84 -23.50 -33.63
C TRP B 51 -11.19 -22.95 -34.08
N GLY B 52 -11.41 -22.86 -35.39
CA GLY B 52 -12.66 -22.30 -35.91
C GLY B 52 -13.84 -23.23 -35.90
N GLU B 53 -13.61 -24.54 -35.84
CA GLU B 53 -14.69 -25.50 -35.83
C GLU B 53 -15.07 -25.99 -34.43
N VAL B 54 -14.16 -25.87 -33.46
CA VAL B 54 -14.45 -26.36 -32.12
C VAL B 54 -15.04 -25.28 -31.22
N ALA B 55 -15.09 -24.04 -31.68
CA ALA B 55 -15.54 -22.93 -30.83
C ALA B 55 -16.24 -21.88 -31.67
N HIS B 56 -17.00 -21.04 -30.97
CA HIS B 56 -17.72 -19.92 -31.58
C HIS B 56 -17.43 -18.67 -30.75
N ILE B 57 -17.03 -17.59 -31.45
CA ILE B 57 -16.83 -16.28 -30.82
C ILE B 57 -18.01 -15.40 -31.21
N LEU B 58 -18.77 -14.93 -30.19
CA LEU B 58 -20.05 -14.24 -30.40
C LEU B 58 -20.24 -13.15 -29.36
N PRO B 59 -20.74 -11.97 -29.74
CA PRO B 59 -20.94 -10.91 -28.75
C PRO B 59 -21.73 -11.36 -27.55
N ALA B 60 -21.49 -10.73 -26.41
CA ALA B 60 -22.12 -11.13 -25.15
C ALA B 60 -23.49 -10.52 -24.94
N SER B 61 -23.83 -9.44 -25.64
CA SER B 61 -25.12 -8.77 -25.47
C SER B 61 -25.87 -8.73 -26.81
N PRO B 62 -27.21 -8.73 -26.78
CA PRO B 62 -27.99 -8.64 -28.01
C PRO B 62 -27.69 -7.38 -28.82
N ASP B 79 -15.56 -4.95 -29.80
CA ASP B 79 -14.50 -4.93 -28.78
C ASP B 79 -14.29 -6.38 -28.29
N THR B 80 -13.04 -6.73 -28.03
CA THR B 80 -12.72 -8.07 -27.55
C THR B 80 -13.27 -8.26 -26.14
N ALA B 81 -13.36 -7.21 -25.33
CA ALA B 81 -13.83 -7.35 -23.97
C ALA B 81 -15.28 -7.84 -23.89
N ASN B 82 -16.04 -7.71 -24.97
CA ASN B 82 -17.46 -8.06 -24.97
C ASN B 82 -17.74 -9.18 -25.96
N LEU B 83 -16.73 -10.01 -26.23
CA LEU B 83 -16.87 -11.18 -27.08
C LEU B 83 -16.65 -12.42 -26.23
N MET B 84 -17.50 -13.43 -26.42
CA MET B 84 -17.43 -14.66 -25.64
C MET B 84 -16.90 -15.80 -26.49
N LEU B 85 -16.21 -16.73 -25.84
CA LEU B 85 -15.82 -17.99 -26.45
C LEU B 85 -16.77 -19.08 -25.95
N LEU B 86 -17.43 -19.75 -26.88
CA LEU B 86 -18.43 -20.76 -26.54
C LEU B 86 -18.18 -22.02 -27.36
N CYS B 87 -18.58 -23.16 -26.78
CA CYS B 87 -18.57 -24.41 -27.51
C CYS B 87 -19.78 -24.47 -28.44
N PRO B 88 -19.74 -25.33 -29.46
CA PRO B 88 -20.87 -25.37 -30.40
C PRO B 88 -22.20 -25.68 -29.73
N GLY B 89 -22.23 -26.66 -28.84
CA GLY B 89 -23.47 -26.99 -28.15
C GLY B 89 -24.03 -25.81 -27.38
N CYS B 90 -23.19 -25.14 -26.60
CA CYS B 90 -23.65 -23.99 -25.84
C CYS B 90 -23.98 -22.81 -26.75
N HIS B 91 -23.34 -22.73 -27.91
CA HIS B 91 -23.63 -21.64 -28.85
C HIS B 91 -25.02 -21.80 -29.44
N ASP B 92 -25.37 -23.01 -29.88
CA ASP B 92 -26.68 -23.24 -30.46
C ASP B 92 -27.81 -22.98 -29.48
N LYS B 93 -27.53 -23.04 -28.17
CA LYS B 93 -28.57 -22.78 -27.19
C LYS B 93 -28.84 -21.29 -27.02
N ILE B 94 -27.79 -20.48 -27.01
CA ILE B 94 -27.98 -19.05 -26.77
C ILE B 94 -28.33 -18.31 -28.04
N ASP B 95 -27.81 -18.75 -29.18
CA ASP B 95 -28.06 -18.10 -30.48
C ASP B 95 -28.98 -19.01 -31.28
N ARG B 96 -30.27 -18.99 -30.92
CA ARG B 96 -31.23 -19.85 -31.59
C ARG B 96 -31.71 -19.27 -32.91
N ASP B 97 -31.77 -17.94 -33.02
CA ASP B 97 -32.20 -17.28 -34.25
C ASP B 97 -31.07 -17.14 -35.27
N ALA B 98 -29.85 -17.55 -34.93
CA ALA B 98 -28.71 -17.60 -35.83
C ALA B 98 -28.26 -16.23 -36.31
N ASP B 99 -28.76 -15.14 -35.71
CA ASP B 99 -28.37 -13.81 -36.12
C ASP B 99 -26.95 -13.44 -35.71
N GLY B 100 -26.25 -14.32 -35.00
CA GLY B 100 -24.92 -14.04 -34.52
C GLY B 100 -24.85 -13.31 -33.20
N TYR B 101 -25.99 -13.08 -32.55
CA TYR B 101 -26.05 -12.35 -31.29
C TYR B 101 -26.90 -13.14 -30.30
N PRO B 102 -26.63 -13.01 -29.00
CA PRO B 102 -27.42 -13.73 -28.01
C PRO B 102 -28.79 -13.10 -27.82
N GLU B 103 -29.76 -13.95 -27.47
CA GLU B 103 -31.10 -13.45 -27.22
C GLU B 103 -31.15 -12.66 -25.91
N ASN B 104 -30.49 -13.17 -24.88
CA ASN B 104 -30.40 -12.50 -23.59
C ASN B 104 -29.03 -11.87 -23.41
N ASP B 105 -28.94 -10.96 -22.44
CA ASP B 105 -27.68 -10.29 -22.14
C ASP B 105 -26.85 -11.20 -21.25
N LEU B 106 -25.75 -11.73 -21.80
CA LEU B 106 -24.82 -12.56 -21.06
C LEU B 106 -23.62 -11.77 -20.57
N SER B 107 -23.71 -10.44 -20.60
CA SER B 107 -22.58 -9.61 -20.19
C SER B 107 -22.17 -9.89 -18.75
N GLY B 108 -23.14 -10.11 -17.88
CA GLY B 108 -22.82 -10.37 -16.48
C GLY B 108 -21.99 -11.63 -16.31
N LEU B 109 -22.42 -12.72 -16.95
CA LEU B 109 -21.68 -13.97 -16.86
C LEU B 109 -20.32 -13.85 -17.53
N HIS B 110 -20.27 -13.24 -18.71
CA HIS B 110 -19.03 -13.14 -19.47
C HIS B 110 -17.97 -12.37 -18.69
N GLN B 111 -18.35 -11.23 -18.12
CA GLN B 111 -17.40 -10.44 -17.36
C GLN B 111 -16.99 -11.13 -16.06
N ALA B 112 -17.91 -11.88 -15.45
CA ALA B 112 -17.54 -12.67 -14.28
C ALA B 112 -16.52 -13.74 -14.65
N TYR B 113 -16.69 -14.38 -15.82
CA TYR B 113 -15.77 -15.42 -16.24
C TYR B 113 -14.38 -14.85 -16.48
N LEU B 114 -14.29 -13.72 -17.17
CA LEU B 114 -12.98 -13.11 -17.41
C LEU B 114 -12.33 -12.66 -16.11
N GLU B 115 -13.14 -12.16 -15.17
CA GLU B 115 -12.60 -11.74 -13.88
C GLU B 115 -12.02 -12.93 -13.12
N ARG B 116 -12.68 -14.08 -13.21
CA ARG B 116 -12.15 -15.26 -12.52
C ARG B 116 -10.85 -15.75 -13.17
N ILE B 117 -10.80 -15.75 -14.51
CA ILE B 117 -9.57 -16.15 -15.18
C ILE B 117 -8.45 -15.18 -14.84
N ARG B 118 -8.74 -13.87 -14.92
CA ARG B 118 -7.73 -12.88 -14.56
C ARG B 118 -7.21 -13.11 -13.15
N LEU B 119 -8.12 -13.39 -12.20
CA LEU B 119 -7.70 -13.62 -10.82
C LEU B 119 -6.76 -14.81 -10.73
N ALA B 120 -7.06 -15.90 -11.44
CA ALA B 120 -6.21 -17.08 -11.39
C ALA B 120 -4.87 -16.81 -12.07
N ALA B 121 -4.88 -16.14 -13.21
CA ALA B 121 -3.65 -15.92 -13.96
C ALA B 121 -2.68 -15.02 -13.22
N THR B 122 -3.19 -14.05 -12.46
CA THR B 122 -2.34 -13.13 -11.72
C THR B 122 -1.92 -13.66 -10.36
N THR B 123 -2.38 -14.86 -9.99
CA THR B 123 -2.05 -15.42 -8.69
C THR B 123 -0.55 -15.40 -8.38
N PRO B 124 0.35 -15.73 -9.31
CA PRO B 124 1.78 -15.65 -9.00
C PRO B 124 2.19 -14.28 -8.47
N ASP B 125 1.40 -13.25 -8.78
CA ASP B 125 1.66 -11.92 -8.23
C ASP B 125 1.37 -11.85 -6.73
N GLY B 126 0.51 -12.74 -6.22
CA GLY B 126 0.23 -12.81 -4.81
C GLY B 126 1.31 -13.45 -3.98
N GLY B 127 2.45 -13.78 -4.59
CA GLY B 127 3.53 -14.45 -3.92
C GLY B 127 4.62 -13.54 -3.39
N ARG B 128 4.49 -12.23 -3.58
CA ARG B 128 5.49 -11.30 -3.07
C ARG B 128 5.72 -11.56 -1.59
N ALA B 129 6.97 -11.84 -1.22
CA ALA B 129 7.31 -12.27 0.12
C ALA B 129 8.56 -11.55 0.60
N ILE B 130 8.69 -11.52 1.92
CA ILE B 130 9.86 -10.96 2.61
C ILE B 130 10.64 -12.11 3.22
N PRO B 131 11.88 -12.36 2.82
CA PRO B 131 12.67 -13.40 3.48
C PRO B 131 13.20 -12.92 4.82
N LEU B 132 12.92 -13.67 5.88
CA LEU B 132 13.39 -13.35 7.23
C LEU B 132 14.04 -14.58 7.84
N ILE B 133 15.33 -14.48 8.15
CA ILE B 133 16.09 -15.57 8.74
C ILE B 133 16.62 -15.04 10.08
N VAL B 134 15.96 -15.41 11.19
CA VAL B 134 16.33 -14.99 12.54
C VAL B 134 17.10 -16.13 13.20
N GLN B 135 18.25 -15.80 13.81
CA GLN B 135 19.10 -16.83 14.39
C GLN B 135 19.79 -16.28 15.64
N SER B 136 20.26 -17.20 16.47
CA SER B 136 21.14 -16.86 17.58
C SER B 136 22.58 -16.87 17.09
N GLN B 137 23.42 -16.04 17.72
CA GLN B 137 24.82 -16.00 17.33
C GLN B 137 25.48 -17.36 17.44
N HIS B 138 24.98 -18.23 18.32
CA HIS B 138 25.51 -19.58 18.42
C HIS B 138 25.18 -20.39 17.18
N PHE B 139 23.89 -20.54 16.87
CA PHE B 139 23.50 -21.28 15.67
C PHE B 139 23.92 -20.55 14.41
N GLN B 140 24.06 -19.22 14.47
CA GLN B 140 24.55 -18.48 13.32
C GLN B 140 26.00 -18.84 13.02
N THR B 141 26.83 -18.96 14.05
CA THR B 141 28.22 -19.35 13.85
C THR B 141 28.35 -20.85 13.58
N ILE B 142 27.51 -21.67 14.19
CA ILE B 142 27.60 -23.11 14.00
C ILE B 142 26.82 -23.56 12.77
N ASN B 143 25.77 -22.84 12.39
CA ASN B 143 24.90 -23.27 11.29
C ASN B 143 24.28 -22.05 10.63
N ASP B 144 25.12 -21.16 10.10
CA ASP B 144 24.62 -20.00 9.38
C ASP B 144 23.69 -20.45 8.27
N ILE B 145 22.41 -20.07 8.35
CA ILE B 145 21.41 -20.38 7.33
C ILE B 145 21.57 -19.31 6.23
N PRO B 146 21.99 -19.67 5.02
CA PRO B 146 22.13 -18.69 3.94
C PRO B 146 20.77 -18.29 3.37
N VAL B 147 20.66 -17.02 2.97
CA VAL B 147 19.42 -16.54 2.39
C VAL B 147 19.08 -17.30 1.11
N ARG B 148 20.10 -17.71 0.36
CA ARG B 148 19.88 -18.53 -0.83
C ARG B 148 19.00 -19.73 -0.48
N ASP B 149 19.31 -20.40 0.63
CA ASP B 149 18.57 -21.61 1.00
C ASP B 149 17.11 -21.27 1.32
N LEU B 150 16.88 -20.13 1.97
CA LEU B 150 15.49 -19.70 2.21
C LEU B 150 14.79 -19.30 0.89
N LEU B 151 15.50 -18.53 0.04
CA LEU B 151 14.87 -18.04 -1.19
C LEU B 151 14.46 -19.18 -2.15
N THR B 152 15.30 -20.20 -2.28
CA THR B 152 14.97 -21.31 -3.16
C THR B 152 13.82 -22.13 -2.61
N ALA B 153 13.70 -22.21 -1.28
CA ALA B 153 12.56 -22.89 -0.69
C ALA B 153 11.28 -22.06 -0.85
N MET B 154 11.39 -20.75 -0.66
CA MET B 154 10.27 -19.87 -0.95
C MET B 154 9.86 -19.97 -2.41
N SER B 155 10.85 -19.95 -3.32
CA SER B 155 10.55 -19.96 -4.74
C SER B 155 9.74 -21.19 -5.13
N ALA B 156 10.07 -22.34 -4.54
CA ALA B 156 9.35 -23.57 -4.87
C ALA B 156 7.88 -23.49 -4.48
N GLU B 157 7.56 -22.72 -3.44
CA GLU B 157 6.18 -22.55 -2.98
C GLU B 157 5.51 -21.34 -3.62
N GLY B 158 6.07 -20.80 -4.70
CA GLY B 158 5.50 -19.63 -5.33
C GLY B 158 5.74 -18.33 -4.62
N LEU B 159 6.44 -18.34 -3.48
CA LEU B 159 6.78 -17.10 -2.78
C LEU B 159 8.00 -16.48 -3.46
N THR B 160 7.85 -15.22 -3.89
CA THR B 160 8.88 -14.54 -4.67
C THR B 160 9.34 -13.30 -3.92
N ALA B 161 10.62 -13.26 -3.56
CA ALA B 161 11.18 -12.09 -2.92
C ALA B 161 11.54 -11.04 -3.96
N PHE B 162 11.43 -9.77 -3.55
CA PHE B 162 11.70 -8.65 -4.44
C PHE B 162 12.88 -7.81 -3.99
N ASP B 163 13.55 -8.17 -2.90
CA ASP B 163 14.69 -7.41 -2.41
C ASP B 163 15.52 -8.31 -1.51
N GLN B 164 16.62 -7.77 -1.00
CA GLN B 164 17.49 -8.51 -0.12
C GLN B 164 16.70 -9.08 1.06
N GLY B 165 17.05 -10.29 1.47
CA GLY B 165 16.42 -10.90 2.62
C GLY B 165 16.93 -10.32 3.92
N ILE B 166 16.08 -10.38 4.94
CA ILE B 166 16.43 -9.89 6.27
C ILE B 166 17.05 -11.05 7.04
N LYS B 167 18.34 -10.97 7.32
CA LYS B 167 19.03 -11.94 8.15
C LYS B 167 19.43 -11.23 9.44
N ILE B 168 18.78 -11.61 10.54
CA ILE B 168 19.00 -10.97 11.84
C ILE B 168 19.69 -11.97 12.75
N ALA B 169 20.36 -11.43 13.77
CA ALA B 169 20.90 -12.22 14.87
C ALA B 169 20.43 -11.59 16.17
N PHE B 170 19.93 -12.41 17.09
CA PHE B 170 19.48 -11.89 18.39
C PHE B 170 20.64 -11.19 19.10
N ALA B 171 20.37 -9.99 19.60
CA ALA B 171 21.39 -9.22 20.29
C ALA B 171 21.90 -9.98 21.52
N ALA B 172 23.11 -9.62 21.95
CA ALA B 172 23.71 -10.23 23.12
C ALA B 172 23.21 -9.53 24.39
N PRO B 173 23.02 -10.26 25.48
CA PRO B 173 22.47 -9.64 26.70
C PRO B 173 23.49 -8.72 27.35
N GLY B 174 22.96 -7.76 28.11
CA GLY B 174 23.79 -6.84 28.84
C GLY B 174 24.17 -7.39 30.21
N PRO B 175 24.47 -6.50 31.16
CA PRO B 175 24.82 -6.98 32.51
C PRO B 175 23.62 -7.50 33.27
N ARG B 176 22.41 -7.12 32.85
CA ARG B 176 21.18 -7.61 33.46
C ARG B 176 20.67 -8.88 32.80
N GLY B 177 21.33 -9.35 31.74
CA GLY B 177 20.90 -10.55 31.06
C GLY B 177 19.72 -10.28 30.14
N ARG B 178 18.96 -11.34 29.90
CA ARG B 178 17.78 -11.26 29.04
C ARG B 178 16.55 -10.95 29.89
N ASP B 179 16.55 -9.72 30.40
CA ASP B 179 15.43 -9.23 31.21
C ASP B 179 14.28 -8.80 30.32
N THR B 180 13.22 -8.30 30.94
CA THR B 180 12.06 -7.84 30.16
C THR B 180 12.45 -6.73 29.20
N THR B 181 13.40 -5.88 29.57
CA THR B 181 13.88 -4.86 28.65
C THR B 181 14.51 -5.50 27.42
N TYR B 182 15.41 -6.46 27.62
CA TYR B 182 16.04 -7.15 26.50
C TYR B 182 14.99 -7.70 25.55
N TRP B 183 14.01 -8.43 26.09
CA TRP B 183 13.01 -9.05 25.24
C TRP B 183 12.11 -8.02 24.56
N GLN B 184 11.87 -6.87 25.22
CA GLN B 184 11.11 -5.81 24.56
C GLN B 184 11.92 -5.16 23.45
N ASN B 185 13.25 -5.16 23.56
CA ASN B 185 14.08 -4.66 22.47
C ASN B 185 14.12 -5.66 21.32
N VAL B 186 14.22 -6.95 21.63
CA VAL B 186 14.12 -7.98 20.60
C VAL B 186 12.85 -7.76 19.78
N LYS B 187 11.71 -7.74 20.47
CA LYS B 187 10.43 -7.55 19.79
C LYS B 187 10.42 -6.27 18.97
N ASP B 188 10.79 -5.15 19.59
CA ASP B 188 10.77 -3.87 18.89
C ASP B 188 11.71 -3.88 17.69
N SER B 189 12.83 -4.59 17.77
CA SER B 189 13.76 -4.65 16.64
C SER B 189 13.17 -5.43 15.49
N VAL B 190 12.69 -6.65 15.76
CA VAL B 190 12.10 -7.47 14.70
C VAL B 190 10.94 -6.75 14.05
N GLN B 191 10.05 -6.18 14.86
CA GLN B 191 8.82 -5.60 14.31
C GLN B 191 9.11 -4.36 13.49
N TYR B 192 10.06 -3.53 13.91
CA TYR B 192 10.39 -2.33 13.15
C TYR B 192 10.89 -2.70 11.76
N GLU B 193 11.80 -3.67 11.67
CA GLU B 193 12.30 -4.08 10.36
C GLU B 193 11.22 -4.82 9.57
N LEU B 194 10.42 -5.64 10.25
CA LEU B 194 9.32 -6.31 9.58
C LEU B 194 8.35 -5.29 8.99
N GLU B 195 7.98 -4.28 9.78
CA GLU B 195 6.99 -3.31 9.32
C GLU B 195 7.54 -2.46 8.19
N GLN B 196 8.86 -2.24 8.15
CA GLN B 196 9.43 -1.47 7.05
C GLN B 196 9.30 -2.20 5.72
N GLN B 197 9.37 -3.53 5.72
CA GLN B 197 9.22 -4.27 4.48
C GLN B 197 7.75 -4.52 4.13
N LEU B 198 6.87 -4.56 5.13
CA LEU B 198 5.45 -4.71 4.84
C LEU B 198 4.84 -3.45 4.25
N LYS B 199 5.45 -2.29 4.49
CA LYS B 199 5.04 -1.07 3.81
C LYS B 199 5.21 -1.17 2.30
N ARG B 200 6.10 -2.05 1.83
CA ARG B 200 6.36 -2.21 0.41
C ARG B 200 5.26 -3.05 -0.23
N ARG B 201 4.07 -2.46 -0.26
CA ARG B 201 2.91 -3.13 -0.84
C ARG B 201 3.11 -3.28 -2.35
N GLY B 202 2.34 -4.21 -2.91
CA GLY B 202 2.44 -4.48 -4.33
C GLY B 202 1.33 -5.40 -4.77
N GLY B 203 1.58 -6.12 -5.85
CA GLY B 203 0.58 -7.02 -6.38
C GLY B 203 -0.55 -6.24 -7.03
N THR B 204 -1.60 -7.00 -7.35
CA THR B 204 -2.71 -6.44 -8.12
C THR B 204 -3.61 -5.55 -7.28
N TYR B 205 -3.64 -5.72 -5.95
CA TYR B 205 -4.56 -5.00 -5.10
C TYR B 205 -3.84 -4.26 -3.97
N GLY B 206 -2.54 -4.01 -4.13
CA GLY B 206 -1.81 -3.31 -3.09
C GLY B 206 -1.63 -4.08 -1.81
N ASP B 207 -1.67 -5.40 -1.87
CA ASP B 207 -1.50 -6.21 -0.67
C ASP B 207 -0.08 -6.07 -0.13
N SER B 208 0.04 -6.05 1.19
CA SER B 208 1.36 -6.15 1.81
C SER B 208 2.00 -7.49 1.43
N PRO B 209 3.32 -7.53 1.30
CA PRO B 209 3.98 -8.79 0.96
C PRO B 209 3.85 -9.82 2.07
N ALA B 210 3.89 -11.09 1.68
CA ALA B 210 3.89 -12.17 2.66
C ALA B 210 5.22 -12.18 3.42
N LEU B 211 5.20 -12.83 4.57
CA LEU B 211 6.40 -13.00 5.39
C LEU B 211 6.82 -14.47 5.36
N ALA B 212 8.02 -14.72 4.85
CA ALA B 212 8.64 -16.04 4.87
C ALA B 212 9.72 -16.01 5.95
N VAL B 213 9.55 -16.80 7.00
CA VAL B 213 10.39 -16.71 8.19
C VAL B 213 10.89 -18.10 8.59
N VAL B 214 12.18 -18.19 8.89
CA VAL B 214 12.79 -19.40 9.45
C VAL B 214 13.59 -18.96 10.68
N GLY B 215 13.57 -19.77 11.71
CA GLY B 215 14.28 -19.46 12.94
C GLY B 215 15.12 -20.62 13.43
N LEU B 216 16.33 -20.30 13.90
CA LEU B 216 17.23 -21.27 14.52
C LEU B 216 17.90 -20.54 15.70
N ALA B 217 17.28 -20.65 16.86
CA ALA B 217 17.79 -20.01 18.08
C ALA B 217 17.17 -20.74 19.26
N ASP B 218 17.56 -20.34 20.47
CA ASP B 218 16.99 -20.94 21.66
C ASP B 218 15.47 -20.76 21.66
N ILE B 219 14.78 -21.72 22.25
CA ILE B 219 13.31 -21.74 22.24
C ILE B 219 12.74 -20.43 22.74
N PRO B 220 13.10 -19.93 23.93
CA PRO B 220 12.54 -18.64 24.38
C PRO B 220 12.70 -17.52 23.36
N ALA B 221 13.84 -17.44 22.68
CA ALA B 221 14.02 -16.42 21.66
C ALA B 221 13.13 -16.67 20.46
N LEU B 222 12.94 -17.95 20.10
CA LEU B 222 12.04 -18.28 18.99
C LEU B 222 10.60 -17.94 19.34
N MET B 223 10.19 -18.18 20.59
CA MET B 223 8.85 -17.79 21.01
C MET B 223 8.67 -16.28 20.90
N MET B 224 9.66 -15.50 21.31
CA MET B 224 9.56 -14.05 21.18
C MET B 224 9.52 -13.62 19.72
N LEU B 225 10.17 -14.39 18.83
CA LEU B 225 10.01 -14.12 17.41
C LEU B 225 8.55 -14.29 16.99
N GLY B 226 7.94 -15.40 17.40
CA GLY B 226 6.52 -15.56 17.16
C GLY B 226 5.69 -14.47 17.78
N GLN B 227 6.03 -14.06 19.01
CA GLN B 227 5.36 -12.94 19.64
C GLN B 227 5.39 -11.70 18.75
N SER B 228 6.42 -11.56 17.93
CA SER B 228 6.59 -10.35 17.13
C SER B 228 5.78 -10.42 15.84
N ILE B 229 5.77 -11.59 15.19
CA ILE B 229 5.12 -11.70 13.89
C ILE B 229 3.62 -11.99 14.02
N GLY B 230 3.21 -12.63 15.12
CA GLY B 230 1.83 -13.01 15.26
C GLY B 230 1.44 -14.07 14.24
N ASP B 231 0.12 -14.29 14.14
CA ASP B 231 -0.41 -15.29 13.23
C ASP B 231 -1.64 -14.78 12.49
N ARG B 232 -1.73 -13.47 12.29
CA ARG B 232 -2.89 -12.84 11.68
C ARG B 232 -2.47 -12.01 10.47
N SER B 233 -1.73 -12.63 9.56
CA SER B 233 -1.25 -11.98 8.35
C SER B 233 -0.69 -13.07 7.46
N LYS B 234 -0.49 -12.74 6.18
CA LYS B 234 0.05 -13.73 5.26
C LYS B 234 1.49 -14.06 5.66
N ARG B 235 1.66 -15.08 6.50
CA ARG B 235 2.96 -15.46 7.02
C ARG B 235 3.15 -16.96 6.86
N LEU B 236 4.30 -17.36 6.32
CA LEU B 236 4.61 -18.77 6.07
C LEU B 236 5.92 -19.09 6.76
N ILE B 237 5.86 -19.95 7.77
CA ILE B 237 7.05 -20.39 8.47
C ILE B 237 7.77 -21.44 7.63
N PHE B 238 9.10 -21.42 7.65
CA PHE B 238 9.95 -22.43 7.05
C PHE B 238 10.78 -23.02 8.18
N SER B 239 11.18 -24.29 8.04
CA SER B 239 11.86 -25.02 9.11
C SER B 239 13.20 -25.57 8.62
N PHE B 240 14.29 -25.23 9.30
CA PHE B 240 15.59 -25.80 8.95
C PHE B 240 15.61 -27.28 9.38
N HIS B 241 15.82 -28.18 8.43
CA HIS B 241 15.87 -29.62 8.67
C HIS B 241 17.32 -30.08 8.56
N ARG B 242 17.71 -30.98 9.47
CA ARG B 242 19.08 -31.48 9.48
C ARG B 242 19.54 -31.92 8.09
N GLU B 243 18.70 -32.71 7.41
CA GLU B 243 19.06 -33.26 6.10
C GLU B 243 18.54 -32.40 4.94
N HIS B 244 17.24 -32.10 4.95
CA HIS B 244 16.55 -31.44 3.84
C HIS B 244 16.72 -29.92 3.82
N LEU B 245 17.42 -29.35 4.78
CA LEU B 245 17.69 -27.90 4.81
C LEU B 245 16.33 -27.18 4.98
N LEU B 246 16.15 -26.01 4.36
CA LEU B 246 14.90 -25.24 4.47
C LEU B 246 13.76 -25.79 3.60
N ARG B 247 13.97 -26.90 2.91
CA ARG B 247 12.95 -27.54 2.09
C ARG B 247 12.21 -28.59 2.93
N TRP B 248 10.91 -28.77 2.65
CA TRP B 248 10.08 -29.66 3.46
C TRP B 248 10.45 -31.12 3.19
N PRO B 249 10.66 -31.94 4.23
CA PRO B 249 11.03 -33.35 3.97
C PRO B 249 10.01 -34.13 3.16
N ASP B 250 8.74 -34.07 3.54
CA ASP B 250 7.69 -34.80 2.82
C ASP B 250 6.41 -33.98 2.90
N GLN B 251 5.99 -33.42 1.78
CA GLN B 251 4.78 -32.60 1.74
C GLN B 251 3.50 -33.42 1.80
N SER B 252 3.58 -34.73 1.61
CA SER B 252 2.41 -35.60 1.72
C SER B 252 2.25 -36.22 3.09
N ALA B 253 3.25 -36.08 3.97
CA ALA B 253 3.18 -36.69 5.29
C ALA B 253 1.99 -36.13 6.08
N GLU B 254 1.22 -37.03 6.67
CA GLU B 254 0.11 -36.60 7.52
C GLU B 254 0.65 -36.14 8.88
N PRO B 255 0.02 -35.15 9.48
CA PRO B 255 0.52 -34.66 10.77
C PRO B 255 0.44 -35.75 11.81
N PRO B 256 1.38 -35.77 12.76
CA PRO B 256 1.32 -36.78 13.82
C PRO B 256 0.15 -36.52 14.76
N SER B 257 -0.21 -37.55 15.50
CA SER B 257 -1.17 -37.40 16.59
C SER B 257 -0.47 -36.76 17.78
N PHE B 258 -1.04 -35.69 18.30
CA PHE B 258 -0.48 -34.99 19.46
C PHE B 258 -1.21 -35.48 20.70
N LEU B 259 -0.54 -36.33 21.47
CA LEU B 259 -1.12 -36.98 22.63
C LEU B 259 -0.99 -36.08 23.85
N PHE B 260 -2.05 -36.01 24.64
CA PHE B 260 -2.08 -35.15 25.82
C PHE B 260 -2.27 -35.99 27.07
N THR B 261 -1.43 -35.74 28.07
CA THR B 261 -1.56 -36.36 29.38
C THR B 261 -2.10 -35.31 30.34
N PRO B 262 -3.34 -35.44 30.84
CA PRO B 262 -3.89 -34.40 31.73
C PRO B 262 -3.00 -34.20 32.94
N PRO B 263 -3.05 -33.03 33.58
CA PRO B 263 -2.19 -32.78 34.72
C PRO B 263 -2.70 -33.50 35.96
N PRO B 264 -1.82 -33.80 36.92
CA PRO B 264 -2.29 -34.38 38.18
C PRO B 264 -3.01 -33.34 39.02
N ASN B 265 -4.00 -33.81 39.77
CA ASN B 265 -4.75 -32.92 40.65
C ASN B 265 -3.91 -32.58 41.88
N GLY B 266 -3.83 -31.29 42.19
CA GLY B 266 -3.04 -30.85 43.32
C GLY B 266 -2.93 -29.34 43.33
N ASP B 267 -2.18 -28.84 44.32
CA ASP B 267 -1.96 -27.41 44.49
C ASP B 267 -0.58 -26.98 44.02
N GLY B 268 0.24 -27.89 43.51
CA GLY B 268 1.55 -27.55 43.05
C GLY B 268 1.50 -26.68 41.80
N PRO B 269 2.68 -26.27 41.34
CA PRO B 269 2.75 -25.44 40.13
C PRO B 269 2.43 -26.27 38.89
N LEU B 270 1.58 -25.73 38.03
CA LEU B 270 1.18 -26.41 36.80
C LEU B 270 2.26 -26.25 35.74
N ALA B 271 2.89 -27.34 35.37
CA ALA B 271 3.94 -27.35 34.36
C ALA B 271 3.43 -28.03 33.09
N LEU B 272 3.65 -27.40 31.95
CA LEU B 272 3.31 -27.97 30.65
C LEU B 272 4.59 -28.46 29.98
N VAL B 273 4.67 -29.76 29.74
CA VAL B 273 5.83 -30.39 29.13
C VAL B 273 5.48 -30.76 27.70
N LEU B 274 6.31 -30.34 26.75
CA LEU B 274 6.10 -30.61 25.32
C LEU B 274 7.21 -31.55 24.86
N SER B 275 6.89 -32.84 24.74
CA SER B 275 7.84 -33.85 24.28
C SER B 275 7.53 -34.14 22.82
N ILE B 276 8.01 -33.26 21.95
CA ILE B 276 7.76 -33.34 20.51
C ILE B 276 9.01 -33.82 19.77
N SER B 277 10.13 -33.14 19.96
CA SER B 277 11.39 -33.57 19.36
C SER B 277 12.15 -34.56 20.24
N ALA B 278 11.77 -34.68 21.51
CA ALA B 278 12.44 -35.59 22.43
C ALA B 278 11.59 -35.72 23.68
N GLN B 279 11.79 -36.82 24.41
CA GLN B 279 11.04 -37.09 25.62
C GLN B 279 11.69 -36.36 26.79
N VAL B 280 11.06 -35.29 27.25
CA VAL B 280 11.57 -34.50 28.37
C VAL B 280 11.55 -35.38 29.62
N PRO B 281 12.67 -35.56 30.32
CA PRO B 281 12.65 -36.33 31.57
C PRO B 281 11.98 -35.53 32.68
N VAL B 282 10.89 -36.07 33.21
CA VAL B 282 10.17 -35.40 34.30
C VAL B 282 11.12 -35.04 35.44
N ARG B 283 12.17 -35.84 35.65
CA ARG B 283 13.12 -35.55 36.71
C ARG B 283 13.72 -34.15 36.54
N ASP B 284 13.99 -33.75 35.29
CA ASP B 284 14.53 -32.42 35.05
C ASP B 284 13.49 -31.33 35.27
N VAL B 285 12.21 -31.67 35.11
CA VAL B 285 11.16 -30.70 35.39
C VAL B 285 10.96 -30.55 36.89
N THR B 286 10.93 -31.67 37.62
CA THR B 286 10.80 -31.61 39.07
C THR B 286 11.95 -30.85 39.70
N ASP B 287 13.17 -31.04 39.17
CA ASP B 287 14.32 -30.32 39.68
C ASP B 287 14.12 -28.81 39.57
N ALA B 288 13.88 -28.32 38.36
CA ALA B 288 13.67 -26.89 38.17
C ALA B 288 12.40 -26.40 38.84
N LEU B 289 11.44 -27.30 39.09
CA LEU B 289 10.17 -26.94 39.72
C LEU B 289 9.78 -28.01 40.72
N PRO B 290 10.18 -27.86 41.98
CA PRO B 290 9.73 -28.81 43.00
C PRO B 290 8.21 -28.76 43.16
N GLY B 291 7.59 -29.93 43.07
CA GLY B 291 6.15 -30.05 43.20
C GLY B 291 5.38 -29.90 41.91
N ALA B 292 6.05 -29.87 40.76
CA ALA B 292 5.39 -29.61 39.49
C ALA B 292 4.29 -30.64 39.24
N ARG B 293 3.11 -30.14 38.88
CA ARG B 293 2.03 -30.96 38.36
C ARG B 293 2.15 -30.93 36.83
N ILE B 294 2.52 -32.05 36.23
CA ILE B 294 2.94 -32.08 34.84
C ILE B 294 1.80 -32.57 33.97
N ALA B 295 1.30 -31.69 33.10
CA ALA B 295 0.54 -32.07 31.93
C ALA B 295 1.49 -32.11 30.74
N GLU B 296 1.30 -33.09 29.85
CA GLU B 296 2.24 -33.31 28.76
C GLU B 296 1.51 -33.34 27.42
N LEU B 297 2.12 -32.70 26.43
CA LEU B 297 1.73 -32.85 25.03
C LEU B 297 2.93 -33.45 24.30
N SER B 298 2.71 -34.59 23.65
CA SER B 298 3.79 -35.31 22.98
C SER B 298 3.24 -35.96 21.71
N ILE B 299 4.13 -36.65 21.01
CA ILE B 299 3.74 -37.42 19.82
C ILE B 299 4.17 -38.85 20.04
N PRO B 300 3.56 -39.80 19.32
CA PRO B 300 3.90 -41.22 19.53
C PRO B 300 5.40 -41.52 19.54
N GLU B 301 6.18 -40.83 18.72
CA GLU B 301 7.62 -41.06 18.63
C GLU B 301 8.34 -39.73 18.50
N PRO B 302 8.68 -39.09 19.61
CA PRO B 302 9.40 -37.81 19.53
C PRO B 302 10.62 -37.92 18.63
N SER B 303 10.70 -37.02 17.65
CA SER B 303 11.76 -37.04 16.67
C SER B 303 12.18 -35.62 16.32
N TYR B 304 13.49 -35.42 16.21
CA TYR B 304 14.02 -34.12 15.80
C TYR B 304 13.65 -33.76 14.37
N ALA B 305 13.13 -34.71 13.60
CA ALA B 305 12.79 -34.49 12.20
C ALA B 305 11.28 -34.50 11.96
N MET B 306 10.49 -34.27 13.01
CA MET B 306 9.04 -34.44 12.90
C MET B 306 8.38 -33.36 12.06
N VAL B 307 9.05 -32.22 11.85
CA VAL B 307 8.48 -31.15 11.03
C VAL B 307 8.62 -31.52 9.56
N GLN B 308 7.74 -32.39 9.07
CA GLN B 308 7.82 -32.85 7.69
C GLN B 308 7.20 -31.87 6.71
N ASN B 309 6.37 -30.94 7.17
CA ASN B 309 5.74 -29.96 6.30
C ASN B 309 5.04 -28.94 7.20
N ARG B 310 4.55 -27.87 6.57
CA ARG B 310 3.96 -26.78 7.35
C ARG B 310 2.72 -27.26 8.09
N ARG B 311 1.93 -28.14 7.47
CA ARG B 311 0.71 -28.60 8.13
C ARG B 311 1.01 -29.26 9.46
N VAL B 312 2.21 -29.81 9.64
CA VAL B 312 2.59 -30.35 10.93
C VAL B 312 2.64 -29.24 11.98
N ILE B 313 3.11 -28.06 11.59
CA ILE B 313 3.14 -26.94 12.51
C ILE B 313 1.72 -26.48 12.83
N HIS B 314 0.89 -26.34 11.80
CA HIS B 314 -0.51 -26.01 12.03
C HIS B 314 -1.17 -27.05 12.93
N ALA B 315 -0.83 -28.32 12.73
CA ALA B 315 -1.39 -29.38 13.56
C ALA B 315 -0.95 -29.22 15.01
N PHE B 316 0.32 -28.85 15.23
CA PHE B 316 0.81 -28.68 16.59
C PHE B 316 0.11 -27.52 17.29
N ARG B 317 -0.12 -26.42 16.57
CA ARG B 317 -0.81 -25.29 17.15
C ARG B 317 -2.21 -25.68 17.61
N ASP B 318 -3.00 -26.27 16.70
CA ASP B 318 -4.38 -26.61 17.02
C ASP B 318 -4.46 -27.49 18.26
N ALA B 319 -3.67 -28.57 18.30
CA ALA B 319 -3.65 -29.43 19.48
C ALA B 319 -3.20 -28.67 20.71
N LEU B 320 -2.14 -27.87 20.56
CA LEU B 320 -1.64 -27.10 21.70
C LEU B 320 -2.70 -26.16 22.25
N GLN B 321 -3.36 -25.41 21.37
CA GLN B 321 -4.33 -24.41 21.85
C GLN B 321 -5.53 -25.09 22.51
N ILE B 322 -5.99 -26.21 21.95
CA ILE B 322 -7.09 -26.94 22.57
C ILE B 322 -6.74 -27.31 24.01
N ARG B 323 -5.48 -27.67 24.25
CA ARG B 323 -5.07 -28.09 25.58
C ARG B 323 -4.76 -26.90 26.47
N LEU B 324 -4.17 -25.84 25.91
CA LEU B 324 -3.89 -24.65 26.71
C LEU B 324 -5.19 -24.03 27.23
N SER B 325 -6.23 -24.02 26.40
CA SER B 325 -7.54 -23.62 26.89
C SER B 325 -7.98 -24.50 28.06
N GLN B 326 -7.79 -25.82 27.93
CA GLN B 326 -8.15 -26.71 29.03
C GLN B 326 -7.36 -26.39 30.29
N LEU B 327 -6.03 -26.27 30.15
CA LEU B 327 -5.19 -26.04 31.32
C LEU B 327 -5.46 -24.68 31.94
N GLU B 328 -5.66 -23.66 31.12
CA GLU B 328 -5.91 -22.32 31.65
C GLU B 328 -7.22 -22.29 32.44
N ALA B 329 -8.23 -23.03 31.99
CA ALA B 329 -9.48 -23.10 32.72
C ALA B 329 -9.32 -23.79 34.07
N LEU B 330 -8.25 -24.58 34.25
CA LEU B 330 -8.04 -25.27 35.51
C LEU B 330 -7.65 -24.29 36.61
N THR B 331 -6.75 -23.35 36.31
CA THR B 331 -6.18 -22.48 37.33
C THR B 331 -5.82 -21.15 36.70
N PRO B 332 -5.92 -20.05 37.47
CA PRO B 332 -5.34 -18.78 37.00
C PRO B 332 -3.84 -18.69 37.20
N ASP B 333 -3.24 -19.64 37.91
CA ASP B 333 -1.81 -19.60 38.17
C ASP B 333 -1.02 -19.72 36.87
N PRO B 334 0.21 -19.20 36.84
CA PRO B 334 1.00 -19.27 35.61
C PRO B 334 1.32 -20.71 35.23
N ILE B 335 1.38 -20.94 33.91
CA ILE B 335 1.72 -22.25 33.36
C ILE B 335 3.20 -22.26 33.02
N HIS B 336 3.93 -23.24 33.55
CA HIS B 336 5.36 -23.35 33.35
C HIS B 336 5.62 -24.31 32.19
N VAL B 337 6.34 -23.84 31.18
CA VAL B 337 6.53 -24.58 29.94
C VAL B 337 7.93 -25.17 29.93
N PHE B 338 8.02 -26.49 29.75
CA PHE B 338 9.27 -27.22 29.60
C PHE B 338 9.18 -27.95 28.27
N ALA B 339 9.64 -27.32 27.20
CA ALA B 339 9.43 -27.80 25.84
C ALA B 339 10.72 -28.36 25.25
N ALA B 340 10.59 -29.51 24.59
CA ALA B 340 11.62 -30.06 23.71
C ALA B 340 10.99 -30.14 22.33
N ILE B 341 11.01 -29.02 21.60
CA ILE B 341 10.27 -28.90 20.35
C ILE B 341 11.16 -28.38 19.24
N PRO B 342 10.87 -28.71 17.98
CA PRO B 342 11.62 -28.09 16.86
C PRO B 342 11.49 -26.58 16.89
N ALA B 343 12.36 -25.93 16.12
CA ALA B 343 12.39 -24.47 16.11
C ALA B 343 11.12 -23.89 15.53
N ALA B 344 10.63 -24.44 14.42
CA ALA B 344 9.43 -23.90 13.78
C ALA B 344 8.24 -23.92 14.73
N LEU B 345 8.12 -24.98 15.53
CA LEU B 345 7.03 -25.05 16.49
C LEU B 345 7.18 -24.01 17.59
N ALA B 346 8.42 -23.70 17.97
CA ALA B 346 8.64 -22.68 19.00
C ALA B 346 8.16 -21.32 18.52
N ILE B 347 8.34 -21.02 17.24
CA ILE B 347 7.88 -19.75 16.70
C ILE B 347 6.35 -19.71 16.66
N GLU B 348 5.72 -20.83 16.31
CA GLU B 348 4.27 -20.85 16.25
C GLU B 348 3.67 -20.74 17.64
N PHE B 349 4.26 -21.42 18.62
CA PHE B 349 3.83 -21.26 20.01
C PHE B 349 3.83 -19.78 20.39
N GLY B 350 4.96 -19.09 20.16
CA GLY B 350 5.01 -17.68 20.47
C GLY B 350 3.97 -16.88 19.73
N ALA B 351 3.70 -17.25 18.46
CA ALA B 351 2.71 -16.52 17.68
C ALA B 351 1.30 -16.80 18.17
N LEU B 352 1.06 -17.99 18.71
CA LEU B 352 -0.29 -18.33 19.18
C LEU B 352 -0.72 -17.43 20.33
N LEU B 353 0.22 -17.08 21.22
CA LEU B 353 -0.09 -16.28 22.39
C LEU B 353 -0.04 -14.78 22.11
N THR B 354 -0.64 -14.35 21.00
CA THR B 354 -0.66 -12.94 20.63
C THR B 354 -2.08 -12.38 20.58
N THR B 355 -3.05 -13.09 21.12
CA THR B 355 -4.41 -12.57 21.18
C THR B 355 -4.51 -11.50 22.25
N GLN B 356 -5.64 -10.78 22.25
CA GLN B 356 -5.94 -9.85 23.33
C GLN B 356 -5.86 -10.57 24.67
N HIS B 357 -6.63 -11.64 24.84
CA HIS B 357 -6.51 -12.48 26.01
C HIS B 357 -5.06 -12.89 26.23
N GLN B 358 -4.65 -12.91 27.49
CA GLN B 358 -3.27 -13.25 27.83
C GLN B 358 -3.25 -14.00 29.15
N HIS B 359 -2.60 -15.16 29.16
CA HIS B 359 -2.39 -15.95 30.35
C HIS B 359 -0.89 -16.06 30.59
N THR B 360 -0.48 -15.96 31.85
CA THR B 360 0.94 -15.94 32.16
C THR B 360 1.56 -17.29 31.83
N TYR B 361 2.64 -17.25 31.04
CA TYR B 361 3.37 -18.44 30.62
C TYR B 361 4.84 -18.23 30.92
N LEU B 362 5.39 -19.07 31.79
CA LEU B 362 6.80 -18.99 32.20
C LEU B 362 7.57 -20.04 31.41
N ILE B 363 8.46 -19.58 30.54
CA ILE B 363 9.21 -20.46 29.66
C ILE B 363 10.53 -20.82 30.33
N PHE B 364 10.82 -22.12 30.39
CA PHE B 364 12.05 -22.63 30.98
C PHE B 364 12.92 -23.23 29.89
N ASP B 365 14.18 -22.79 29.85
CA ASP B 365 15.18 -23.31 28.92
C ASP B 365 16.33 -23.90 29.74
N ARG B 366 17.18 -24.67 29.06
CA ARG B 366 18.30 -25.33 29.70
C ARG B 366 19.50 -24.38 29.71
N ASP B 367 19.92 -23.98 30.89
CA ASP B 367 21.13 -23.17 31.05
C ASP B 367 22.33 -24.09 30.92
N LYS B 368 23.08 -23.96 29.81
CA LYS B 368 24.25 -24.80 29.60
C LYS B 368 25.30 -24.63 30.68
N GLU B 369 25.18 -23.62 31.54
CA GLU B 369 26.10 -23.40 32.63
C GLU B 369 25.63 -24.05 33.94
N ASN B 370 24.69 -24.99 33.87
CA ASN B 370 24.21 -25.69 35.04
C ASN B 370 23.82 -27.12 34.70
N GLN B 371 24.65 -27.77 33.87
CA GLN B 371 24.39 -29.15 33.43
C GLN B 371 23.07 -29.22 32.67
N ASP B 372 22.76 -28.17 31.92
CA ASP B 372 21.55 -28.11 31.10
C ASP B 372 20.30 -28.26 31.96
N ARG B 373 20.34 -27.67 33.16
CA ARG B 373 19.18 -27.68 34.05
C ARG B 373 18.18 -26.62 33.62
N PHE B 374 16.89 -26.98 33.66
CA PHE B 374 15.85 -26.05 33.27
C PHE B 374 15.86 -24.82 34.18
N THR B 375 15.57 -23.67 33.60
CA THR B 375 15.57 -22.41 34.33
C THR B 375 14.70 -21.40 33.58
N GLN B 376 13.92 -20.63 34.32
CA GLN B 376 13.04 -19.65 33.70
C GLN B 376 13.85 -18.61 32.93
N THR B 377 13.52 -18.44 31.64
CA THR B 377 14.23 -17.51 30.78
C THR B 377 13.35 -16.41 30.20
N LEU B 378 12.04 -16.62 30.14
CA LEU B 378 11.14 -15.67 29.49
C LEU B 378 9.77 -15.79 30.13
N GLN B 379 9.12 -14.64 30.31
CA GLN B 379 7.75 -14.59 30.83
C GLN B 379 6.86 -13.97 29.77
N LEU B 380 5.82 -14.71 29.38
CA LEU B 380 4.80 -14.23 28.46
C LEU B 380 3.48 -14.14 29.21
N GLY B 381 2.84 -12.97 29.18
CA GLY B 381 1.58 -12.80 29.84
C GLY B 381 1.24 -11.36 30.18
N PRO B 382 0.16 -11.16 30.95
CA PRO B 382 -0.31 -9.84 31.38
C PRO B 382 0.50 -9.28 32.55
N ASN C 15 27.69 -3.91 -34.52
CA ASN C 15 27.37 -4.40 -33.14
C ASN C 15 28.11 -3.56 -32.08
N THR C 16 27.52 -3.49 -30.89
CA THR C 16 28.12 -2.76 -29.79
C THR C 16 29.23 -3.60 -29.16
N ASN C 17 30.42 -3.01 -29.04
CA ASN C 17 31.55 -3.75 -28.49
C ASN C 17 31.39 -3.91 -26.98
N ASP C 18 32.31 -4.68 -26.39
CA ASP C 18 32.20 -5.00 -24.97
C ASP C 18 32.42 -3.77 -24.10
N GLU C 19 33.41 -2.94 -24.45
CA GLU C 19 33.69 -1.75 -23.66
C GLU C 19 32.46 -0.85 -23.58
N THR C 20 31.79 -0.63 -24.71
CA THR C 20 30.62 0.24 -24.71
C THR C 20 29.49 -0.37 -23.89
N LYS C 21 29.27 -1.68 -24.00
CA LYS C 21 28.26 -2.33 -23.18
C LYS C 21 28.58 -2.20 -21.71
N ARG C 22 29.86 -2.35 -21.34
CA ARG C 22 30.27 -2.17 -19.96
C ARG C 22 29.99 -0.75 -19.48
N ILE C 23 30.20 0.24 -20.36
CA ILE C 23 29.91 1.62 -20.00
C ILE C 23 28.42 1.82 -19.82
N VAL C 24 27.61 1.21 -20.69
CA VAL C 24 26.15 1.31 -20.54
C VAL C 24 25.73 0.76 -19.18
N TRP C 25 26.24 -0.43 -18.83
CA TRP C 25 25.91 -1.03 -17.54
C TRP C 25 26.33 -0.13 -16.40
N THR C 26 27.53 0.48 -16.51
CA THR C 26 28.03 1.31 -15.42
C THR C 26 27.21 2.59 -15.29
N GLN C 27 27.03 3.33 -16.37
CA GLN C 27 26.36 4.62 -16.28
C GLN C 27 24.91 4.51 -15.88
N THR C 28 24.27 3.36 -16.10
CA THR C 28 22.89 3.14 -15.70
C THR C 28 22.77 2.50 -14.32
N ALA C 29 23.88 2.15 -13.69
CA ALA C 29 23.89 1.47 -12.41
C ALA C 29 23.26 0.09 -12.49
N GLY C 30 23.20 -0.48 -13.69
CA GLY C 30 22.68 -1.83 -13.86
C GLY C 30 21.19 -1.97 -13.62
N HIS C 31 20.41 -0.94 -13.93
CA HIS C 31 18.97 -0.97 -13.77
C HIS C 31 18.30 -0.64 -15.11
N CYS C 32 17.05 -1.07 -15.25
CA CYS C 32 16.29 -0.76 -16.45
C CYS C 32 15.96 0.73 -16.47
N GLU C 33 16.30 1.39 -17.58
CA GLU C 33 16.09 2.83 -17.67
C GLU C 33 14.62 3.20 -17.76
N LEU C 34 13.75 2.24 -18.09
CA LEU C 34 12.33 2.53 -18.27
C LEU C 34 11.44 2.05 -17.13
N CYS C 35 11.85 1.03 -16.39
CA CYS C 35 11.05 0.53 -15.27
C CYS C 35 11.82 0.43 -13.95
N GLY C 36 13.14 0.55 -13.96
CA GLY C 36 13.90 0.65 -12.74
C GLY C 36 14.21 -0.67 -12.05
N THR C 37 14.01 -1.80 -12.71
CA THR C 37 14.31 -3.08 -12.08
C THR C 37 15.82 -3.28 -12.00
N ASP C 38 16.25 -3.97 -10.93
CA ASP C 38 17.65 -4.30 -10.74
C ASP C 38 18.01 -5.45 -11.68
N LEU C 39 18.87 -5.18 -12.66
CA LEU C 39 19.24 -6.15 -13.68
C LEU C 39 20.53 -6.89 -13.35
N THR C 40 21.02 -6.77 -12.12
CA THR C 40 22.27 -7.39 -11.70
C THR C 40 22.04 -8.53 -10.71
N PHE C 41 20.79 -8.91 -10.47
CA PHE C 41 20.49 -9.85 -9.40
C PHE C 41 19.08 -10.39 -9.60
N ASP C 42 18.92 -11.69 -9.31
CA ASP C 42 17.61 -12.33 -9.25
C ASP C 42 17.23 -12.47 -7.79
N TYR C 43 16.30 -11.61 -7.33
CA TYR C 43 15.93 -11.63 -5.92
C TYR C 43 15.06 -12.82 -5.56
N ARG C 44 14.47 -13.50 -6.55
CA ARG C 44 13.61 -14.63 -6.25
C ARG C 44 14.43 -15.83 -5.75
N ALA C 45 15.50 -16.16 -6.48
CA ALA C 45 16.37 -17.27 -6.09
C ALA C 45 17.67 -16.80 -5.45
N GLY C 46 17.99 -15.51 -5.54
CA GLY C 46 19.13 -14.97 -4.82
C GLY C 46 20.46 -15.12 -5.51
N LYS C 47 20.47 -15.34 -6.83
CA LYS C 47 21.74 -15.48 -7.53
C LYS C 47 22.11 -14.17 -8.22
N PRO C 48 23.34 -13.68 -8.07
CA PRO C 48 23.78 -12.55 -8.91
C PRO C 48 23.87 -12.97 -10.36
N MET C 49 23.19 -12.23 -11.24
CA MET C 49 23.13 -12.58 -12.65
C MET C 49 22.88 -11.33 -13.47
N LYS C 50 23.38 -11.34 -14.70
CA LYS C 50 23.10 -10.29 -15.67
C LYS C 50 21.89 -10.71 -16.49
N TRP C 51 20.78 -10.00 -16.34
CA TRP C 51 19.59 -10.26 -17.15
C TRP C 51 19.05 -8.99 -17.79
N GLY C 52 19.90 -7.98 -17.98
CA GLY C 52 19.55 -6.81 -18.75
C GLY C 52 20.08 -6.89 -20.17
N GLU C 53 19.59 -5.98 -21.02
CA GLU C 53 19.95 -5.98 -22.42
C GLU C 53 20.23 -4.56 -22.89
N VAL C 54 21.34 -4.38 -23.60
CA VAL C 54 21.69 -3.09 -24.18
C VAL C 54 20.86 -2.91 -25.44
N ALA C 55 19.86 -2.04 -25.37
CA ALA C 55 18.91 -1.85 -26.46
C ALA C 55 19.23 -0.59 -27.26
N HIS C 56 19.15 -0.71 -28.58
CA HIS C 56 19.39 0.42 -29.47
C HIS C 56 18.08 1.20 -29.65
N ILE C 57 18.14 2.50 -29.40
CA ILE C 57 17.00 3.37 -29.73
C ILE C 57 16.80 3.39 -31.24
N LEU C 58 17.80 3.88 -31.97
CA LEU C 58 17.78 3.81 -33.42
C LEU C 58 18.40 2.50 -33.89
N PRO C 59 17.72 1.71 -34.70
CA PRO C 59 18.25 0.39 -35.07
C PRO C 59 19.31 0.51 -36.16
N ALA C 60 19.95 -0.63 -36.42
CA ALA C 60 20.95 -0.68 -37.50
C ALA C 60 20.27 -0.65 -38.86
N SER C 61 19.26 -1.50 -39.06
CA SER C 61 18.54 -1.54 -40.33
C SER C 61 17.50 -0.44 -40.38
N PRO C 62 17.41 0.32 -41.47
CA PRO C 62 16.39 1.37 -41.55
C PRO C 62 14.97 0.85 -41.35
N LYS C 63 14.74 -0.45 -41.55
CA LYS C 63 13.41 -1.03 -41.42
C LYS C 63 13.18 -1.65 -40.04
N GLY C 64 14.05 -1.39 -39.08
CA GLY C 64 13.85 -1.84 -37.72
C GLY C 64 13.01 -0.85 -36.93
N PRO C 65 12.64 -1.21 -35.71
CA PRO C 65 11.85 -0.30 -34.88
C PRO C 65 12.54 1.04 -34.73
N ARG C 66 11.81 2.11 -35.07
CA ARG C 66 12.31 3.48 -35.13
C ARG C 66 13.33 3.67 -36.26
N GLY C 67 13.42 2.72 -37.18
CA GLY C 67 14.40 2.83 -38.24
C GLY C 67 14.15 4.00 -39.17
N ARG C 68 15.24 4.54 -39.71
CA ARG C 68 15.18 5.70 -40.57
C ARG C 68 16.13 5.49 -41.75
N ALA C 69 15.82 6.14 -42.87
CA ALA C 69 16.59 5.93 -44.09
C ALA C 69 18.04 6.40 -43.93
N ASP C 70 18.22 7.70 -43.67
CA ASP C 70 19.54 8.31 -43.64
C ASP C 70 20.16 8.36 -42.25
N HIS C 71 19.85 7.39 -41.40
CA HIS C 71 20.51 7.24 -40.11
C HIS C 71 21.76 6.38 -40.29
N ASP C 72 22.90 6.90 -39.85
CA ASP C 72 24.17 6.20 -40.00
C ASP C 72 24.26 5.14 -38.90
N ALA C 73 23.98 3.89 -39.26
CA ALA C 73 24.04 2.79 -38.30
C ALA C 73 25.46 2.46 -37.87
N GLU C 74 26.47 2.99 -38.57
CA GLU C 74 27.85 2.73 -38.18
C GLU C 74 28.29 3.63 -37.03
N ALA C 75 27.81 4.88 -37.00
CA ALA C 75 28.23 5.82 -35.99
C ALA C 75 27.52 5.56 -34.65
N HIS C 76 26.20 5.36 -34.70
CA HIS C 76 25.41 5.20 -33.49
C HIS C 76 25.36 3.76 -33.00
N THR C 77 26.12 2.86 -33.61
CA THR C 77 26.17 1.49 -33.12
C THR C 77 26.86 1.41 -31.76
N ASN C 78 27.76 2.35 -31.46
CA ASN C 78 28.45 2.40 -30.18
C ASN C 78 28.30 3.75 -29.50
N ASP C 79 27.29 4.53 -29.86
CA ASP C 79 27.03 5.82 -29.25
C ASP C 79 26.18 5.60 -27.99
N THR C 80 26.69 6.03 -26.84
CA THR C 80 25.96 5.85 -25.59
C THR C 80 24.65 6.59 -25.57
N ALA C 81 24.49 7.63 -26.41
CA ALA C 81 23.22 8.33 -26.51
C ALA C 81 22.17 7.51 -27.25
N ASN C 82 22.57 6.47 -27.96
CA ASN C 82 21.65 5.61 -28.69
C ASN C 82 21.40 4.27 -28.00
N LEU C 83 22.11 3.99 -26.91
CA LEU C 83 22.06 2.69 -26.24
C LEU C 83 21.42 2.84 -24.87
N MET C 84 20.45 1.99 -24.58
CA MET C 84 19.75 1.98 -23.30
C MET C 84 19.92 0.61 -22.64
N LEU C 85 20.11 0.61 -21.33
CA LEU C 85 20.06 -0.63 -20.55
C LEU C 85 18.60 -0.86 -20.18
N LEU C 86 18.00 -1.92 -20.73
CA LEU C 86 16.60 -2.23 -20.50
C LEU C 86 16.47 -3.66 -20.00
N CYS C 87 15.41 -3.91 -19.23
CA CYS C 87 15.08 -5.28 -18.90
C CYS C 87 14.54 -5.97 -20.14
N PRO C 88 14.60 -7.30 -20.19
CA PRO C 88 14.17 -8.00 -21.40
C PRO C 88 12.75 -7.63 -21.85
N GLY C 89 11.83 -7.44 -20.90
CA GLY C 89 10.47 -7.13 -21.26
C GLY C 89 10.34 -5.74 -21.86
N CYS C 90 10.91 -4.73 -21.20
CA CYS C 90 10.84 -3.37 -21.72
C CYS C 90 11.45 -3.29 -23.12
N HIS C 91 12.54 -4.00 -23.35
CA HIS C 91 13.15 -4.00 -24.68
C HIS C 91 12.21 -4.58 -25.72
N ASP C 92 11.51 -5.67 -25.38
CA ASP C 92 10.53 -6.25 -26.30
C ASP C 92 9.42 -5.25 -26.62
N LYS C 93 8.94 -4.53 -25.61
CA LYS C 93 7.81 -3.63 -25.83
C LYS C 93 8.20 -2.46 -26.73
N ILE C 94 9.35 -1.86 -26.50
CA ILE C 94 9.71 -0.67 -27.27
C ILE C 94 9.97 -1.03 -28.73
N ASP C 95 10.45 -2.25 -28.99
CA ASP C 95 10.72 -2.68 -30.35
C ASP C 95 9.47 -3.23 -31.04
N ARG C 96 8.44 -3.57 -30.29
CA ARG C 96 7.19 -4.05 -30.85
C ARG C 96 6.10 -2.99 -30.87
N ASP C 97 6.41 -1.76 -30.48
CA ASP C 97 5.49 -0.63 -30.58
C ASP C 97 6.31 0.62 -30.85
N ALA C 98 7.05 0.64 -31.96
CA ALA C 98 7.91 1.77 -32.27
C ALA C 98 7.13 3.08 -32.27
N ASP C 99 5.85 3.04 -32.63
CA ASP C 99 5.04 4.25 -32.60
C ASP C 99 4.76 4.69 -31.17
N GLY C 100 4.56 3.72 -30.26
CA GLY C 100 4.30 4.05 -28.88
C GLY C 100 5.52 4.50 -28.11
N TYR C 101 6.71 4.22 -28.63
CA TYR C 101 7.97 4.62 -28.00
C TYR C 101 8.85 5.28 -29.05
N PRO C 102 8.46 6.48 -29.51
CA PRO C 102 9.22 7.14 -30.58
C PRO C 102 10.62 7.52 -30.14
N GLU C 103 11.48 7.74 -31.15
CA GLU C 103 12.88 8.08 -30.88
C GLU C 103 13.00 9.19 -29.85
N ASN C 104 12.26 10.29 -30.05
CA ASN C 104 12.39 11.43 -29.16
C ASN C 104 11.98 11.08 -27.73
N ASP C 105 10.90 10.30 -27.57
CA ASP C 105 10.48 9.89 -26.24
C ASP C 105 11.61 9.16 -25.51
N LEU C 106 12.22 8.18 -26.17
CA LEU C 106 13.22 7.36 -25.50
C LEU C 106 14.46 8.17 -25.14
N SER C 107 14.97 8.96 -26.09
CA SER C 107 16.16 9.75 -25.82
C SER C 107 15.95 10.67 -24.63
N GLY C 108 14.81 11.34 -24.57
CA GLY C 108 14.54 12.24 -23.46
C GLY C 108 14.55 11.51 -22.12
N LEU C 109 13.83 10.39 -22.04
CA LEU C 109 13.87 9.58 -20.83
C LEU C 109 15.27 9.03 -20.60
N HIS C 110 15.92 8.54 -21.66
CA HIS C 110 17.27 8.01 -21.56
C HIS C 110 18.21 9.00 -20.88
N GLN C 111 18.29 10.21 -21.41
CA GLN C 111 19.22 11.20 -20.87
C GLN C 111 18.80 11.64 -19.47
N ALA C 112 17.49 11.79 -19.25
CA ALA C 112 17.02 12.16 -17.91
C ALA C 112 17.43 11.10 -16.89
N TYR C 113 17.35 9.83 -17.26
CA TYR C 113 17.74 8.76 -16.34
C TYR C 113 19.22 8.84 -16.00
N LEU C 114 20.06 9.07 -17.01
CA LEU C 114 21.50 9.15 -16.77
C LEU C 114 21.83 10.32 -15.84
N GLU C 115 21.25 11.50 -16.12
CA GLU C 115 21.57 12.68 -15.33
C GLU C 115 21.13 12.51 -13.88
N ARG C 116 19.99 11.85 -13.67
CA ARG C 116 19.54 11.58 -12.30
C ARG C 116 20.58 10.78 -11.54
N ILE C 117 21.13 9.74 -12.18
CA ILE C 117 22.16 8.93 -11.54
C ILE C 117 23.43 9.76 -11.34
N ARG C 118 23.90 10.42 -12.40
CA ARG C 118 25.14 11.18 -12.29
C ARG C 118 25.06 12.23 -11.19
N LEU C 119 23.90 12.87 -11.04
CA LEU C 119 23.75 13.88 -9.99
C LEU C 119 23.81 13.25 -8.61
N ALA C 120 23.25 12.04 -8.46
CA ALA C 120 23.34 11.35 -7.18
C ALA C 120 24.79 10.98 -6.86
N ALA C 121 25.53 10.50 -7.86
CA ALA C 121 26.91 10.09 -7.63
C ALA C 121 27.78 11.27 -7.22
N THR C 122 27.47 12.47 -7.70
CA THR C 122 28.27 13.65 -7.42
C THR C 122 27.67 14.49 -6.28
N THR C 123 26.69 13.96 -5.56
CA THR C 123 26.13 14.68 -4.42
C THR C 123 26.99 14.42 -3.19
N PRO C 124 27.52 15.46 -2.54
CA PRO C 124 28.30 15.22 -1.32
C PRO C 124 27.43 14.70 -0.19
N ASP C 125 27.98 13.80 0.61
CA ASP C 125 27.22 13.22 1.71
C ASP C 125 26.84 14.31 2.70
N GLY C 126 25.55 14.40 3.00
CA GLY C 126 25.04 15.36 3.95
C GLY C 126 24.62 14.79 5.29
N GLY C 127 24.98 13.56 5.60
CA GLY C 127 24.59 12.94 6.84
C GLY C 127 23.30 12.16 6.72
N ARG C 128 22.89 11.59 7.84
CA ARG C 128 21.69 10.77 7.91
C ARG C 128 20.54 11.55 8.55
N ALA C 129 19.33 11.21 8.14
CA ALA C 129 18.13 11.84 8.66
C ALA C 129 16.99 10.85 8.63
N ILE C 130 16.06 11.00 9.57
CA ILE C 130 14.87 10.16 9.65
C ILE C 130 13.78 10.81 8.81
N PRO C 131 13.33 10.20 7.71
CA PRO C 131 12.18 10.75 6.99
C PRO C 131 10.95 10.75 7.87
N LEU C 132 10.18 11.83 7.82
CA LEU C 132 8.95 11.95 8.59
C LEU C 132 7.90 12.63 7.74
N ILE C 133 6.91 11.86 7.31
CA ILE C 133 5.74 12.37 6.59
C ILE C 133 4.57 12.36 7.54
N VAL C 134 3.87 13.48 7.63
CA VAL C 134 2.68 13.63 8.46
C VAL C 134 1.58 14.22 7.59
N GLN C 135 0.53 13.44 7.35
CA GLN C 135 -0.58 13.87 6.53
C GLN C 135 -1.89 13.54 7.23
N SER C 136 -2.93 14.28 6.87
CA SER C 136 -4.24 14.14 7.48
C SER C 136 -5.23 13.61 6.46
N GLN C 137 -6.50 13.54 6.89
CA GLN C 137 -7.58 13.09 6.02
C GLN C 137 -8.82 13.96 6.22
N HIS C 138 -8.64 15.21 6.63
CA HIS C 138 -9.76 16.13 6.78
C HIS C 138 -10.13 16.81 5.48
N PHE C 139 -9.38 16.56 4.40
CA PHE C 139 -9.76 17.06 3.10
C PHE C 139 -10.82 16.15 2.46
N GLN C 140 -11.59 16.73 1.54
CA GLN C 140 -12.56 15.98 0.76
C GLN C 140 -11.94 15.35 -0.47
N THR C 141 -10.62 15.20 -0.49
CA THR C 141 -9.92 14.57 -1.61
C THR C 141 -8.81 13.69 -1.05
N ILE C 142 -8.18 12.92 -1.95
CA ILE C 142 -7.03 12.13 -1.55
C ILE C 142 -5.91 13.07 -1.13
N ASN C 143 -5.30 12.78 0.02
CA ASN C 143 -4.16 13.53 0.54
C ASN C 143 -3.04 12.52 0.81
N ASP C 144 -2.07 12.44 -0.09
CA ASP C 144 -1.01 11.44 0.01
C ASP C 144 0.30 12.05 -0.46
N ILE C 145 1.28 12.12 0.44
CA ILE C 145 2.62 12.59 0.10
C ILE C 145 3.44 11.36 -0.29
N PRO C 146 3.99 11.30 -1.52
CA PRO C 146 4.78 10.13 -1.90
C PRO C 146 6.07 10.03 -1.09
N VAL C 147 6.36 8.82 -0.61
CA VAL C 147 7.59 8.60 0.14
C VAL C 147 8.81 8.87 -0.74
N ARG C 148 8.81 8.31 -1.95
CA ARG C 148 9.96 8.47 -2.83
C ARG C 148 10.34 9.94 -3.02
N ASP C 149 9.33 10.81 -3.15
CA ASP C 149 9.62 12.21 -3.41
C ASP C 149 10.35 12.86 -2.23
N LEU C 150 9.97 12.51 -1.00
CA LEU C 150 10.69 13.03 0.16
C LEU C 150 12.13 12.52 0.17
N LEU C 151 12.33 11.22 -0.05
CA LEU C 151 13.67 10.67 -0.07
C LEU C 151 14.50 11.27 -1.20
N THR C 152 13.87 11.51 -2.35
CA THR C 152 14.56 12.19 -3.44
C THR C 152 14.99 13.59 -3.02
N ALA C 153 14.04 14.36 -2.49
CA ALA C 153 14.37 15.70 -2.00
C ALA C 153 15.50 15.64 -0.98
N MET C 154 15.45 14.66 -0.08
CA MET C 154 16.54 14.48 0.89
C MET C 154 17.85 14.16 0.17
N SER C 155 17.82 13.15 -0.71
CA SER C 155 19.05 12.76 -1.41
C SER C 155 19.67 13.93 -2.15
N ALA C 156 18.85 14.86 -2.66
CA ALA C 156 19.40 16.04 -3.33
C ALA C 156 20.24 16.89 -2.39
N GLU C 157 20.03 16.77 -1.08
CA GLU C 157 20.80 17.51 -0.08
C GLU C 157 21.81 16.61 0.63
N GLY C 158 22.15 15.47 0.04
CA GLY C 158 23.07 14.55 0.66
C GLY C 158 22.52 13.80 1.85
N LEU C 159 21.21 13.88 2.09
CA LEU C 159 20.59 13.21 3.21
C LEU C 159 20.11 11.81 2.79
N THR C 160 20.56 10.79 3.52
CA THR C 160 20.11 9.43 3.32
C THR C 160 19.49 8.91 4.61
N ALA C 161 18.71 7.84 4.46
CA ALA C 161 18.00 7.25 5.58
C ALA C 161 18.27 5.74 5.62
N PHE C 162 18.40 5.20 6.82
CA PHE C 162 18.55 3.76 6.98
C PHE C 162 17.28 3.00 6.62
N ASP C 163 16.16 3.70 6.47
CA ASP C 163 14.91 3.10 6.03
C ASP C 163 14.07 4.20 5.41
N GLN C 164 12.92 3.81 4.83
CA GLN C 164 12.06 4.79 4.20
C GLN C 164 11.40 5.74 5.21
N GLY C 165 11.56 5.49 6.50
CA GLY C 165 11.16 6.44 7.51
C GLY C 165 9.75 6.25 8.01
N ILE C 166 9.26 7.29 8.66
CA ILE C 166 7.95 7.30 9.31
C ILE C 166 6.96 8.02 8.41
N LYS C 167 5.76 7.46 8.30
CA LYS C 167 4.67 8.09 7.57
C LYS C 167 3.40 7.92 8.39
N ILE C 168 2.92 9.00 8.99
CA ILE C 168 1.76 8.98 9.86
C ILE C 168 0.60 9.64 9.14
N ALA C 169 -0.53 8.95 9.08
CA ALA C 169 -1.78 9.49 8.54
C ALA C 169 -2.77 9.63 9.69
N PHE C 170 -3.27 10.83 9.90
CA PHE C 170 -4.28 11.04 10.93
C PHE C 170 -5.56 10.31 10.57
N ALA C 171 -6.21 9.74 11.58
CA ALA C 171 -7.54 9.20 11.38
C ALA C 171 -8.46 10.27 10.80
N ALA C 172 -9.30 9.87 9.86
CA ALA C 172 -10.21 10.82 9.22
C ALA C 172 -11.25 11.31 10.23
N PRO C 173 -11.82 12.49 9.99
CA PRO C 173 -12.90 12.96 10.87
C PRO C 173 -14.09 12.02 10.80
N GLY C 174 -14.77 11.87 11.93
CA GLY C 174 -15.94 11.03 12.00
C GLY C 174 -17.17 11.76 11.50
N PRO C 175 -18.35 11.18 11.75
CA PRO C 175 -19.60 11.80 11.24
C PRO C 175 -19.87 13.17 11.83
N ARG C 176 -19.18 13.56 12.90
CA ARG C 176 -19.39 14.85 13.55
C ARG C 176 -18.29 15.86 13.20
N GLY C 177 -17.60 15.65 12.09
CA GLY C 177 -16.52 16.55 11.73
C GLY C 177 -15.37 16.44 12.71
N ARG C 178 -14.55 17.50 12.73
CA ARG C 178 -13.39 17.56 13.61
C ARG C 178 -13.86 17.90 15.02
N ASP C 179 -14.29 16.85 15.73
CA ASP C 179 -14.83 17.00 17.07
C ASP C 179 -13.72 16.77 18.10
N THR C 180 -14.10 16.64 19.38
CA THR C 180 -13.12 16.38 20.42
C THR C 180 -12.41 15.05 20.17
N THR C 181 -13.16 14.03 19.75
CA THR C 181 -12.55 12.74 19.44
C THR C 181 -11.49 12.89 18.35
N TYR C 182 -11.79 13.68 17.32
CA TYR C 182 -10.84 13.85 16.23
C TYR C 182 -9.52 14.46 16.74
N TRP C 183 -9.62 15.56 17.49
CA TRP C 183 -8.42 16.21 17.97
C TRP C 183 -7.71 15.38 19.04
N GLN C 184 -8.46 14.54 19.76
CA GLN C 184 -7.82 13.57 20.64
C GLN C 184 -6.95 12.60 19.84
N ASN C 185 -7.47 12.13 18.70
CA ASN C 185 -6.69 11.25 17.84
C ASN C 185 -5.47 11.97 17.28
N VAL C 186 -5.66 13.18 16.77
CA VAL C 186 -4.53 13.98 16.27
C VAL C 186 -3.48 14.12 17.37
N LYS C 187 -3.91 14.43 18.59
CA LYS C 187 -2.96 14.53 19.70
C LYS C 187 -2.26 13.20 19.92
N ASP C 188 -3.01 12.09 19.89
CA ASP C 188 -2.40 10.79 20.10
C ASP C 188 -1.42 10.44 18.98
N SER C 189 -1.76 10.79 17.74
CA SER C 189 -0.87 10.50 16.62
C SER C 189 0.48 11.21 16.80
N VAL C 190 0.45 12.47 17.21
CA VAL C 190 1.68 13.27 17.25
C VAL C 190 2.48 12.98 18.51
N GLN C 191 1.79 12.78 19.64
CA GLN C 191 2.48 12.65 20.92
C GLN C 191 2.72 11.22 21.35
N TYR C 192 2.04 10.26 20.74
CA TYR C 192 2.19 8.85 21.10
C TYR C 192 2.68 8.02 19.92
N GLU C 193 1.96 8.04 18.79
CA GLU C 193 2.36 7.22 17.65
C GLU C 193 3.74 7.63 17.15
N LEU C 194 3.98 8.94 17.00
CA LEU C 194 5.26 9.40 16.48
C LEU C 194 6.39 9.10 17.47
N GLU C 195 6.19 9.41 18.75
CA GLU C 195 7.22 9.13 19.75
C GLU C 195 7.55 7.64 19.79
N GLN C 196 6.53 6.79 19.61
CA GLN C 196 6.76 5.35 19.63
C GLN C 196 7.56 4.89 18.41
N GLN C 197 7.22 5.41 17.23
CA GLN C 197 7.95 5.02 16.03
C GLN C 197 9.35 5.60 16.01
N LEU C 198 9.55 6.78 16.61
CA LEU C 198 10.90 7.30 16.75
C LEU C 198 11.71 6.50 17.75
N LYS C 199 11.08 6.05 18.84
CA LYS C 199 11.78 5.24 19.82
C LYS C 199 12.27 3.93 19.21
N ARG C 200 11.38 3.23 18.49
CA ARG C 200 11.77 1.98 17.85
C ARG C 200 12.88 2.17 16.83
N ARG C 201 13.10 3.41 16.37
CA ARG C 201 14.23 3.74 15.53
C ARG C 201 15.43 4.25 16.32
N GLY C 202 15.36 4.16 17.66
CA GLY C 202 16.42 4.75 18.46
C GLY C 202 17.78 4.16 18.19
N GLY C 203 17.86 2.83 18.15
CA GLY C 203 19.15 2.18 17.97
C GLY C 203 19.73 2.36 16.58
N THR C 204 18.87 2.41 15.57
CA THR C 204 19.35 2.46 14.19
C THR C 204 19.92 3.82 13.83
N TYR C 205 19.36 4.90 14.38
CA TYR C 205 19.72 6.25 13.95
C TYR C 205 20.58 7.02 14.94
N GLY C 206 20.65 6.57 16.19
CA GLY C 206 21.52 7.20 17.17
C GLY C 206 20.75 7.92 18.26
N ASP C 207 21.45 8.81 18.95
CA ASP C 207 20.87 9.52 20.08
C ASP C 207 20.09 10.75 19.63
N SER C 208 20.72 11.62 18.83
CA SER C 208 20.11 12.86 18.35
C SER C 208 20.11 12.84 16.82
N PRO C 209 19.25 12.02 16.21
CA PRO C 209 19.20 11.97 14.75
C PRO C 209 18.39 13.12 14.16
N ALA C 210 18.78 13.51 12.95
CA ALA C 210 18.09 14.60 12.26
C ALA C 210 16.77 14.13 11.69
N LEU C 211 15.78 15.02 11.70
CA LEU C 211 14.44 14.71 11.21
C LEU C 211 14.19 15.49 9.93
N ALA C 212 13.93 14.77 8.84
CA ALA C 212 13.52 15.37 7.57
C ALA C 212 12.00 15.31 7.52
N VAL C 213 11.35 16.40 7.87
CA VAL C 213 9.90 16.44 8.10
C VAL C 213 9.23 17.13 6.94
N VAL C 214 8.16 16.53 6.44
CA VAL C 214 7.24 17.15 5.49
C VAL C 214 5.83 16.86 5.96
N GLY C 215 4.98 17.87 6.00
CA GLY C 215 3.63 17.71 6.47
C GLY C 215 2.62 18.34 5.52
N LEU C 216 1.44 17.70 5.46
CA LEU C 216 0.28 18.25 4.76
C LEU C 216 -0.94 17.80 5.57
N ALA C 217 -1.18 18.51 6.68
CA ALA C 217 -2.21 18.14 7.63
C ALA C 217 -2.84 19.41 8.18
N ASP C 218 -3.82 19.23 9.07
CA ASP C 218 -4.49 20.36 9.70
C ASP C 218 -3.46 21.37 10.20
N ILE C 219 -3.72 22.65 9.93
CA ILE C 219 -2.83 23.70 10.45
C ILE C 219 -2.67 23.58 11.96
N PRO C 220 -3.74 23.46 12.76
CA PRO C 220 -3.56 23.25 14.20
C PRO C 220 -2.73 22.01 14.51
N ALA C 221 -2.85 20.97 13.68
CA ALA C 221 -2.10 19.74 13.93
C ALA C 221 -0.63 19.92 13.61
N LEU C 222 -0.32 20.55 12.46
CA LEU C 222 1.07 20.80 12.12
C LEU C 222 1.77 21.64 13.18
N MET C 223 1.03 22.58 13.79
CA MET C 223 1.61 23.37 14.88
C MET C 223 1.92 22.50 16.08
N MET C 224 1.01 21.59 16.44
CA MET C 224 1.30 20.65 17.51
C MET C 224 2.51 19.78 17.16
N LEU C 225 2.59 19.34 15.90
CA LEU C 225 3.76 18.59 15.46
C LEU C 225 5.03 19.40 15.65
N GLY C 226 5.03 20.66 15.20
CA GLY C 226 6.21 21.49 15.36
C GLY C 226 6.64 21.61 16.80
N GLN C 227 5.70 21.89 17.69
CA GLN C 227 6.02 22.02 19.11
C GLN C 227 6.61 20.73 19.68
N SER C 228 6.19 19.59 19.15
CA SER C 228 6.70 18.31 19.64
C SER C 228 8.12 18.06 19.16
N ILE C 229 8.43 18.44 17.92
CA ILE C 229 9.76 18.27 17.36
C ILE C 229 10.61 19.52 17.46
N GLY C 230 10.09 20.58 18.08
CA GLY C 230 10.81 21.84 18.14
C GLY C 230 12.16 21.75 18.82
N ASP C 231 12.38 20.71 19.62
CA ASP C 231 13.66 20.51 20.29
C ASP C 231 14.60 19.61 19.48
N ARG C 232 14.05 18.58 18.85
CA ARG C 232 14.84 17.66 18.02
C ARG C 232 15.89 18.40 17.21
N SER C 233 17.11 18.49 17.75
CA SER C 233 18.19 19.17 17.06
C SER C 233 18.29 18.69 15.61
N LYS C 234 18.64 19.61 14.72
CA LYS C 234 18.75 19.30 13.31
C LYS C 234 17.40 18.86 12.75
N ARG C 235 16.50 19.81 12.52
CA ARG C 235 15.23 19.56 11.85
C ARG C 235 15.31 20.16 10.45
N LEU C 236 14.96 19.35 9.44
CA LEU C 236 15.02 19.76 8.04
C LEU C 236 13.59 19.77 7.51
N ILE C 237 12.95 20.93 7.59
CA ILE C 237 11.58 21.03 7.10
C ILE C 237 11.60 20.99 5.59
N PHE C 238 10.94 19.99 5.01
CA PHE C 238 10.65 19.96 3.59
C PHE C 238 9.20 20.37 3.38
N SER C 239 8.84 20.63 2.12
CA SER C 239 7.54 21.19 1.80
C SER C 239 6.92 20.50 0.59
N PHE C 240 5.63 20.23 0.68
CA PHE C 240 4.85 19.76 -0.46
C PHE C 240 4.33 20.97 -1.23
N HIS C 241 4.63 21.01 -2.53
CA HIS C 241 4.26 22.13 -3.38
C HIS C 241 3.28 21.66 -4.44
N ARG C 242 2.23 22.45 -4.66
CA ARG C 242 1.19 22.04 -5.60
C ARG C 242 1.76 21.79 -6.98
N GLU C 243 2.84 22.48 -7.35
CA GLU C 243 3.46 22.31 -8.67
C GLU C 243 4.65 21.37 -8.62
N HIS C 244 5.63 21.66 -7.77
CA HIS C 244 6.88 20.93 -7.75
C HIS C 244 6.90 19.79 -6.74
N LEU C 245 5.77 19.47 -6.12
CA LEU C 245 5.71 18.43 -5.09
C LEU C 245 6.77 18.71 -4.02
N LEU C 246 7.72 17.79 -3.84
CA LEU C 246 8.72 17.94 -2.78
C LEU C 246 9.96 18.69 -3.22
N ARG C 247 10.12 18.93 -4.52
CA ARG C 247 11.25 19.70 -5.01
C ARG C 247 11.06 21.18 -4.66
N TRP C 248 12.14 21.83 -4.27
CA TRP C 248 12.08 23.26 -3.98
C TRP C 248 11.79 24.02 -5.27
N PRO C 249 10.73 24.84 -5.33
CA PRO C 249 10.41 25.52 -6.59
C PRO C 249 11.57 26.35 -7.14
N ASP C 250 12.41 26.93 -6.28
CA ASP C 250 13.48 27.81 -6.73
C ASP C 250 14.49 28.05 -5.62
N GLN C 251 15.64 27.39 -5.71
CA GLN C 251 16.66 27.54 -4.68
C GLN C 251 17.20 28.96 -4.60
N SER C 252 17.14 29.70 -5.71
CA SER C 252 17.70 31.04 -5.77
C SER C 252 16.70 32.13 -5.39
N ALA C 253 15.43 31.78 -5.16
CA ALA C 253 14.42 32.79 -4.89
C ALA C 253 14.66 33.45 -3.53
N GLU C 254 14.55 34.79 -3.51
CA GLU C 254 14.74 35.54 -2.28
C GLU C 254 13.45 35.54 -1.46
N PRO C 255 13.54 35.40 -0.14
CA PRO C 255 12.32 35.41 0.66
C PRO C 255 11.59 36.71 0.52
N PRO C 256 10.27 36.72 0.67
CA PRO C 256 9.51 37.97 0.62
C PRO C 256 9.61 38.72 1.94
N SER C 257 9.13 39.96 1.92
CA SER C 257 9.02 40.75 3.13
C SER C 257 7.83 40.27 3.95
N PHE C 258 8.06 40.04 5.24
CA PHE C 258 7.00 39.59 6.14
C PHE C 258 6.45 40.83 6.84
N LEU C 259 5.42 41.42 6.24
CA LEU C 259 4.87 42.67 6.74
C LEU C 259 4.07 42.44 8.01
N PHE C 260 4.20 43.37 8.96
CA PHE C 260 3.52 43.27 10.24
C PHE C 260 2.70 44.53 10.49
N THR C 261 1.53 44.34 11.10
CA THR C 261 0.66 45.43 11.50
C THR C 261 0.51 45.37 13.02
N PRO C 262 0.95 46.38 13.77
CA PRO C 262 0.86 46.30 15.22
C PRO C 262 -0.59 46.14 15.65
N PRO C 263 -0.84 45.42 16.74
CA PRO C 263 -2.22 45.27 17.23
C PRO C 263 -2.74 46.61 17.75
N PRO C 264 -4.07 46.79 17.76
CA PRO C 264 -4.63 48.03 18.31
C PRO C 264 -4.52 48.04 19.83
N ASN C 265 -4.02 49.14 20.37
CA ASN C 265 -3.95 49.30 21.82
C ASN C 265 -5.35 49.17 22.42
N GLY C 266 -5.40 48.71 23.66
CA GLY C 266 -6.63 48.56 24.41
C GLY C 266 -6.78 47.16 24.93
N ASP C 267 -7.94 46.88 25.51
CA ASP C 267 -8.28 45.56 26.01
C ASP C 267 -9.08 44.81 24.96
N GLY C 268 -9.04 43.49 25.07
CA GLY C 268 -9.67 42.62 24.11
C GLY C 268 -8.75 41.48 23.74
N PRO C 269 -9.31 40.39 23.22
CA PRO C 269 -8.49 39.22 22.88
C PRO C 269 -7.47 39.58 21.80
N LEU C 270 -6.20 39.43 22.11
CA LEU C 270 -5.14 39.70 21.14
C LEU C 270 -5.13 38.61 20.08
N ALA C 271 -5.49 38.98 18.85
CA ALA C 271 -5.58 38.05 17.74
C ALA C 271 -4.36 38.17 16.85
N LEU C 272 -3.76 37.04 16.51
CA LEU C 272 -2.60 36.99 15.62
C LEU C 272 -3.06 36.37 14.30
N VAL C 273 -3.12 37.19 13.25
CA VAL C 273 -3.56 36.75 11.93
C VAL C 273 -2.33 36.62 11.04
N LEU C 274 -2.24 35.50 10.32
CA LEU C 274 -1.15 35.26 9.39
C LEU C 274 -1.73 35.11 8.00
N SER C 275 -1.56 36.14 7.17
CA SER C 275 -2.00 36.12 5.78
C SER C 275 -0.78 35.85 4.91
N ILE C 276 -0.43 34.56 4.79
CA ILE C 276 0.77 34.12 4.08
C ILE C 276 0.39 33.39 2.78
N SER C 277 -0.33 32.28 2.89
CA SER C 277 -0.81 31.59 1.71
C SER C 277 -2.04 32.25 1.12
N ALA C 278 -2.74 33.08 1.88
CA ALA C 278 -3.87 33.85 1.38
C ALA C 278 -4.14 34.99 2.36
N GLN C 279 -5.05 35.87 1.98
CA GLN C 279 -5.45 37.00 2.81
C GLN C 279 -6.63 36.58 3.68
N VAL C 280 -6.43 36.61 5.00
CA VAL C 280 -7.49 36.26 5.95
C VAL C 280 -8.42 37.47 6.08
N PRO C 281 -9.67 37.38 5.63
CA PRO C 281 -10.57 38.52 5.79
C PRO C 281 -10.78 38.84 7.26
N VAL C 282 -10.55 40.11 7.62
CA VAL C 282 -10.70 40.52 9.01
C VAL C 282 -12.11 40.19 9.52
N ARG C 283 -13.11 40.33 8.65
CA ARG C 283 -14.49 40.07 9.07
C ARG C 283 -14.66 38.66 9.62
N ASP C 284 -13.84 37.71 9.15
CA ASP C 284 -13.95 36.34 9.65
C ASP C 284 -13.35 36.22 11.05
N VAL C 285 -12.37 37.05 11.38
CA VAL C 285 -11.73 36.99 12.69
C VAL C 285 -12.65 37.59 13.75
N THR C 286 -13.15 38.80 13.51
CA THR C 286 -14.04 39.44 14.46
C THR C 286 -15.32 38.65 14.66
N ASP C 287 -15.74 37.91 13.63
CA ASP C 287 -16.94 37.08 13.75
C ASP C 287 -16.76 36.02 14.83
N ALA C 288 -15.63 35.33 14.82
CA ALA C 288 -15.33 34.30 15.80
C ALA C 288 -14.70 34.86 17.07
N LEU C 289 -14.37 36.14 17.09
CA LEU C 289 -13.70 36.74 18.24
C LEU C 289 -13.95 38.24 18.22
N PRO C 290 -15.12 38.69 18.63
CA PRO C 290 -15.44 40.12 18.52
C PRO C 290 -14.67 40.95 19.53
N GLY C 291 -14.50 42.22 19.19
CA GLY C 291 -13.65 43.09 20.00
C GLY C 291 -12.19 42.69 19.99
N ALA C 292 -11.76 41.96 18.98
CA ALA C 292 -10.39 41.45 18.94
C ALA C 292 -9.41 42.54 18.52
N ARG C 293 -8.23 42.50 19.13
CA ARG C 293 -7.11 43.36 18.76
C ARG C 293 -6.22 42.55 17.82
N ILE C 294 -6.28 42.86 16.53
CA ILE C 294 -5.68 42.03 15.49
C ILE C 294 -4.30 42.58 15.13
N ALA C 295 -3.31 41.68 15.10
CA ALA C 295 -1.98 41.96 14.60
C ALA C 295 -1.72 40.98 13.45
N GLU C 296 -1.45 41.51 12.26
CA GLU C 296 -1.34 40.70 11.06
C GLU C 296 0.11 40.63 10.60
N LEU C 297 0.63 39.41 10.49
CA LEU C 297 1.85 39.14 9.75
C LEU C 297 1.44 38.62 8.37
N SER C 298 1.98 39.22 7.32
CA SER C 298 1.57 38.89 5.97
C SER C 298 2.76 39.05 5.03
N ILE C 299 2.53 38.76 3.76
CA ILE C 299 3.49 39.03 2.71
C ILE C 299 2.81 39.92 1.69
N PRO C 300 3.59 40.66 0.89
CA PRO C 300 2.96 41.55 -0.11
C PRO C 300 1.91 40.86 -0.96
N GLU C 301 2.15 39.63 -1.38
CA GLU C 301 1.25 38.91 -2.28
C GLU C 301 1.02 37.51 -1.73
N PRO C 302 -0.01 37.34 -0.90
CA PRO C 302 -0.31 35.99 -0.38
C PRO C 302 -0.53 35.00 -1.52
N SER C 303 0.13 33.85 -1.41
CA SER C 303 0.09 32.85 -2.48
C SER C 303 0.34 31.46 -1.91
N TYR C 304 -0.49 30.50 -2.31
CA TYR C 304 -0.28 29.12 -1.94
C TYR C 304 1.12 28.62 -2.31
N ALA C 305 1.76 29.26 -3.29
CA ALA C 305 3.00 28.76 -3.87
C ALA C 305 4.25 29.43 -3.29
N MET C 306 4.11 30.18 -2.21
CA MET C 306 5.19 31.06 -1.77
C MET C 306 6.37 30.32 -1.17
N VAL C 307 6.24 29.03 -0.87
CA VAL C 307 7.35 28.29 -0.27
C VAL C 307 8.31 27.87 -1.39
N GLN C 308 9.23 28.77 -1.76
CA GLN C 308 10.14 28.53 -2.86
C GLN C 308 11.40 27.78 -2.42
N ASN C 309 11.80 27.93 -1.18
CA ASN C 309 12.98 27.25 -0.65
C ASN C 309 12.91 27.30 0.86
N ARG C 310 13.79 26.54 1.50
CA ARG C 310 13.82 26.53 2.96
C ARG C 310 14.20 27.89 3.52
N ARG C 311 14.89 28.73 2.75
CA ARG C 311 15.16 30.08 3.20
C ARG C 311 13.87 30.83 3.53
N VAL C 312 12.85 30.68 2.68
CA VAL C 312 11.57 31.32 2.95
C VAL C 312 11.03 30.86 4.30
N ILE C 313 11.19 29.58 4.61
CA ILE C 313 10.80 29.09 5.93
C ILE C 313 11.67 29.72 7.01
N HIS C 314 12.98 29.78 6.78
CA HIS C 314 13.87 30.44 7.72
C HIS C 314 13.51 31.91 7.90
N ALA C 315 13.06 32.57 6.83
CA ALA C 315 12.67 33.97 6.94
C ALA C 315 11.40 34.13 7.75
N PHE C 316 10.45 33.19 7.60
CA PHE C 316 9.19 33.29 8.33
C PHE C 316 9.42 33.12 9.83
N ARG C 317 10.25 32.15 10.23
CA ARG C 317 10.50 31.94 11.65
C ARG C 317 11.18 33.16 12.26
N ASP C 318 12.14 33.76 11.54
CA ASP C 318 12.83 34.92 12.07
C ASP C 318 11.88 36.10 12.23
N ALA C 319 11.05 36.35 11.22
CA ALA C 319 10.04 37.41 11.33
C ALA C 319 9.03 37.08 12.41
N LEU C 320 8.48 35.85 12.38
CA LEU C 320 7.50 35.46 13.38
C LEU C 320 8.10 35.48 14.78
N GLN C 321 9.33 35.00 14.93
CA GLN C 321 9.99 35.03 16.23
C GLN C 321 9.90 36.40 16.87
N ILE C 322 10.26 37.45 16.13
CA ILE C 322 10.20 38.81 16.66
C ILE C 322 8.77 39.15 17.04
N ARG C 323 7.84 39.04 16.09
CA ARG C 323 6.48 39.50 16.33
C ARG C 323 5.82 38.74 17.47
N LEU C 324 6.16 37.46 17.65
CA LEU C 324 5.64 36.73 18.80
C LEU C 324 6.15 37.34 20.10
N SER C 325 7.42 37.77 20.11
CA SER C 325 7.96 38.42 21.30
C SER C 325 7.21 39.72 21.61
N GLN C 326 6.94 40.52 20.58
CA GLN C 326 6.21 41.77 20.79
C GLN C 326 4.80 41.50 21.30
N LEU C 327 4.07 40.61 20.63
CA LEU C 327 2.71 40.32 21.03
C LEU C 327 2.65 39.69 22.41
N GLU C 328 3.58 38.79 22.72
CA GLU C 328 3.56 38.12 24.02
C GLU C 328 3.76 39.07 25.18
N ALA C 329 4.36 40.24 24.93
CA ALA C 329 4.56 41.25 25.97
C ALA C 329 3.51 42.36 25.89
N LEU C 330 2.42 42.13 25.16
CA LEU C 330 1.36 43.12 25.01
C LEU C 330 0.02 42.63 25.54
N THR C 331 -0.05 41.40 26.06
CA THR C 331 -1.29 40.86 26.59
C THR C 331 -0.94 39.85 27.68
N PRO C 332 -1.75 39.75 28.73
CA PRO C 332 -1.60 38.65 29.69
C PRO C 332 -2.37 37.42 29.23
N ASP C 333 -3.50 37.65 28.57
CA ASP C 333 -4.38 36.59 28.10
C ASP C 333 -3.81 35.92 26.86
N PRO C 334 -4.40 34.83 26.41
CA PRO C 334 -3.83 34.08 25.29
C PRO C 334 -3.88 34.87 24.00
N ILE C 335 -3.05 34.44 23.06
CA ILE C 335 -3.02 34.96 21.70
C ILE C 335 -3.84 34.03 20.82
N HIS C 336 -4.90 34.55 20.21
CA HIS C 336 -5.77 33.75 19.36
C HIS C 336 -5.27 33.84 17.92
N VAL C 337 -4.97 32.67 17.34
CA VAL C 337 -4.27 32.59 16.07
C VAL C 337 -5.29 32.26 14.97
N PHE C 338 -5.23 33.02 13.87
CA PHE C 338 -6.07 32.83 12.69
C PHE C 338 -5.11 32.75 11.52
N ALA C 339 -4.71 31.53 11.15
CA ALA C 339 -3.60 31.31 10.24
C ALA C 339 -4.07 30.80 8.90
N ALA C 340 -3.57 31.42 7.83
CA ALA C 340 -3.68 30.92 6.46
C ALA C 340 -2.24 30.81 5.95
N ILE C 341 -1.57 29.72 6.33
CA ILE C 341 -0.14 29.59 6.10
C ILE C 341 0.18 28.24 5.46
N PRO C 342 1.21 28.13 4.64
CA PRO C 342 1.58 26.83 4.09
C PRO C 342 1.90 25.83 5.19
N ALA C 343 1.79 24.55 4.84
CA ALA C 343 2.01 23.49 5.82
C ALA C 343 3.41 23.57 6.42
N ALA C 344 4.41 23.86 5.59
CA ALA C 344 5.78 23.93 6.11
C ALA C 344 5.92 24.99 7.18
N LEU C 345 5.27 26.14 7.01
CA LEU C 345 5.39 27.21 7.98
C LEU C 345 4.56 26.95 9.23
N ALA C 346 3.46 26.21 9.10
CA ALA C 346 2.68 25.85 10.28
C ALA C 346 3.48 24.96 11.22
N ILE C 347 4.31 24.07 10.66
CA ILE C 347 5.22 23.29 11.49
C ILE C 347 6.25 24.20 12.15
N GLU C 348 6.82 25.13 11.38
CA GLU C 348 7.81 26.03 11.95
C GLU C 348 7.20 26.96 12.99
N PHE C 349 5.92 27.27 12.85
CA PHE C 349 5.21 28.00 13.91
C PHE C 349 5.29 27.24 15.22
N GLY C 350 4.88 25.97 15.21
CA GLY C 350 4.92 25.18 16.43
C GLY C 350 6.33 24.98 16.97
N ALA C 351 7.31 24.90 16.07
CA ALA C 351 8.70 24.72 16.51
C ALA C 351 9.19 25.92 17.31
N LEU C 352 8.59 27.10 17.13
CA LEU C 352 8.96 28.27 17.92
C LEU C 352 8.26 28.28 19.28
N LEU C 353 7.17 27.55 19.43
CA LEU C 353 6.43 27.48 20.68
C LEU C 353 6.90 26.37 21.60
N THR C 354 7.91 25.59 21.19
CA THR C 354 8.38 24.50 22.02
C THR C 354 9.05 25.02 23.28
N THR C 355 10.00 25.96 23.13
CA THR C 355 10.73 26.50 24.28
C THR C 355 11.07 27.98 24.16
N GLN C 356 11.03 28.57 22.97
CA GLN C 356 11.38 29.97 22.79
C GLN C 356 10.19 30.91 22.93
N HIS C 357 8.96 30.37 23.03
CA HIS C 357 7.74 31.16 23.19
C HIS C 357 6.74 30.28 23.94
N GLN C 358 6.85 30.30 25.27
CA GLN C 358 6.05 29.45 26.14
C GLN C 358 4.74 30.11 26.57
N HIS C 359 4.19 30.99 25.74
CA HIS C 359 2.92 31.63 25.99
C HIS C 359 1.79 30.75 25.45
N THR C 360 0.66 30.76 26.15
CA THR C 360 -0.51 30.01 25.68
C THR C 360 -1.01 30.59 24.36
N TYR C 361 -1.26 29.71 23.39
CA TYR C 361 -1.74 30.09 22.07
C TYR C 361 -2.99 29.27 21.74
N LEU C 362 -4.07 29.96 21.39
CA LEU C 362 -5.33 29.31 21.01
C LEU C 362 -5.44 29.32 19.50
N ILE C 363 -5.32 28.15 18.88
CA ILE C 363 -5.31 28.04 17.43
C ILE C 363 -6.75 27.88 16.94
N PHE C 364 -7.16 28.77 16.04
CA PHE C 364 -8.44 28.68 15.37
C PHE C 364 -8.25 28.06 13.99
N ASP C 365 -9.36 27.58 13.42
CA ASP C 365 -9.31 27.01 12.08
C ASP C 365 -10.71 27.02 11.49
N ARG C 366 -10.77 26.95 10.17
CA ARG C 366 -12.05 26.98 9.46
C ARG C 366 -12.88 25.76 9.81
N ASP C 367 -14.20 25.97 9.92
CA ASP C 367 -15.14 24.92 10.30
C ASP C 367 -16.04 24.63 9.11
N LYS C 368 -15.92 23.42 8.56
CA LYS C 368 -16.77 23.04 7.44
C LYS C 368 -18.22 22.86 7.87
N GLU C 369 -18.45 22.54 9.13
CA GLU C 369 -19.79 22.33 9.65
C GLU C 369 -20.40 23.60 10.24
N ASN C 370 -19.81 24.76 9.98
CA ASN C 370 -20.32 26.02 10.51
C ASN C 370 -20.13 27.14 9.49
N GLN C 371 -20.31 26.82 8.22
CA GLN C 371 -20.30 27.84 7.15
C GLN C 371 -18.94 28.54 7.07
N ASP C 372 -17.87 27.77 7.20
CA ASP C 372 -16.49 28.24 7.03
C ASP C 372 -16.07 29.20 8.14
N ARG C 373 -16.83 29.32 9.21
CA ARG C 373 -16.46 30.19 10.30
C ARG C 373 -15.25 29.65 11.05
N PHE C 374 -14.49 30.57 11.65
CA PHE C 374 -13.35 30.18 12.48
C PHE C 374 -13.85 29.66 13.82
N THR C 375 -13.29 28.54 14.27
CA THR C 375 -13.62 27.97 15.57
C THR C 375 -12.34 27.54 16.26
N GLN C 376 -12.35 27.60 17.59
CA GLN C 376 -11.17 27.24 18.37
C GLN C 376 -10.90 25.74 18.25
N THR C 377 -9.62 25.39 18.14
CA THR C 377 -9.23 24.00 17.94
C THR C 377 -8.31 23.62 19.10
N LEU C 378 -7.00 23.66 18.90
CA LEU C 378 -6.04 23.23 19.91
C LEU C 378 -5.46 24.43 20.64
N GLN C 379 -5.27 24.29 21.94
CA GLN C 379 -4.52 25.25 22.74
C GLN C 379 -3.09 24.72 22.89
N LEU C 380 -2.12 25.47 22.35
CA LEU C 380 -0.72 25.08 22.38
C LEU C 380 0.02 25.99 23.34
N GLY C 381 0.50 25.41 24.44
CA GLY C 381 1.24 26.14 25.43
C GLY C 381 1.67 25.21 26.55
N PRO C 382 2.50 25.71 27.48
CA PRO C 382 3.02 24.93 28.62
C PRO C 382 2.08 23.85 29.14
N ARG D 13 47.09 -3.26 -2.11
CA ARG D 13 45.75 -3.26 -2.74
C ARG D 13 44.89 -4.41 -2.19
N PHE D 14 43.65 -4.50 -2.65
CA PHE D 14 42.72 -5.55 -2.21
C PHE D 14 42.37 -6.42 -3.41
N ASN D 15 42.62 -7.73 -3.29
CA ASN D 15 42.36 -8.65 -4.41
C ASN D 15 40.87 -8.86 -4.63
N THR D 16 40.45 -8.83 -5.90
CA THR D 16 39.05 -8.97 -6.26
C THR D 16 38.94 -9.64 -7.62
N ASN D 17 37.87 -10.44 -7.79
CA ASN D 17 37.63 -11.10 -9.07
C ASN D 17 36.92 -10.15 -10.03
N ASP D 18 36.79 -10.60 -11.29
CA ASP D 18 36.18 -9.75 -12.31
C ASP D 18 34.71 -9.49 -12.00
N GLU D 19 33.97 -10.53 -11.61
CA GLU D 19 32.57 -10.33 -11.26
C GLU D 19 32.43 -9.32 -10.13
N THR D 20 33.28 -9.43 -9.10
CA THR D 20 33.24 -8.47 -8.00
C THR D 20 33.53 -7.06 -8.49
N LYS D 21 34.48 -6.92 -9.42
CA LYS D 21 34.76 -5.60 -9.98
C LYS D 21 33.57 -5.08 -10.78
N ARG D 22 33.02 -5.92 -11.66
CA ARG D 22 31.86 -5.50 -12.44
C ARG D 22 30.68 -5.15 -11.54
N ILE D 23 30.54 -5.83 -10.39
CA ILE D 23 29.48 -5.50 -9.46
C ILE D 23 29.74 -4.13 -8.82
N VAL D 24 30.97 -3.92 -8.34
CA VAL D 24 31.31 -2.65 -7.70
C VAL D 24 31.19 -1.50 -8.72
N TRP D 25 31.75 -1.70 -9.91
CA TRP D 25 31.67 -0.66 -10.93
C TRP D 25 30.22 -0.32 -11.26
N THR D 26 29.34 -1.31 -11.25
CA THR D 26 27.94 -1.08 -11.62
C THR D 26 27.19 -0.40 -10.49
N GLN D 27 27.29 -0.93 -9.27
CA GLN D 27 26.51 -0.38 -8.17
C GLN D 27 26.91 1.05 -7.83
N THR D 28 28.14 1.44 -8.14
CA THR D 28 28.62 2.79 -7.90
C THR D 28 28.45 3.70 -9.12
N ALA D 29 27.96 3.17 -10.23
CA ALA D 29 27.74 3.96 -11.44
C ALA D 29 29.02 4.58 -11.98
N GLY D 30 30.17 3.98 -11.66
CA GLY D 30 31.42 4.44 -12.24
C GLY D 30 31.93 5.76 -11.70
N HIS D 31 31.50 6.16 -10.52
CA HIS D 31 31.99 7.36 -9.87
C HIS D 31 32.74 6.99 -8.60
N CYS D 32 33.83 7.71 -8.33
CA CYS D 32 34.48 7.58 -7.03
C CYS D 32 33.49 7.92 -5.93
N GLU D 33 33.47 7.11 -4.88
CA GLU D 33 32.46 7.27 -3.83
C GLU D 33 32.79 8.41 -2.87
N LEU D 34 34.03 8.87 -2.83
CA LEU D 34 34.43 9.92 -1.90
C LEU D 34 34.40 11.31 -2.51
N CYS D 35 34.82 11.46 -3.77
CA CYS D 35 34.84 12.76 -4.43
C CYS D 35 33.82 12.88 -5.55
N GLY D 36 33.24 11.78 -6.01
CA GLY D 36 32.23 11.82 -7.03
C GLY D 36 32.73 11.92 -8.45
N THR D 37 34.04 11.98 -8.66
CA THR D 37 34.58 12.04 -10.01
C THR D 37 34.05 10.88 -10.85
N ASP D 38 33.65 11.19 -12.08
CA ASP D 38 33.24 10.15 -13.01
C ASP D 38 34.48 9.41 -13.49
N LEU D 39 34.62 8.15 -13.07
CA LEU D 39 35.78 7.35 -13.43
C LEU D 39 35.71 6.81 -14.85
N THR D 40 34.63 7.09 -15.58
CA THR D 40 34.53 6.77 -17.00
C THR D 40 34.91 7.96 -17.87
N PHE D 41 35.54 8.98 -17.30
CA PHE D 41 35.83 10.21 -18.03
C PHE D 41 36.69 9.94 -19.25
N ASP D 42 37.63 8.99 -19.15
CA ASP D 42 38.57 8.75 -20.24
C ASP D 42 37.86 8.20 -21.48
N TYR D 43 36.93 7.26 -21.29
CA TYR D 43 36.13 6.78 -22.41
C TYR D 43 35.35 7.93 -23.05
N ARG D 44 34.77 8.80 -22.22
CA ARG D 44 34.04 9.96 -22.75
C ARG D 44 34.98 10.88 -23.51
N ALA D 45 36.25 10.93 -23.13
CA ALA D 45 37.26 11.74 -23.81
C ALA D 45 37.88 11.02 -24.99
N GLY D 46 37.35 9.86 -25.38
CA GLY D 46 37.87 9.11 -26.50
C GLY D 46 39.04 8.23 -26.21
N LYS D 47 39.48 8.12 -24.95
CA LYS D 47 40.60 7.28 -24.60
C LYS D 47 40.12 5.88 -24.23
N PRO D 48 41.00 4.88 -24.32
CA PRO D 48 40.62 3.54 -23.85
C PRO D 48 40.36 3.55 -22.35
N MET D 49 39.34 2.80 -21.94
CA MET D 49 38.95 2.74 -20.53
C MET D 49 39.75 1.65 -19.84
N LYS D 50 40.73 2.06 -19.03
CA LYS D 50 41.53 1.13 -18.23
C LYS D 50 40.88 1.01 -16.86
N TRP D 51 39.87 0.13 -16.79
CA TRP D 51 39.06 0.01 -15.58
C TRP D 51 39.92 -0.19 -14.34
N GLY D 52 41.02 -0.93 -14.48
CA GLY D 52 41.86 -1.23 -13.33
C GLY D 52 42.85 -0.15 -12.97
N GLU D 53 43.17 0.73 -13.91
CA GLU D 53 44.13 1.80 -13.64
C GLU D 53 43.46 3.08 -13.16
N VAL D 54 42.21 3.33 -13.57
CA VAL D 54 41.53 4.57 -13.21
C VAL D 54 40.79 4.48 -11.89
N ALA D 55 40.79 3.31 -11.24
CA ALA D 55 40.04 3.13 -10.01
C ALA D 55 40.59 1.95 -9.24
N HIS D 56 40.41 1.99 -7.92
CA HIS D 56 40.83 0.91 -7.03
C HIS D 56 39.64 0.49 -6.19
N ILE D 57 39.46 -0.82 -6.03
CA ILE D 57 38.40 -1.39 -5.21
C ILE D 57 39.02 -1.89 -3.92
N LEU D 58 38.43 -1.49 -2.80
CA LEU D 58 38.90 -1.93 -1.49
C LEU D 58 37.72 -1.99 -0.54
N PRO D 59 37.88 -2.63 0.61
CA PRO D 59 36.79 -2.66 1.59
C PRO D 59 36.52 -1.28 2.18
N ALA D 60 35.27 -1.07 2.58
CA ALA D 60 34.86 0.20 3.16
C ALA D 60 35.19 0.31 4.65
N SER D 61 35.66 -0.76 5.28
CA SER D 61 35.95 -0.78 6.69
C SER D 61 37.31 -1.42 6.93
N PRO D 62 38.05 -0.96 7.93
CA PRO D 62 39.35 -1.57 8.23
C PRO D 62 39.21 -3.04 8.59
N LYS D 63 40.34 -3.75 8.59
CA LYS D 63 40.37 -5.16 8.94
C LYS D 63 41.80 -5.70 8.87
N ASP D 79 31.76 -9.66 0.91
CA ASP D 79 30.65 -9.38 -0.01
C ASP D 79 30.87 -8.08 -0.77
N THR D 80 30.39 -8.08 -2.00
CA THR D 80 30.52 -6.93 -2.86
C THR D 80 29.83 -5.71 -2.27
N ALA D 81 28.91 -5.90 -1.33
CA ALA D 81 28.20 -4.76 -0.75
C ALA D 81 29.08 -3.91 0.15
N ASN D 82 30.25 -4.41 0.56
CA ASN D 82 31.16 -3.69 1.43
C ASN D 82 32.40 -3.18 0.70
N LEU D 83 32.43 -3.30 -0.63
CA LEU D 83 33.57 -2.86 -1.42
C LEU D 83 33.26 -1.51 -2.05
N MET D 84 34.26 -0.64 -2.06
CA MET D 84 34.11 0.72 -2.58
C MET D 84 34.88 0.87 -3.89
N LEU D 85 34.44 1.83 -4.70
CA LEU D 85 35.15 2.24 -5.90
C LEU D 85 35.72 3.63 -5.65
N LEU D 86 37.04 3.74 -5.66
CA LEU D 86 37.73 4.98 -5.37
C LEU D 86 38.63 5.37 -6.53
N CYS D 87 38.68 6.67 -6.83
CA CYS D 87 39.70 7.17 -7.73
C CYS D 87 41.06 7.05 -7.05
N PRO D 88 42.14 6.92 -7.83
CA PRO D 88 43.46 6.78 -7.20
C PRO D 88 43.77 7.88 -6.19
N GLY D 89 43.35 9.12 -6.48
CA GLY D 89 43.63 10.21 -5.55
C GLY D 89 42.97 10.01 -4.21
N CYS D 90 41.70 9.58 -4.20
CA CYS D 90 41.00 9.35 -2.95
C CYS D 90 41.45 8.07 -2.27
N HIS D 91 41.83 7.04 -3.04
CA HIS D 91 42.30 5.80 -2.44
C HIS D 91 43.52 6.05 -1.57
N ASP D 92 44.49 6.81 -2.09
CA ASP D 92 45.70 7.10 -1.31
C ASP D 92 45.36 7.92 -0.07
N LYS D 93 44.30 8.72 -0.12
CA LYS D 93 43.97 9.59 1.01
C LYS D 93 43.39 8.78 2.17
N ILE D 94 42.57 7.79 1.88
CA ILE D 94 41.94 7.01 2.95
C ILE D 94 42.72 5.74 3.29
N ASP D 95 43.54 5.24 2.38
CA ASP D 95 44.41 4.09 2.62
C ASP D 95 45.86 4.56 2.60
N ARG D 96 46.25 5.26 3.67
CA ARG D 96 47.55 5.92 3.69
C ARG D 96 48.71 4.95 3.94
N ASP D 97 48.45 3.77 4.51
CA ASP D 97 49.48 2.77 4.68
C ASP D 97 49.61 1.83 3.49
N ALA D 98 48.83 2.06 2.43
CA ALA D 98 48.94 1.29 1.19
C ALA D 98 48.80 -0.21 1.45
N ASP D 99 47.93 -0.56 2.40
CA ASP D 99 47.65 -1.95 2.71
C ASP D 99 46.32 -2.43 2.15
N GLY D 100 45.71 -1.64 1.26
CA GLY D 100 44.44 -2.02 0.66
C GLY D 100 43.25 -1.97 1.59
N TYR D 101 43.40 -1.43 2.80
CA TYR D 101 42.33 -1.32 3.77
C TYR D 101 42.27 0.10 4.29
N PRO D 102 41.07 0.67 4.45
CA PRO D 102 40.97 2.03 4.97
C PRO D 102 41.35 2.10 6.44
N GLU D 103 41.86 3.26 6.85
CA GLU D 103 42.23 3.45 8.25
C GLU D 103 40.99 3.71 9.11
N ASN D 104 40.05 4.49 8.59
CA ASN D 104 38.80 4.80 9.27
C ASN D 104 37.67 3.96 8.68
N ASP D 105 36.63 3.75 9.47
CA ASP D 105 35.46 3.00 9.01
C ASP D 105 34.65 3.92 8.09
N LEU D 106 34.75 3.67 6.78
CA LEU D 106 34.02 4.44 5.79
C LEU D 106 32.72 3.77 5.37
N SER D 107 32.24 2.80 6.15
CA SER D 107 31.03 2.08 5.78
C SER D 107 29.80 2.99 5.82
N GLY D 108 29.77 3.94 6.76
CA GLY D 108 28.64 4.86 6.81
C GLY D 108 28.47 5.65 5.53
N LEU D 109 29.56 6.28 5.08
CA LEU D 109 29.51 7.03 3.83
C LEU D 109 29.28 6.09 2.64
N HIS D 110 29.91 4.92 2.66
CA HIS D 110 29.80 3.99 1.54
C HIS D 110 28.35 3.58 1.32
N GLN D 111 27.67 3.10 2.37
CA GLN D 111 26.28 2.69 2.23
C GLN D 111 25.39 3.86 1.84
N ALA D 112 25.64 5.04 2.42
CA ALA D 112 24.89 6.22 2.02
C ALA D 112 25.05 6.48 0.52
N TYR D 113 26.26 6.31 0.01
CA TYR D 113 26.49 6.52 -1.42
C TYR D 113 25.66 5.53 -2.25
N LEU D 114 25.81 4.24 -1.97
CA LEU D 114 25.05 3.24 -2.71
C LEU D 114 23.56 3.52 -2.66
N GLU D 115 23.08 4.01 -1.51
CA GLU D 115 21.64 4.26 -1.37
C GLU D 115 21.19 5.39 -2.29
N ARG D 116 21.95 6.48 -2.35
CA ARG D 116 21.61 7.56 -3.27
C ARG D 116 21.58 7.06 -4.72
N ILE D 117 22.54 6.21 -5.09
CA ILE D 117 22.57 5.65 -6.43
C ILE D 117 21.34 4.77 -6.65
N ARG D 118 21.06 3.89 -5.68
CA ARG D 118 19.90 3.02 -5.79
C ARG D 118 18.62 3.81 -5.98
N LEU D 119 18.47 4.91 -5.22
CA LEU D 119 17.25 5.72 -5.33
C LEU D 119 17.11 6.29 -6.73
N ALA D 120 18.19 6.82 -7.29
CA ALA D 120 18.13 7.38 -8.64
C ALA D 120 17.88 6.29 -9.67
N ALA D 121 18.55 5.15 -9.54
CA ALA D 121 18.41 4.07 -10.52
C ALA D 121 16.99 3.52 -10.55
N THR D 122 16.32 3.49 -9.41
CA THR D 122 14.95 3.00 -9.31
C THR D 122 13.91 4.07 -9.60
N THR D 123 14.34 5.31 -9.85
CA THR D 123 13.39 6.40 -10.05
C THR D 123 12.25 6.06 -11.01
N PRO D 124 12.46 5.29 -12.07
CA PRO D 124 11.33 4.91 -12.93
C PRO D 124 10.19 4.23 -12.17
N ASP D 125 10.47 3.68 -10.98
CA ASP D 125 9.40 3.11 -10.16
C ASP D 125 8.35 4.16 -9.82
N GLY D 126 8.78 5.40 -9.59
CA GLY D 126 7.87 6.47 -9.23
C GLY D 126 6.89 6.84 -10.33
N GLY D 127 7.09 6.35 -11.54
CA GLY D 127 6.18 6.64 -12.64
C GLY D 127 4.94 5.79 -12.66
N ARG D 128 4.83 4.78 -11.81
CA ARG D 128 3.60 3.99 -11.71
C ARG D 128 2.41 4.93 -11.59
N ALA D 129 1.48 4.82 -12.54
CA ALA D 129 0.42 5.80 -12.68
C ALA D 129 -0.87 5.12 -13.11
N ILE D 130 -1.96 5.85 -12.92
CA ILE D 130 -3.31 5.39 -13.26
C ILE D 130 -3.86 6.29 -14.36
N PRO D 131 -4.12 5.78 -15.56
CA PRO D 131 -4.78 6.62 -16.57
C PRO D 131 -6.24 6.85 -16.21
N LEU D 132 -6.69 8.09 -16.41
CA LEU D 132 -8.07 8.47 -16.11
C LEU D 132 -8.54 9.44 -17.18
N ILE D 133 -9.53 9.03 -17.95
CA ILE D 133 -10.12 9.85 -19.01
C ILE D 133 -11.58 10.09 -18.61
N VAL D 134 -11.90 11.34 -18.31
CA VAL D 134 -13.26 11.73 -17.94
C VAL D 134 -13.80 12.62 -19.05
N GLN D 135 -14.84 12.15 -19.74
CA GLN D 135 -15.44 12.89 -20.83
C GLN D 135 -16.94 13.04 -20.58
N SER D 136 -17.50 14.08 -21.18
CA SER D 136 -18.95 14.18 -21.27
C SER D 136 -19.44 13.24 -22.38
N GLN D 137 -20.67 12.74 -22.21
CA GLN D 137 -21.24 11.89 -23.25
C GLN D 137 -21.21 12.58 -24.61
N HIS D 138 -21.29 13.90 -24.63
CA HIS D 138 -21.21 14.63 -25.90
C HIS D 138 -19.84 14.47 -26.53
N PHE D 139 -18.77 14.70 -25.76
CA PHE D 139 -17.43 14.58 -26.32
C PHE D 139 -17.01 13.13 -26.49
N GLN D 140 -17.56 12.22 -25.68
CA GLN D 140 -17.31 10.80 -25.90
C GLN D 140 -17.90 10.30 -27.21
N THR D 141 -18.79 11.09 -27.82
CA THR D 141 -19.37 10.78 -29.11
C THR D 141 -18.83 11.67 -30.23
N ILE D 142 -18.16 12.76 -29.89
CA ILE D 142 -17.58 13.68 -30.87
C ILE D 142 -16.07 13.50 -30.96
N ASN D 143 -15.36 13.63 -29.84
CA ASN D 143 -13.92 13.46 -29.78
C ASN D 143 -13.58 12.44 -28.69
N ASP D 144 -14.00 11.19 -28.89
CA ASP D 144 -13.73 10.15 -27.92
C ASP D 144 -12.22 9.95 -27.78
N ILE D 145 -11.71 10.18 -26.58
CA ILE D 145 -10.28 10.06 -26.31
C ILE D 145 -9.93 8.59 -26.09
N PRO D 146 -9.18 7.95 -27.00
CA PRO D 146 -8.76 6.58 -26.74
C PRO D 146 -7.67 6.53 -25.68
N VAL D 147 -7.66 5.45 -24.91
CA VAL D 147 -6.72 5.32 -23.80
C VAL D 147 -5.28 5.36 -24.31
N ARG D 148 -5.03 4.86 -25.52
CA ARG D 148 -3.67 4.84 -26.03
C ARG D 148 -3.10 6.24 -26.17
N ASP D 149 -3.93 7.22 -26.54
CA ASP D 149 -3.43 8.58 -26.69
C ASP D 149 -2.88 9.12 -25.37
N LEU D 150 -3.55 8.78 -24.26
CA LEU D 150 -3.06 9.21 -22.96
C LEU D 150 -1.84 8.39 -22.54
N LEU D 151 -1.84 7.10 -22.86
CA LEU D 151 -0.73 6.24 -22.43
C LEU D 151 0.58 6.63 -23.09
N THR D 152 0.55 6.95 -24.39
CA THR D 152 1.76 7.39 -25.05
C THR D 152 2.24 8.72 -24.49
N ALA D 153 1.31 9.65 -24.23
CA ALA D 153 1.69 10.91 -23.61
C ALA D 153 2.24 10.67 -22.20
N MET D 154 1.61 9.79 -21.44
CA MET D 154 2.14 9.42 -20.13
C MET D 154 3.54 8.81 -20.27
N SER D 155 3.68 7.83 -21.16
CA SER D 155 4.97 7.15 -21.30
C SER D 155 6.08 8.15 -21.63
N ALA D 156 5.78 9.16 -22.44
CA ALA D 156 6.79 10.14 -22.81
C ALA D 156 7.33 10.87 -21.58
N GLU D 157 6.50 11.06 -20.56
CA GLU D 157 6.90 11.75 -19.35
C GLU D 157 7.32 10.79 -18.24
N GLY D 158 7.57 9.52 -18.56
CA GLY D 158 7.97 8.56 -17.56
C GLY D 158 6.84 8.03 -16.70
N LEU D 159 5.59 8.34 -17.03
CA LEU D 159 4.44 7.80 -16.33
C LEU D 159 4.10 6.44 -16.92
N THR D 160 4.05 5.42 -16.06
CA THR D 160 3.91 4.03 -16.49
C THR D 160 2.62 3.45 -15.92
N ALA D 161 1.65 3.19 -16.79
CA ALA D 161 0.46 2.46 -16.39
C ALA D 161 0.78 0.98 -16.29
N PHE D 162 0.09 0.30 -15.37
CA PHE D 162 0.28 -1.13 -15.14
C PHE D 162 -1.01 -1.92 -15.32
N ASP D 163 -2.12 -1.28 -15.65
CA ASP D 163 -3.39 -1.95 -15.83
C ASP D 163 -4.26 -1.08 -16.73
N GLN D 164 -5.45 -1.59 -17.05
CA GLN D 164 -6.37 -0.85 -17.90
C GLN D 164 -6.69 0.50 -17.28
N GLY D 165 -6.69 1.53 -18.12
CA GLY D 165 -7.01 2.86 -17.64
C GLY D 165 -8.48 3.03 -17.33
N ILE D 166 -8.77 3.98 -16.46
CA ILE D 166 -10.15 4.35 -16.16
C ILE D 166 -10.65 5.25 -17.27
N LYS D 167 -11.79 4.89 -17.86
CA LYS D 167 -12.48 5.74 -18.83
C LYS D 167 -13.93 5.84 -18.40
N ILE D 168 -14.32 6.99 -17.86
CA ILE D 168 -15.66 7.20 -17.35
C ILE D 168 -16.28 8.41 -18.04
N ALA D 169 -17.59 8.38 -18.18
CA ALA D 169 -18.37 9.46 -18.77
C ALA D 169 -19.30 10.04 -17.72
N PHE D 170 -19.43 11.36 -17.69
CA PHE D 170 -20.32 12.00 -16.75
C PHE D 170 -21.76 11.55 -16.99
N ALA D 171 -22.42 11.10 -15.93
CA ALA D 171 -23.78 10.61 -16.04
C ALA D 171 -24.71 11.69 -16.60
N ALA D 172 -25.69 11.25 -17.36
CA ALA D 172 -26.67 12.18 -17.91
C ALA D 172 -27.62 12.65 -16.81
N PRO D 173 -27.96 13.94 -16.76
CA PRO D 173 -28.86 14.41 -15.71
C PRO D 173 -30.29 13.97 -15.95
N GLY D 174 -31.00 13.74 -14.85
CA GLY D 174 -32.38 13.29 -14.91
C GLY D 174 -33.36 14.43 -15.00
N PRO D 175 -34.57 14.24 -14.49
CA PRO D 175 -35.56 15.32 -14.56
C PRO D 175 -35.17 16.53 -13.74
N ARG D 176 -34.68 16.32 -12.51
CA ARG D 176 -34.25 17.41 -11.64
C ARG D 176 -32.99 18.12 -12.15
N GLY D 177 -32.52 17.81 -13.35
CA GLY D 177 -31.35 18.46 -13.85
C GLY D 177 -30.11 18.13 -13.02
N ARG D 178 -29.09 18.97 -13.19
CA ARG D 178 -27.84 18.83 -12.44
C ARG D 178 -27.94 19.60 -11.13
N ASP D 179 -28.79 19.09 -10.25
CA ASP D 179 -28.97 19.66 -8.92
C ASP D 179 -27.77 19.27 -8.05
N THR D 180 -27.85 19.58 -6.75
CA THR D 180 -26.76 19.24 -5.86
C THR D 180 -26.56 17.72 -5.77
N THR D 181 -27.67 16.97 -5.75
CA THR D 181 -27.55 15.52 -5.70
C THR D 181 -26.78 14.99 -6.89
N TYR D 182 -27.08 15.50 -8.09
CA TYR D 182 -26.35 15.06 -9.28
C TYR D 182 -24.86 15.29 -9.12
N TRP D 183 -24.47 16.52 -8.80
CA TRP D 183 -23.05 16.83 -8.68
C TRP D 183 -22.38 16.02 -7.58
N GLN D 184 -23.12 15.69 -6.52
CA GLN D 184 -22.53 14.90 -5.45
C GLN D 184 -22.32 13.45 -5.89
N ASN D 185 -23.25 12.91 -6.67
CA ASN D 185 -23.08 11.55 -7.18
C ASN D 185 -21.92 11.49 -8.17
N VAL D 186 -21.76 12.54 -8.99
CA VAL D 186 -20.61 12.60 -9.89
C VAL D 186 -19.31 12.59 -9.11
N LYS D 187 -19.25 13.35 -8.02
CA LYS D 187 -18.04 13.38 -7.21
C LYS D 187 -17.79 12.02 -6.56
N ASP D 188 -18.82 11.45 -5.93
CA ASP D 188 -18.67 10.14 -5.30
C ASP D 188 -18.29 9.07 -6.32
N SER D 189 -18.76 9.21 -7.56
CA SER D 189 -18.39 8.24 -8.59
C SER D 189 -16.91 8.34 -8.94
N VAL D 190 -16.45 9.55 -9.28
CA VAL D 190 -15.05 9.71 -9.64
C VAL D 190 -14.15 9.32 -8.47
N GLN D 191 -14.49 9.77 -7.26
CA GLN D 191 -13.67 9.43 -6.10
C GLN D 191 -13.68 7.94 -5.82
N TYR D 192 -14.78 7.25 -6.12
CA TYR D 192 -14.80 5.80 -6.04
C TYR D 192 -13.79 5.20 -7.01
N GLU D 193 -13.86 5.60 -8.27
CA GLU D 193 -13.01 5.00 -9.29
C GLU D 193 -11.53 5.21 -8.97
N LEU D 194 -11.16 6.43 -8.56
CA LEU D 194 -9.75 6.70 -8.31
C LEU D 194 -9.27 6.10 -7.00
N GLU D 195 -10.14 5.98 -6.00
CA GLU D 195 -9.70 5.45 -4.72
C GLU D 195 -9.38 3.96 -4.84
N GLN D 196 -10.15 3.22 -5.64
CA GLN D 196 -9.87 1.81 -5.81
C GLN D 196 -8.52 1.59 -6.48
N GLN D 197 -8.21 2.39 -7.51
CA GLN D 197 -6.94 2.22 -8.20
C GLN D 197 -5.77 2.75 -7.37
N LEU D 198 -5.98 3.83 -6.63
CA LEU D 198 -4.90 4.37 -5.80
C LEU D 198 -4.51 3.43 -4.66
N LYS D 199 -5.40 2.51 -4.29
CA LYS D 199 -5.02 1.47 -3.32
C LYS D 199 -3.96 0.55 -3.88
N ARG D 200 -3.77 0.54 -5.20
CA ARG D 200 -2.86 -0.41 -5.86
C ARG D 200 -1.41 0.10 -5.76
N ARG D 201 -0.95 0.19 -4.52
CA ARG D 201 0.39 0.68 -4.24
C ARG D 201 1.44 -0.27 -4.80
N GLY D 202 2.66 0.25 -4.93
CA GLY D 202 3.76 -0.52 -5.48
C GLY D 202 5.06 0.24 -5.46
N GLY D 203 5.92 0.00 -6.45
CA GLY D 203 7.19 0.66 -6.46
C GLY D 203 8.09 0.16 -5.34
N THR D 204 9.13 0.94 -5.07
CA THR D 204 10.13 0.54 -4.08
C THR D 204 9.73 0.88 -2.66
N TYR D 205 8.72 1.74 -2.46
CA TYR D 205 8.36 2.21 -1.13
C TYR D 205 6.87 2.06 -0.82
N GLY D 206 6.11 1.35 -1.66
CA GLY D 206 4.71 1.16 -1.41
C GLY D 206 3.86 2.39 -1.62
N ASP D 207 4.34 3.35 -2.40
CA ASP D 207 3.56 4.55 -2.68
C ASP D 207 2.36 4.21 -3.56
N SER D 208 1.32 5.02 -3.44
CA SER D 208 0.19 4.91 -4.35
C SER D 208 0.64 5.38 -5.74
N PRO D 209 -0.01 4.88 -6.80
CA PRO D 209 0.37 5.31 -8.15
C PRO D 209 -0.06 6.75 -8.40
N ALA D 210 0.60 7.37 -9.38
CA ALA D 210 0.20 8.71 -9.80
C ALA D 210 -1.07 8.65 -10.61
N LEU D 211 -1.81 9.75 -10.62
CA LEU D 211 -3.01 9.88 -11.42
C LEU D 211 -2.68 10.71 -12.65
N ALA D 212 -2.81 10.10 -13.84
CA ALA D 212 -2.67 10.79 -15.12
C ALA D 212 -4.09 11.03 -15.62
N VAL D 213 -4.56 12.27 -15.49
CA VAL D 213 -5.96 12.59 -15.71
C VAL D 213 -6.08 13.59 -16.84
N VAL D 214 -7.06 13.36 -17.72
CA VAL D 214 -7.44 14.28 -18.77
C VAL D 214 -8.96 14.40 -18.75
N GLY D 215 -9.45 15.60 -19.00
CA GLY D 215 -10.88 15.85 -19.00
C GLY D 215 -11.33 16.59 -20.25
N LEU D 216 -12.51 16.24 -20.74
CA LEU D 216 -13.10 16.91 -21.90
C LEU D 216 -14.62 16.91 -21.67
N ALA D 217 -15.12 17.98 -21.07
CA ALA D 217 -16.53 18.13 -20.75
C ALA D 217 -16.81 19.61 -20.58
N ASP D 218 -18.07 19.94 -20.30
CA ASP D 218 -18.42 21.32 -19.99
C ASP D 218 -17.61 21.79 -18.78
N ILE D 219 -17.36 23.10 -18.74
CA ILE D 219 -16.55 23.65 -17.65
C ILE D 219 -17.07 23.23 -16.28
N PRO D 220 -18.37 23.36 -15.97
CA PRO D 220 -18.83 22.95 -14.64
C PRO D 220 -18.47 21.52 -14.28
N ALA D 221 -18.65 20.58 -15.22
CA ALA D 221 -18.33 19.18 -14.93
C ALA D 221 -16.85 18.99 -14.68
N LEU D 222 -16.01 19.71 -15.41
CA LEU D 222 -14.57 19.59 -15.20
C LEU D 222 -14.14 20.19 -13.87
N MET D 223 -14.81 21.24 -13.41
CA MET D 223 -14.52 21.76 -12.08
C MET D 223 -14.82 20.71 -11.02
N MET D 224 -15.94 20.00 -11.15
CA MET D 224 -16.24 18.91 -10.23
C MET D 224 -15.21 17.80 -10.32
N LEU D 225 -14.68 17.55 -11.53
CA LEU D 225 -13.57 16.61 -11.65
C LEU D 225 -12.38 17.06 -10.81
N GLY D 226 -12.09 18.35 -10.82
CA GLY D 226 -11.02 18.86 -9.97
C GLY D 226 -11.37 18.77 -8.50
N GLN D 227 -12.63 19.05 -8.15
CA GLN D 227 -13.06 18.91 -6.76
C GLN D 227 -12.85 17.50 -6.25
N SER D 228 -12.93 16.50 -7.13
CA SER D 228 -12.81 15.11 -6.71
C SER D 228 -11.36 14.71 -6.51
N ILE D 229 -10.46 15.18 -7.37
CA ILE D 229 -9.08 14.72 -7.35
C ILE D 229 -8.20 15.58 -6.44
N GLY D 230 -8.55 16.84 -6.24
CA GLY D 230 -7.73 17.71 -5.43
C GLY D 230 -6.36 17.94 -6.05
N ASP D 231 -5.50 18.60 -5.27
CA ASP D 231 -4.15 18.92 -5.71
C ASP D 231 -3.12 18.56 -4.64
N ARG D 232 -3.46 17.65 -3.72
CA ARG D 232 -2.54 17.23 -2.68
C ARG D 232 -2.16 15.76 -2.87
N SER D 233 -1.78 15.41 -4.09
CA SER D 233 -1.34 14.07 -4.42
C SER D 233 -0.56 14.14 -5.73
N LYS D 234 0.29 13.14 -5.95
CA LYS D 234 1.03 13.06 -7.20
C LYS D 234 0.07 12.79 -8.35
N ARG D 235 -0.42 13.86 -8.99
CA ARG D 235 -1.31 13.74 -10.13
C ARG D 235 -0.89 14.73 -11.21
N LEU D 236 -0.87 14.27 -12.45
CA LEU D 236 -0.47 15.07 -13.58
C LEU D 236 -1.65 15.23 -14.51
N ILE D 237 -2.11 16.47 -14.69
CA ILE D 237 -3.18 16.76 -15.64
C ILE D 237 -2.61 16.73 -17.05
N PHE D 238 -3.36 16.13 -17.96
CA PHE D 238 -3.04 16.17 -19.38
C PHE D 238 -4.15 16.93 -20.10
N SER D 239 -3.80 17.54 -21.22
CA SER D 239 -4.69 18.41 -21.96
C SER D 239 -4.93 17.83 -23.34
N PHE D 240 -6.20 17.75 -23.74
CA PHE D 240 -6.53 17.33 -25.08
C PHE D 240 -6.38 18.49 -26.05
N HIS D 241 -5.74 18.21 -27.19
CA HIS D 241 -5.55 19.19 -28.26
C HIS D 241 -6.02 18.56 -29.56
N ARG D 242 -6.70 19.36 -30.38
CA ARG D 242 -7.28 18.84 -31.61
C ARG D 242 -6.24 18.09 -32.44
N GLU D 243 -5.03 18.64 -32.54
CA GLU D 243 -3.98 18.08 -33.39
C GLU D 243 -2.97 17.24 -32.63
N HIS D 244 -2.45 17.76 -31.52
CA HIS D 244 -1.44 17.04 -30.75
C HIS D 244 -2.02 15.95 -29.87
N LEU D 245 -3.34 15.79 -29.85
CA LEU D 245 -4.00 14.79 -28.99
C LEU D 245 -3.65 15.16 -27.55
N LEU D 246 -3.13 14.25 -26.74
CA LEU D 246 -2.78 14.55 -25.37
C LEU D 246 -1.30 14.87 -25.19
N ARG D 247 -0.51 14.84 -26.26
CA ARG D 247 0.87 15.29 -26.17
C ARG D 247 0.92 16.81 -26.06
N TRP D 248 1.84 17.29 -25.27
CA TRP D 248 1.93 18.72 -25.03
C TRP D 248 2.39 19.44 -26.30
N PRO D 249 1.60 20.36 -26.84
CA PRO D 249 1.99 20.99 -28.12
C PRO D 249 3.37 21.59 -28.10
N ASP D 250 3.83 22.10 -26.97
CA ASP D 250 5.15 22.73 -26.90
C ASP D 250 5.56 22.80 -25.43
N GLN D 251 6.25 21.76 -24.97
CA GLN D 251 6.79 21.74 -23.61
C GLN D 251 7.70 22.92 -23.34
N SER D 252 8.12 23.65 -24.37
CA SER D 252 9.08 24.74 -24.23
C SER D 252 8.41 26.09 -24.03
N ALA D 253 7.21 26.27 -24.56
CA ALA D 253 6.57 27.58 -24.56
C ALA D 253 6.55 28.17 -23.16
N GLU D 254 6.85 29.46 -23.08
CA GLU D 254 6.76 30.16 -21.81
C GLU D 254 5.30 30.35 -21.44
N PRO D 255 4.90 30.07 -20.20
CA PRO D 255 3.50 30.30 -19.81
C PRO D 255 3.12 31.75 -20.06
N PRO D 256 1.90 32.01 -20.51
CA PRO D 256 1.50 33.39 -20.80
C PRO D 256 1.24 34.17 -19.52
N SER D 257 1.45 35.48 -19.61
CA SER D 257 1.14 36.35 -18.49
C SER D 257 -0.35 36.34 -18.20
N PHE D 258 -0.71 36.33 -16.93
CA PHE D 258 -2.12 36.31 -16.51
C PHE D 258 -2.43 37.68 -15.90
N LEU D 259 -2.97 38.56 -16.74
CA LEU D 259 -3.24 39.93 -16.34
C LEU D 259 -4.58 40.02 -15.62
N PHE D 260 -4.67 40.98 -14.70
CA PHE D 260 -5.82 41.13 -13.82
C PHE D 260 -6.37 42.54 -13.93
N THR D 261 -7.70 42.64 -13.96
CA THR D 261 -8.40 43.92 -13.90
C THR D 261 -9.21 43.95 -12.61
N PRO D 262 -8.88 44.81 -11.65
CA PRO D 262 -9.59 44.79 -10.37
C PRO D 262 -11.04 45.24 -10.53
N PRO D 263 -11.93 44.83 -9.63
CA PRO D 263 -13.33 45.23 -9.75
C PRO D 263 -13.51 46.69 -9.40
N PRO D 264 -14.62 47.30 -9.81
CA PRO D 264 -14.87 48.70 -9.45
C PRO D 264 -15.47 48.82 -8.06
N ASN D 265 -15.52 50.05 -7.58
CA ASN D 265 -16.25 50.33 -6.35
C ASN D 265 -17.74 50.06 -6.57
N GLY D 266 -18.40 49.57 -5.54
CA GLY D 266 -19.83 49.35 -5.61
C GLY D 266 -20.25 48.20 -4.72
N ASP D 267 -21.57 47.99 -4.68
CA ASP D 267 -22.17 46.94 -3.88
C ASP D 267 -22.73 45.81 -4.73
N GLY D 268 -22.60 45.89 -6.05
CA GLY D 268 -23.14 44.89 -6.94
C GLY D 268 -22.52 43.53 -6.72
N PRO D 269 -23.12 42.49 -7.31
CA PRO D 269 -22.55 41.15 -7.16
C PRO D 269 -21.18 41.06 -7.82
N LEU D 270 -20.25 40.40 -7.13
CA LEU D 270 -18.88 40.31 -7.59
C LEU D 270 -18.75 39.18 -8.62
N ALA D 271 -18.25 39.52 -9.80
CA ALA D 271 -18.13 38.57 -10.91
C ALA D 271 -16.68 38.46 -11.31
N LEU D 272 -16.18 37.23 -11.42
CA LEU D 272 -14.85 36.95 -11.91
C LEU D 272 -14.94 36.42 -13.33
N VAL D 273 -14.38 37.15 -14.28
CA VAL D 273 -14.42 36.81 -15.70
C VAL D 273 -13.05 36.30 -16.10
N LEU D 274 -12.98 35.03 -16.53
CA LEU D 274 -11.74 34.41 -16.95
C LEU D 274 -11.71 34.37 -18.48
N SER D 275 -10.87 35.20 -19.07
CA SER D 275 -10.72 35.30 -20.52
C SER D 275 -9.38 34.67 -20.89
N ILE D 276 -9.38 33.34 -21.04
CA ILE D 276 -8.16 32.59 -21.29
C ILE D 276 -8.25 31.94 -22.66
N SER D 277 -9.28 31.11 -22.86
CA SER D 277 -9.49 30.52 -24.19
C SER D 277 -9.98 31.57 -25.16
N ALA D 278 -10.94 32.39 -24.74
CA ALA D 278 -11.52 33.44 -25.56
C ALA D 278 -11.79 34.65 -24.70
N GLN D 279 -11.87 35.81 -25.35
CA GLN D 279 -12.16 37.07 -24.66
C GLN D 279 -13.67 37.12 -24.40
N VAL D 280 -14.05 36.95 -23.14
CA VAL D 280 -15.48 36.97 -22.79
C VAL D 280 -16.00 38.39 -22.89
N PRO D 281 -17.11 38.64 -23.60
CA PRO D 281 -17.68 40.00 -23.61
C PRO D 281 -18.28 40.34 -22.26
N VAL D 282 -17.72 41.36 -21.60
CA VAL D 282 -18.24 41.79 -20.31
C VAL D 282 -19.71 42.13 -20.41
N ARG D 283 -20.17 42.53 -21.60
CA ARG D 283 -21.59 42.83 -21.78
C ARG D 283 -22.44 41.59 -21.54
N ASP D 284 -21.95 40.41 -21.93
CA ASP D 284 -22.70 39.18 -21.69
C ASP D 284 -22.74 38.84 -20.20
N VAL D 285 -21.74 39.29 -19.44
CA VAL D 285 -21.70 38.98 -18.01
C VAL D 285 -22.68 39.84 -17.23
N THR D 286 -22.75 41.13 -17.55
CA THR D 286 -23.69 42.01 -16.87
C THR D 286 -25.11 41.83 -17.38
N ASP D 287 -25.29 41.25 -18.58
CA ASP D 287 -26.63 40.90 -19.03
C ASP D 287 -27.22 39.80 -18.16
N ALA D 288 -26.42 38.80 -17.80
CA ALA D 288 -26.86 37.71 -16.96
C ALA D 288 -26.75 38.01 -15.48
N LEU D 289 -26.07 39.09 -15.10
CA LEU D 289 -25.87 39.44 -13.70
C LEU D 289 -25.86 40.96 -13.57
N PRO D 290 -27.04 41.59 -13.66
CA PRO D 290 -27.08 43.05 -13.69
C PRO D 290 -26.39 43.67 -12.47
N GLY D 291 -25.67 44.76 -12.73
CA GLY D 291 -24.93 45.43 -11.68
C GLY D 291 -23.67 44.71 -11.24
N ALA D 292 -23.21 43.73 -12.02
CA ALA D 292 -22.03 42.95 -11.61
C ALA D 292 -20.80 43.85 -11.51
N ARG D 293 -20.04 43.64 -10.44
CA ARG D 293 -18.72 44.25 -10.30
C ARG D 293 -17.73 43.29 -10.96
N ILE D 294 -17.20 43.67 -12.12
CA ILE D 294 -16.43 42.77 -12.96
C ILE D 294 -14.97 42.83 -12.59
N ALA D 295 -14.43 41.69 -12.14
CA ALA D 295 -12.99 41.47 -12.04
C ALA D 295 -12.61 40.46 -13.10
N GLU D 296 -11.54 40.75 -13.85
CA GLU D 296 -11.15 39.94 -14.99
C GLU D 296 -9.74 39.42 -14.81
N LEU D 297 -9.57 38.12 -15.02
CA LEU D 297 -8.25 37.50 -15.15
C LEU D 297 -8.16 36.93 -16.56
N SER D 298 -7.17 37.41 -17.32
CA SER D 298 -7.06 37.03 -18.72
C SER D 298 -5.60 36.82 -19.06
N ILE D 299 -5.35 36.38 -20.30
CA ILE D 299 -4.02 36.37 -20.89
C ILE D 299 -4.05 37.42 -22.01
N PRO D 300 -2.89 37.94 -22.43
CA PRO D 300 -2.93 39.02 -23.43
C PRO D 300 -3.73 38.69 -24.68
N GLU D 301 -3.49 37.52 -25.28
CA GLU D 301 -4.19 37.07 -26.48
C GLU D 301 -4.86 35.74 -26.21
N PRO D 302 -6.10 35.73 -25.75
CA PRO D 302 -6.80 34.46 -25.51
C PRO D 302 -6.77 33.58 -26.75
N SER D 303 -6.55 32.28 -26.54
CA SER D 303 -6.57 31.32 -27.62
C SER D 303 -6.92 29.95 -27.03
N TYR D 304 -7.66 29.16 -27.82
CA TYR D 304 -8.16 27.88 -27.34
C TYR D 304 -7.04 26.88 -27.08
N ALA D 305 -5.89 27.04 -27.73
CA ALA D 305 -4.77 26.12 -27.59
C ALA D 305 -3.68 26.66 -26.67
N MET D 306 -4.01 27.58 -25.77
CA MET D 306 -2.99 28.22 -24.96
C MET D 306 -2.35 27.28 -23.95
N VAL D 307 -2.86 26.07 -23.78
CA VAL D 307 -2.28 25.11 -22.82
C VAL D 307 -1.19 24.37 -23.57
N GLN D 308 -0.04 25.04 -23.70
CA GLN D 308 1.08 24.46 -24.42
C GLN D 308 1.81 23.39 -23.60
N ASN D 309 1.75 23.48 -22.27
CA ASN D 309 2.42 22.52 -21.41
C ASN D 309 1.81 22.63 -20.01
N ARG D 310 2.17 21.68 -19.16
CA ARG D 310 1.59 21.66 -17.81
C ARG D 310 1.98 22.90 -17.02
N ARG D 311 3.14 23.48 -17.29
CA ARG D 311 3.55 24.68 -16.56
C ARG D 311 2.55 25.82 -16.75
N VAL D 312 1.84 25.85 -17.89
CA VAL D 312 0.78 26.83 -18.07
C VAL D 312 -0.31 26.62 -17.02
N ILE D 313 -0.70 25.36 -16.79
CA ILE D 313 -1.74 25.06 -15.82
C ILE D 313 -1.31 25.51 -14.43
N HIS D 314 -0.06 25.24 -14.06
CA HIS D 314 0.42 25.67 -12.75
C HIS D 314 0.43 27.19 -12.65
N ALA D 315 0.95 27.87 -13.67
CA ALA D 315 0.97 29.33 -13.66
C ALA D 315 -0.43 29.90 -13.53
N PHE D 316 -1.40 29.28 -14.22
CA PHE D 316 -2.78 29.73 -14.11
C PHE D 316 -3.29 29.58 -12.68
N ARG D 317 -3.01 28.45 -12.05
CA ARG D 317 -3.42 28.25 -10.65
C ARG D 317 -2.85 29.34 -9.76
N ASP D 318 -1.53 29.54 -9.82
CA ASP D 318 -0.88 30.52 -8.95
C ASP D 318 -1.50 31.90 -9.11
N ALA D 319 -1.62 32.36 -10.35
CA ALA D 319 -2.21 33.68 -10.59
C ALA D 319 -3.65 33.72 -10.11
N LEU D 320 -4.40 32.65 -10.34
CA LEU D 320 -5.81 32.62 -9.94
C LEU D 320 -5.96 32.71 -8.43
N GLN D 321 -5.29 31.81 -7.70
CA GLN D 321 -5.45 31.78 -6.25
C GLN D 321 -5.07 33.12 -5.63
N ILE D 322 -4.04 33.77 -6.16
CA ILE D 322 -3.65 35.08 -5.65
C ILE D 322 -4.80 36.06 -5.76
N ARG D 323 -5.51 36.04 -6.90
CA ARG D 323 -6.61 36.97 -7.11
C ARG D 323 -7.85 36.56 -6.35
N LEU D 324 -8.11 35.25 -6.25
CA LEU D 324 -9.25 34.79 -5.46
C LEU D 324 -9.12 35.22 -4.01
N SER D 325 -7.91 35.11 -3.44
CA SER D 325 -7.69 35.61 -2.10
C SER D 325 -8.00 37.10 -2.01
N GLN D 326 -7.66 37.86 -3.05
CA GLN D 326 -7.96 39.29 -3.06
C GLN D 326 -9.45 39.53 -3.19
N LEU D 327 -10.14 38.75 -4.03
CA LEU D 327 -11.57 38.96 -4.21
C LEU D 327 -12.36 38.50 -3.00
N GLU D 328 -12.02 37.33 -2.45
CA GLU D 328 -12.71 36.87 -1.25
C GLU D 328 -12.59 37.88 -0.12
N ALA D 329 -11.46 38.58 -0.04
CA ALA D 329 -11.31 39.63 0.97
C ALA D 329 -12.26 40.79 0.73
N LEU D 330 -12.75 40.95 -0.50
CA LEU D 330 -13.63 42.06 -0.82
C LEU D 330 -15.09 41.78 -0.51
N THR D 331 -15.46 40.53 -0.20
CA THR D 331 -16.85 40.24 0.08
C THR D 331 -17.04 38.86 0.70
N PRO D 332 -17.93 38.71 1.68
CA PRO D 332 -18.35 37.36 2.09
C PRO D 332 -19.35 36.73 1.14
N ASP D 333 -19.91 37.52 0.22
CA ASP D 333 -20.93 37.02 -0.70
C ASP D 333 -20.29 36.14 -1.77
N PRO D 334 -21.09 35.38 -2.50
CA PRO D 334 -20.52 34.46 -3.49
C PRO D 334 -19.82 35.21 -4.62
N ILE D 335 -18.80 34.58 -5.18
CA ILE D 335 -18.11 35.07 -6.35
C ILE D 335 -18.71 34.39 -7.57
N HIS D 336 -19.20 35.18 -8.51
CA HIS D 336 -19.83 34.67 -9.72
C HIS D 336 -18.78 34.55 -10.81
N VAL D 337 -18.56 33.34 -11.30
CA VAL D 337 -17.49 33.05 -12.25
C VAL D 337 -18.09 32.88 -13.64
N PHE D 338 -17.52 33.61 -14.60
CA PHE D 338 -17.88 33.51 -16.01
C PHE D 338 -16.59 33.19 -16.74
N ALA D 339 -16.36 31.92 -17.04
CA ALA D 339 -15.06 31.44 -17.48
C ALA D 339 -15.08 31.06 -18.96
N ALA D 340 -14.03 31.49 -19.67
CA ALA D 340 -13.68 30.99 -20.99
C ALA D 340 -12.26 30.43 -20.85
N ILE D 341 -12.17 29.22 -20.32
CA ILE D 341 -10.88 28.61 -19.99
C ILE D 341 -10.80 27.21 -20.60
N PRO D 342 -9.63 26.73 -21.00
CA PRO D 342 -9.53 25.37 -21.54
C PRO D 342 -9.86 24.32 -20.48
N ALA D 343 -10.11 23.10 -20.97
CA ALA D 343 -10.56 22.03 -20.08
C ALA D 343 -9.59 21.81 -18.93
N ALA D 344 -8.29 21.70 -19.25
CA ALA D 344 -7.31 21.43 -18.21
C ALA D 344 -7.34 22.49 -17.11
N LEU D 345 -7.62 23.75 -17.47
CA LEU D 345 -7.68 24.80 -16.47
C LEU D 345 -8.95 24.71 -15.63
N ALA D 346 -10.06 24.25 -16.23
CA ALA D 346 -11.27 24.06 -15.46
C ALA D 346 -11.05 23.03 -14.36
N ILE D 347 -10.29 21.98 -14.65
CA ILE D 347 -9.99 20.98 -13.62
C ILE D 347 -9.16 21.60 -12.50
N GLU D 348 -8.05 22.25 -12.86
CA GLU D 348 -7.17 22.82 -11.84
C GLU D 348 -7.93 23.83 -10.98
N PHE D 349 -8.80 24.63 -11.61
CA PHE D 349 -9.68 25.52 -10.86
C PHE D 349 -10.42 24.76 -9.78
N GLY D 350 -11.14 23.70 -10.16
CA GLY D 350 -11.87 22.91 -9.18
C GLY D 350 -10.95 22.31 -8.12
N ALA D 351 -9.80 21.78 -8.54
CA ALA D 351 -8.87 21.19 -7.58
C ALA D 351 -8.35 22.22 -6.61
N LEU D 352 -8.14 23.46 -7.07
CA LEU D 352 -7.62 24.50 -6.20
C LEU D 352 -8.55 24.75 -5.02
N LEU D 353 -9.87 24.61 -5.21
CA LEU D 353 -10.86 24.92 -4.19
C LEU D 353 -11.20 23.72 -3.32
N THR D 354 -10.19 22.93 -2.94
CA THR D 354 -10.41 21.74 -2.11
C THR D 354 -9.71 21.86 -0.76
N THR D 355 -9.40 23.07 -0.33
CA THR D 355 -8.87 23.29 1.01
C THR D 355 -10.00 23.21 2.03
N GLN D 356 -9.62 23.11 3.31
CA GLN D 356 -10.61 23.21 4.38
C GLN D 356 -11.41 24.50 4.23
N HIS D 357 -10.72 25.62 4.05
CA HIS D 357 -11.40 26.87 3.74
C HIS D 357 -12.25 26.71 2.48
N GLN D 358 -13.46 27.25 2.52
CA GLN D 358 -14.39 27.14 1.40
C GLN D 358 -15.16 28.44 1.28
N HIS D 359 -14.97 29.14 0.17
CA HIS D 359 -15.78 30.29 -0.19
C HIS D 359 -16.77 29.88 -1.27
N THR D 360 -17.95 30.47 -1.22
CA THR D 360 -18.98 30.11 -2.19
C THR D 360 -18.64 30.69 -3.56
N TYR D 361 -18.61 29.82 -4.57
CA TYR D 361 -18.41 30.23 -5.96
C TYR D 361 -19.59 29.73 -6.77
N LEU D 362 -20.17 30.63 -7.56
CA LEU D 362 -21.32 30.34 -8.42
C LEU D 362 -20.82 30.31 -9.86
N ILE D 363 -20.66 29.11 -10.40
CA ILE D 363 -20.10 28.94 -11.73
C ILE D 363 -21.20 29.17 -12.76
N PHE D 364 -21.00 30.18 -13.61
CA PHE D 364 -21.88 30.44 -14.74
C PHE D 364 -21.26 29.85 -15.99
N ASP D 365 -22.11 29.27 -16.84
CA ASP D 365 -21.67 28.71 -18.12
C ASP D 365 -22.68 29.09 -19.19
N ARG D 366 -22.22 29.17 -20.43
CA ARG D 366 -23.11 29.46 -21.55
C ARG D 366 -24.10 28.30 -21.70
N ASP D 367 -25.38 28.59 -21.49
CA ASP D 367 -26.40 27.56 -21.40
C ASP D 367 -27.07 27.38 -22.76
N LYS D 368 -26.92 26.18 -23.33
CA LYS D 368 -27.61 25.86 -24.58
C LYS D 368 -29.11 25.98 -24.44
N GLU D 369 -29.64 25.95 -23.21
CA GLU D 369 -31.08 26.06 -22.99
C GLU D 369 -31.57 27.49 -22.95
N ASN D 370 -30.66 28.47 -22.94
CA ASN D 370 -31.03 29.88 -22.85
C ASN D 370 -30.24 30.70 -23.85
N GLN D 371 -30.15 30.21 -25.09
CA GLN D 371 -29.46 30.92 -26.16
C GLN D 371 -27.99 31.17 -25.83
N ASP D 372 -27.35 30.16 -25.23
CA ASP D 372 -25.94 30.23 -24.84
C ASP D 372 -25.62 31.45 -23.99
N ARG D 373 -26.63 32.01 -23.31
CA ARG D 373 -26.38 33.06 -22.34
C ARG D 373 -25.85 32.46 -21.04
N PHE D 374 -25.09 33.26 -20.30
CA PHE D 374 -24.52 32.77 -19.05
C PHE D 374 -25.63 32.56 -18.01
N THR D 375 -25.67 31.37 -17.43
CA THR D 375 -26.62 31.04 -16.38
C THR D 375 -25.92 30.21 -15.32
N GLN D 376 -26.38 30.33 -14.08
CA GLN D 376 -25.77 29.62 -12.97
C GLN D 376 -25.95 28.12 -13.15
N THR D 377 -24.84 27.39 -13.03
CA THR D 377 -24.82 25.94 -13.26
C THR D 377 -24.38 25.14 -12.05
N LEU D 378 -23.41 25.63 -11.30
CA LEU D 378 -22.82 24.86 -10.20
C LEU D 378 -22.46 25.80 -9.06
N GLN D 379 -22.68 25.32 -7.84
CA GLN D 379 -22.28 26.04 -6.63
C GLN D 379 -21.26 25.21 -5.87
N LEU D 380 -20.14 25.83 -5.53
CA LEU D 380 -19.09 25.20 -4.75
C LEU D 380 -19.04 25.83 -3.36
N GLY D 381 -18.48 25.08 -2.41
CA GLY D 381 -18.38 25.54 -1.05
C GLY D 381 -19.75 25.73 -0.41
N PRO D 382 -19.79 26.51 0.69
CA PRO D 382 -21.06 26.74 1.39
C PRO D 382 -22.04 27.60 0.59
#